data_4C89
#
_entry.id   4C89
#
_cell.length_a   168.790
_cell.length_b   168.790
_cell.length_c   184.570
_cell.angle_alpha   90.00
_cell.angle_beta   90.00
_cell.angle_gamma   90.00
#
_symmetry.space_group_name_H-M   'I 4'
#
loop_
_entity.id
_entity.type
_entity.pdbx_description
1 polymer ESTERASE
2 non-polymer GLYCEROL
3 non-polymer 'MALONATE ION'
4 water water
#
_entity_poly.entity_id   1
_entity_poly.type   'polypeptide(L)'
_entity_poly.pdbx_seq_one_letter_code
;GGSHHHHHHGENLYFQG(MSE)PTINSIQTTVNGVVKIVKPFNNDIAGEQFDPHVLQTLTAFKQPAILENDLAALRSGSL
TPAIADPVGDAVTVQSRNITALNRTVSVEWLTPQNVINHTVLVYFHGGAFYGGVPGNNTVLLKLVAAKSHCEILNVDYSL
APEAPAPAGILDGLAIFQYLEQRDAET(MSE)ITVAGDSAGANVI(MSE)AATNLNQQLGSNRINQQLLLYPVTAPNADH
AGPLWDLAAFPIIDSQRAILTNYHDLFRQLDSI(MSE)TDYYVPENFDSHSPLISPLHQENFT(MSE)TPPTTI(MSE)V
GEFDPFRPQAWAYAQRLAAADTATTFIQYQGLNHAFAPLVDQYWQSQDVAQV(MSE)AAALI
;
_entity_poly.pdbx_strand_id   A,B,C,D
#
loop_
_chem_comp.id
_chem_comp.type
_chem_comp.name
_chem_comp.formula
GOL non-polymer GLYCEROL 'C3 H8 O3'
MLI non-polymer 'MALONATE ION' 'C3 H2 O4 -2'
#
# COMPACT_ATOMS: atom_id res chain seq x y z
N TYR A 14 -17.88 -11.95 -28.11
CA TYR A 14 -17.67 -12.37 -26.72
C TYR A 14 -17.49 -11.18 -25.78
N PHE A 15 -17.24 -10.01 -26.35
CA PHE A 15 -16.93 -8.83 -25.58
C PHE A 15 -18.02 -7.75 -25.66
N GLN A 16 -19.25 -8.13 -25.33
CA GLN A 16 -20.36 -7.18 -25.30
C GLN A 16 -20.82 -6.94 -23.87
N GLY A 17 -21.46 -5.80 -23.64
CA GLY A 17 -21.89 -5.41 -22.32
C GLY A 17 -20.74 -4.79 -21.55
N MSE A 18 -19.66 -4.48 -22.27
CA MSE A 18 -18.51 -3.85 -21.67
C MSE A 18 -18.63 -2.34 -21.68
O MSE A 18 -19.20 -1.76 -22.61
CB MSE A 18 -17.23 -4.28 -22.38
CG MSE A 18 -16.76 -5.65 -21.97
SE MSE A 18 -15.10 -5.98 -22.86
CE MSE A 18 -13.96 -4.87 -21.74
N PRO A 19 -18.10 -1.69 -20.63
CA PRO A 19 -18.24 -0.26 -20.47
C PRO A 19 -17.38 0.52 -21.46
N THR A 20 -17.74 1.77 -21.67
CA THR A 20 -16.95 2.66 -22.51
C THR A 20 -16.05 3.49 -21.61
N ILE A 21 -14.84 2.99 -21.36
CA ILE A 21 -13.92 3.66 -20.43
C ILE A 21 -12.97 4.60 -21.17
N ASN A 22 -12.84 5.82 -20.65
CA ASN A 22 -11.86 6.75 -21.16
C ASN A 22 -10.51 6.44 -20.54
N SER A 23 -9.65 5.75 -21.28
CA SER A 23 -8.33 5.44 -20.75
C SER A 23 -7.38 6.60 -20.99
N ILE A 24 -6.26 6.62 -20.28
CA ILE A 24 -5.29 7.70 -20.38
C ILE A 24 -3.92 7.18 -20.80
N GLN A 25 -3.45 7.64 -21.96
CA GLN A 25 -2.19 7.13 -22.46
C GLN A 25 -1.11 8.19 -22.49
N THR A 26 0.03 7.86 -21.87
CA THR A 26 1.18 8.73 -21.83
C THR A 26 2.44 7.93 -22.14
N THR A 27 3.57 8.61 -22.30
CA THR A 27 4.85 7.93 -22.46
C THR A 27 5.82 8.35 -21.36
N VAL A 28 6.25 7.39 -20.54
CA VAL A 28 7.12 7.67 -19.40
C VAL A 28 8.44 6.92 -19.49
N ASN A 29 9.51 7.64 -19.81
CA ASN A 29 10.84 7.06 -19.95
C ASN A 29 10.86 6.03 -21.07
N GLY A 30 10.11 6.30 -22.14
CA GLY A 30 10.03 5.39 -23.28
C GLY A 30 8.94 4.34 -23.20
N VAL A 31 8.35 4.18 -22.01
CA VAL A 31 7.28 3.21 -21.80
C VAL A 31 5.94 3.79 -22.22
N VAL A 32 5.20 3.08 -23.07
CA VAL A 32 3.83 3.52 -23.38
C VAL A 32 2.90 3.08 -22.24
N LYS A 33 2.42 4.06 -21.49
CA LYS A 33 1.62 3.76 -20.31
C LYS A 33 0.15 4.02 -20.58
N ILE A 34 -0.69 3.06 -20.25
CA ILE A 34 -2.12 3.21 -20.45
C ILE A 34 -2.82 2.97 -19.14
N VAL A 35 -3.43 4.01 -18.61
CA VAL A 35 -4.14 3.89 -17.35
C VAL A 35 -5.64 3.80 -17.60
N LYS A 36 -6.24 2.71 -17.16
CA LYS A 36 -7.65 2.47 -17.37
C LYS A 36 -8.42 2.51 -16.05
N PRO A 37 -9.15 3.62 -15.81
CA PRO A 37 -9.96 3.75 -14.59
C PRO A 37 -11.05 2.69 -14.57
N PHE A 38 -11.55 2.32 -13.40
CA PHE A 38 -12.56 1.26 -13.36
C PHE A 38 -13.95 1.75 -13.78
N ASN A 39 -14.12 3.07 -13.74
CA ASN A 39 -15.22 3.74 -14.39
C ASN A 39 -14.82 5.19 -14.70
N ASN A 40 -15.73 5.97 -15.26
CA ASN A 40 -15.35 7.28 -15.77
C ASN A 40 -15.47 8.40 -14.74
N ASP A 41 -15.90 8.04 -13.53
CA ASP A 41 -16.07 9.03 -12.47
C ASP A 41 -14.94 9.00 -11.45
N ILE A 42 -14.26 7.86 -11.36
CA ILE A 42 -13.16 7.70 -10.42
C ILE A 42 -11.86 7.36 -11.13
N ALA A 43 -10.87 8.23 -10.98
CA ALA A 43 -9.62 8.12 -11.72
C ALA A 43 -8.58 7.20 -11.08
N GLY A 44 -8.67 7.05 -9.76
CA GLY A 44 -7.73 6.22 -9.03
C GLY A 44 -7.90 6.27 -7.53
N GLU A 45 -7.01 5.58 -6.82
CA GLU A 45 -6.91 5.65 -5.36
C GLU A 45 -8.06 5.03 -4.58
N GLN A 46 -8.80 4.12 -5.22
CA GLN A 46 -9.73 3.24 -4.51
C GLN A 46 -9.97 1.95 -5.28
N PHE A 47 -10.31 0.88 -4.58
CA PHE A 47 -10.59 -0.40 -5.23
C PHE A 47 -11.82 -0.29 -6.11
N ASP A 48 -11.81 -1.02 -7.22
CA ASP A 48 -13.04 -1.24 -7.97
C ASP A 48 -13.98 -1.96 -7.01
N PRO A 49 -15.26 -1.57 -6.99
CA PRO A 49 -16.22 -2.11 -6.02
C PRO A 49 -16.38 -3.62 -6.12
N HIS A 50 -16.24 -4.19 -7.31
CA HIS A 50 -16.32 -5.64 -7.45
C HIS A 50 -15.14 -6.32 -6.77
N VAL A 51 -13.98 -5.68 -6.84
CA VAL A 51 -12.80 -6.17 -6.13
C VAL A 51 -13.00 -6.07 -4.63
N LEU A 52 -13.49 -4.92 -4.18
CA LEU A 52 -13.62 -4.64 -2.76
C LEU A 52 -14.46 -5.68 -2.02
N GLN A 53 -15.53 -6.16 -2.65
CA GLN A 53 -16.41 -7.14 -2.01
C GLN A 53 -15.76 -8.51 -1.84
N THR A 54 -14.60 -8.71 -2.45
CA THR A 54 -13.89 -9.97 -2.30
C THR A 54 -12.85 -9.90 -1.21
N LEU A 55 -12.64 -8.71 -0.64
CA LEU A 55 -11.51 -8.48 0.25
C LEU A 55 -11.91 -8.28 1.70
N THR A 56 -13.10 -8.75 2.03
CA THR A 56 -13.65 -8.58 3.37
C THR A 56 -12.74 -9.16 4.46
N ALA A 57 -12.07 -10.25 4.14
CA ALA A 57 -11.18 -10.90 5.09
C ALA A 57 -10.01 -10.01 5.54
N PHE A 58 -9.65 -9.06 4.67
CA PHE A 58 -8.48 -8.21 4.92
C PHE A 58 -8.78 -7.01 5.78
N LYS A 59 -9.94 -7.00 6.42
CA LYS A 59 -10.21 -6.03 7.47
C LYS A 59 -9.41 -6.41 8.72
N GLN A 60 -8.97 -7.66 8.77
CA GLN A 60 -8.09 -8.17 9.83
C GLN A 60 -6.76 -8.61 9.21
N PRO A 61 -5.66 -8.56 9.97
CA PRO A 61 -4.40 -9.02 9.38
C PRO A 61 -4.43 -10.50 9.07
N ALA A 62 -3.60 -10.94 8.13
CA ALA A 62 -3.47 -12.36 7.80
C ALA A 62 -2.12 -12.89 8.29
N ILE A 63 -2.11 -14.13 8.80
CA ILE A 63 -0.86 -14.79 9.11
C ILE A 63 -0.74 -16.00 8.21
N LEU A 64 0.23 -15.97 7.31
CA LEU A 64 0.35 -17.02 6.33
C LEU A 64 1.22 -18.12 6.89
N GLU A 65 0.62 -19.29 7.05
CA GLU A 65 1.37 -20.44 7.52
C GLU A 65 2.18 -21.02 6.38
N ASN A 66 3.47 -21.21 6.61
CA ASN A 66 4.33 -21.89 5.65
C ASN A 66 4.07 -23.40 5.63
N ASP A 67 2.93 -23.79 5.06
CA ASP A 67 2.59 -25.19 4.89
C ASP A 67 2.19 -25.46 3.46
N LEU A 68 2.93 -26.31 2.77
CA LEU A 68 2.74 -26.49 1.34
C LEU A 68 1.33 -26.91 0.95
N ALA A 69 0.80 -27.93 1.61
CA ALA A 69 -0.51 -28.47 1.24
C ALA A 69 -1.61 -27.45 1.49
N ALA A 70 -1.51 -26.74 2.60
CA ALA A 70 -2.49 -25.74 2.97
C ALA A 70 -2.47 -24.59 1.95
N LEU A 71 -1.27 -24.15 1.57
CA LEU A 71 -1.11 -23.14 0.54
C LEU A 71 -1.70 -23.60 -0.80
N ARG A 72 -1.36 -24.83 -1.21
CA ARG A 72 -1.85 -25.38 -2.46
C ARG A 72 -3.36 -25.51 -2.49
N SER A 73 -3.95 -25.78 -1.34
CA SER A 73 -5.38 -25.98 -1.24
C SER A 73 -6.16 -24.67 -1.45
N GLY A 74 -5.45 -23.55 -1.53
CA GLY A 74 -6.09 -22.28 -1.83
C GLY A 74 -5.82 -21.80 -3.26
N SER A 75 -5.26 -22.65 -4.11
CA SER A 75 -4.85 -22.26 -5.45
C SER A 75 -5.66 -22.91 -6.59
N LEU A 76 -6.84 -23.42 -6.28
CA LEU A 76 -7.75 -23.97 -7.30
C LEU A 76 -8.98 -23.08 -7.51
N THR A 77 -9.07 -22.45 -8.68
CA THR A 77 -10.22 -21.63 -9.02
C THR A 77 -11.37 -22.51 -9.52
N PRO A 78 -12.55 -22.44 -8.85
CA PRO A 78 -13.68 -23.20 -9.37
C PRO A 78 -14.09 -22.72 -10.76
N ALA A 79 -14.72 -23.58 -11.55
CA ALA A 79 -14.98 -23.29 -12.97
C ALA A 79 -15.56 -21.90 -13.24
N ILE A 80 -14.96 -21.22 -14.21
CA ILE A 80 -15.41 -19.90 -14.61
C ILE A 80 -16.46 -20.08 -15.69
N ALA A 81 -17.53 -19.28 -15.65
CA ALA A 81 -18.55 -19.36 -16.69
C ALA A 81 -17.90 -19.20 -18.07
N ASP A 82 -18.20 -20.12 -18.99
CA ASP A 82 -17.51 -20.20 -20.26
C ASP A 82 -18.45 -19.85 -21.41
N PRO A 83 -18.29 -18.63 -21.96
CA PRO A 83 -19.14 -18.16 -23.05
C PRO A 83 -18.70 -18.69 -24.41
N VAL A 84 -17.49 -19.22 -24.48
CA VAL A 84 -16.95 -19.75 -25.74
C VAL A 84 -17.49 -21.14 -26.09
N GLY A 85 -17.60 -22.00 -25.08
CA GLY A 85 -18.11 -23.34 -25.29
C GLY A 85 -17.33 -24.12 -26.34
N ASP A 86 -18.08 -24.69 -27.29
CA ASP A 86 -17.57 -25.55 -28.34
C ASP A 86 -16.73 -24.84 -29.40
N ALA A 87 -16.73 -23.51 -29.39
CA ALA A 87 -16.04 -22.76 -30.44
C ALA A 87 -14.52 -22.87 -30.35
N VAL A 88 -14.01 -23.38 -29.24
CA VAL A 88 -12.58 -23.64 -29.08
C VAL A 88 -12.45 -25.03 -28.45
N THR A 89 -11.63 -25.89 -29.06
CA THR A 89 -11.41 -27.23 -28.51
C THR A 89 -10.29 -27.18 -27.47
N VAL A 90 -10.51 -27.84 -26.33
CA VAL A 90 -9.52 -27.90 -25.26
C VAL A 90 -9.19 -29.38 -24.99
N GLN A 91 -7.96 -29.76 -25.28
CA GLN A 91 -7.54 -31.16 -25.14
C GLN A 91 -6.12 -31.24 -24.63
N SER A 92 -5.86 -32.16 -23.72
CA SER A 92 -4.52 -32.29 -23.16
C SER A 92 -3.65 -33.25 -23.97
N ARG A 93 -2.39 -32.88 -24.15
CA ARG A 93 -1.42 -33.83 -24.69
C ARG A 93 -0.01 -33.62 -24.16
N ASN A 94 0.81 -34.65 -24.27
CA ASN A 94 2.20 -34.59 -23.83
C ASN A 94 3.14 -34.28 -24.99
N ILE A 95 4.11 -33.40 -24.75
CA ILE A 95 5.16 -33.19 -25.74
C ILE A 95 6.47 -33.51 -25.07
N THR A 96 7.45 -33.96 -25.85
CA THR A 96 8.74 -34.34 -25.31
C THR A 96 9.89 -33.69 -26.10
N ALA A 97 10.76 -32.99 -25.39
CA ALA A 97 11.99 -32.47 -25.97
C ALA A 97 12.97 -32.36 -24.84
N LEU A 98 14.27 -32.44 -25.14
CA LEU A 98 15.32 -32.33 -24.12
C LEU A 98 15.17 -33.39 -23.04
N ASN A 99 14.59 -34.53 -23.39
CA ASN A 99 14.30 -35.60 -22.45
C ASN A 99 13.36 -35.20 -21.32
N ARG A 100 12.52 -34.20 -21.57
CA ARG A 100 11.51 -33.77 -20.62
C ARG A 100 10.16 -33.95 -21.27
N THR A 101 9.23 -34.60 -20.58
CA THR A 101 7.87 -34.72 -21.06
C THR A 101 6.97 -33.73 -20.35
N VAL A 102 6.33 -32.85 -21.10
CA VAL A 102 5.52 -31.80 -20.52
C VAL A 102 4.08 -31.97 -20.96
N SER A 103 3.15 -31.97 -20.02
CA SER A 103 1.73 -32.00 -20.35
C SER A 103 1.29 -30.61 -20.69
N VAL A 104 0.57 -30.47 -21.80
CA VAL A 104 -0.05 -29.20 -22.12
C VAL A 104 -1.52 -29.32 -22.46
N GLU A 105 -2.28 -28.36 -21.95
CA GLU A 105 -3.67 -28.20 -22.33
C GLU A 105 -3.64 -27.40 -23.63
N TRP A 106 -4.07 -28.03 -24.72
CA TRP A 106 -3.95 -27.46 -26.04
C TRP A 106 -5.29 -26.89 -26.50
N LEU A 107 -5.30 -25.61 -26.85
CA LEU A 107 -6.49 -24.91 -27.32
C LEU A 107 -6.48 -24.66 -28.83
N THR A 108 -7.48 -25.16 -29.53
CA THR A 108 -7.59 -24.99 -30.97
C THR A 108 -8.91 -24.29 -31.31
N PRO A 109 -8.81 -23.12 -31.93
CA PRO A 109 -9.99 -22.37 -32.42
C PRO A 109 -10.42 -22.83 -33.81
N GLN A 110 -11.58 -22.36 -34.27
CA GLN A 110 -12.00 -22.59 -35.63
C GLN A 110 -11.08 -21.79 -36.53
N ASN A 111 -10.88 -22.25 -37.76
CA ASN A 111 -10.11 -21.50 -38.77
C ASN A 111 -8.76 -20.99 -38.26
N VAL A 112 -7.97 -21.89 -37.69
CA VAL A 112 -6.72 -21.53 -37.04
C VAL A 112 -5.76 -20.89 -38.04
N ILE A 113 -5.04 -19.85 -37.61
CA ILE A 113 -4.09 -19.16 -38.47
C ILE A 113 -2.68 -19.76 -38.38
N ASN A 114 -1.88 -19.55 -39.41
CA ASN A 114 -0.58 -20.20 -39.49
C ASN A 114 0.48 -19.52 -38.65
N HIS A 115 1.48 -20.31 -38.26
CA HIS A 115 2.73 -19.81 -37.66
C HIS A 115 2.59 -19.24 -36.25
N THR A 116 1.75 -18.21 -36.09
CA THR A 116 1.54 -17.60 -34.79
C THR A 116 1.01 -18.59 -33.74
N VAL A 117 1.71 -18.69 -32.62
CA VAL A 117 1.28 -19.55 -31.52
C VAL A 117 1.55 -18.85 -30.18
N LEU A 118 0.67 -19.07 -29.20
CA LEU A 118 0.87 -18.51 -27.88
C LEU A 118 1.17 -19.59 -26.85
N VAL A 119 2.19 -19.37 -26.02
CA VAL A 119 2.52 -20.30 -24.94
C VAL A 119 2.23 -19.59 -23.62
N TYR A 120 1.45 -20.23 -22.75
CA TYR A 120 1.02 -19.60 -21.50
C TYR A 120 1.37 -20.43 -20.27
N PHE A 121 1.95 -19.77 -19.26
CA PHE A 121 2.22 -20.39 -17.95
C PHE A 121 1.36 -19.78 -16.85
N HIS A 122 0.52 -20.60 -16.23
CA HIS A 122 -0.33 -20.16 -15.11
C HIS A 122 0.47 -19.66 -13.91
N GLY A 123 -0.15 -18.80 -13.09
CA GLY A 123 0.47 -18.38 -11.83
C GLY A 123 0.17 -19.39 -10.74
N GLY A 124 0.59 -19.11 -9.52
CA GLY A 124 0.37 -20.06 -8.44
C GLY A 124 1.56 -20.08 -7.51
N ALA A 125 2.35 -19.02 -7.60
CA ALA A 125 3.44 -18.73 -6.68
C ALA A 125 4.56 -19.76 -6.73
N PHE A 126 4.82 -20.28 -7.93
CA PHE A 126 5.91 -21.25 -8.17
C PHE A 126 5.61 -22.66 -7.66
N TYR A 127 4.83 -22.78 -6.59
CA TYR A 127 4.59 -24.07 -5.96
C TYR A 127 3.20 -24.66 -6.20
N GLY A 128 2.28 -23.86 -6.73
CA GLY A 128 0.92 -24.30 -6.86
C GLY A 128 0.15 -23.84 -8.07
N GLY A 129 -1.17 -23.95 -7.99
CA GLY A 129 -2.04 -23.63 -9.10
C GLY A 129 -2.19 -24.78 -10.09
N VAL A 130 -3.12 -24.62 -11.03
CA VAL A 130 -3.29 -25.58 -12.11
C VAL A 130 -3.59 -24.81 -13.38
N PRO A 131 -3.28 -25.40 -14.54
CA PRO A 131 -3.54 -24.71 -15.81
C PRO A 131 -5.01 -24.40 -16.01
N GLY A 132 -5.89 -25.17 -15.40
CA GLY A 132 -7.33 -24.96 -15.52
C GLY A 132 -7.79 -23.64 -14.94
N ASN A 133 -6.94 -23.03 -14.11
CA ASN A 133 -7.23 -21.74 -13.51
C ASN A 133 -7.39 -20.62 -14.55
N ASN A 134 -6.87 -20.82 -15.75
CA ASN A 134 -7.00 -19.79 -16.79
C ASN A 134 -7.44 -20.28 -18.16
N THR A 135 -8.12 -21.42 -18.19
CA THR A 135 -8.61 -22.00 -19.43
C THR A 135 -9.57 -21.07 -20.16
N VAL A 136 -10.59 -20.59 -19.44
CA VAL A 136 -11.62 -19.78 -20.07
C VAL A 136 -11.05 -18.47 -20.64
N LEU A 137 -10.16 -17.81 -19.89
CA LEU A 137 -9.48 -16.63 -20.41
C LEU A 137 -8.82 -16.93 -21.75
N LEU A 138 -8.13 -18.06 -21.84
CA LEU A 138 -7.44 -18.41 -23.07
C LEU A 138 -8.38 -18.86 -24.18
N LYS A 139 -9.52 -19.45 -23.84
CA LYS A 139 -10.52 -19.75 -24.86
C LYS A 139 -11.00 -18.46 -25.54
N LEU A 140 -11.20 -17.40 -24.76
CA LEU A 140 -11.58 -16.09 -25.30
C LEU A 140 -10.50 -15.57 -26.23
N VAL A 141 -9.25 -15.66 -25.80
CA VAL A 141 -8.13 -15.22 -26.62
C VAL A 141 -8.03 -16.01 -27.92
N ALA A 142 -8.16 -17.34 -27.85
CA ALA A 142 -8.08 -18.19 -29.04
C ALA A 142 -9.23 -17.90 -30.00
N ALA A 143 -10.44 -17.83 -29.45
CA ALA A 143 -11.64 -17.60 -30.26
C ALA A 143 -11.62 -16.27 -31.02
N LYS A 144 -10.98 -15.27 -30.44
CA LYS A 144 -10.93 -13.94 -31.05
C LYS A 144 -9.78 -13.85 -32.05
N SER A 145 -8.63 -14.42 -31.71
CA SER A 145 -7.43 -14.32 -32.56
C SER A 145 -7.30 -15.45 -33.59
N HIS A 146 -8.00 -16.56 -33.36
CA HIS A 146 -7.87 -17.77 -34.18
C HIS A 146 -6.47 -18.36 -34.12
N CYS A 147 -5.79 -18.11 -33.00
N CYS A 147 -5.83 -18.15 -32.98
CA CYS A 147 -4.46 -18.65 -32.77
CA CYS A 147 -4.47 -18.61 -32.76
C CYS A 147 -4.55 -19.84 -31.85
C CYS A 147 -4.50 -19.80 -31.81
N GLU A 148 -3.75 -20.85 -32.11
CA GLU A 148 -3.66 -21.98 -31.17
C GLU A 148 -2.84 -21.58 -29.94
N ILE A 149 -3.20 -22.16 -28.79
CA ILE A 149 -2.57 -21.80 -27.53
C ILE A 149 -2.16 -23.02 -26.73
N LEU A 150 -0.96 -22.97 -26.16
CA LEU A 150 -0.50 -24.03 -25.27
C LEU A 150 -0.57 -23.54 -23.83
N ASN A 151 -1.50 -24.11 -23.07
CA ASN A 151 -1.63 -23.79 -21.65
C ASN A 151 -0.86 -24.84 -20.86
N VAL A 152 0.37 -24.50 -20.50
CA VAL A 152 1.33 -25.51 -20.09
C VAL A 152 1.22 -25.92 -18.62
N ASP A 153 1.24 -27.23 -18.37
CA ASP A 153 1.29 -27.80 -17.03
C ASP A 153 2.76 -28.00 -16.64
N TYR A 154 3.46 -26.88 -16.39
CA TYR A 154 4.89 -26.91 -16.11
C TYR A 154 5.20 -27.35 -14.68
N SER A 155 6.45 -27.77 -14.48
CA SER A 155 6.90 -28.27 -13.20
C SER A 155 6.72 -27.26 -12.08
N LEU A 156 6.25 -27.73 -10.93
CA LEU A 156 6.05 -26.89 -9.77
C LEU A 156 7.04 -27.23 -8.64
N ALA A 157 7.49 -26.17 -7.95
CA ALA A 157 8.29 -26.31 -6.75
C ALA A 157 7.40 -26.75 -5.57
N PRO A 158 7.99 -27.30 -4.50
CA PRO A 158 9.41 -27.60 -4.29
C PRO A 158 9.82 -28.97 -4.82
N GLU A 159 8.88 -29.78 -5.30
CA GLU A 159 9.26 -31.10 -5.80
C GLU A 159 10.11 -30.96 -7.04
N ALA A 160 9.80 -29.95 -7.84
CA ALA A 160 10.58 -29.65 -9.03
C ALA A 160 10.85 -28.16 -9.09
N PRO A 161 11.79 -27.69 -8.25
CA PRO A 161 12.06 -26.26 -8.07
C PRO A 161 12.88 -25.75 -9.24
N ALA A 162 13.29 -24.48 -9.20
CA ALA A 162 14.10 -23.91 -10.27
C ALA A 162 15.35 -24.76 -10.51
N PRO A 163 15.67 -25.01 -11.79
CA PRO A 163 15.03 -24.47 -13.00
C PRO A 163 14.13 -25.44 -13.76
N ALA A 164 13.45 -26.37 -13.09
CA ALA A 164 12.63 -27.35 -13.80
C ALA A 164 11.56 -26.72 -14.70
N GLY A 165 10.81 -25.76 -14.16
CA GLY A 165 9.79 -25.07 -14.92
C GLY A 165 10.39 -24.32 -16.09
N ILE A 166 11.56 -23.73 -15.87
CA ILE A 166 12.26 -23.03 -16.93
C ILE A 166 12.64 -24.00 -18.05
N LEU A 167 13.11 -25.18 -17.67
CA LEU A 167 13.51 -26.18 -18.67
C LEU A 167 12.33 -26.76 -19.43
N ASP A 168 11.18 -26.86 -18.76
CA ASP A 168 9.94 -27.25 -19.41
C ASP A 168 9.57 -26.25 -20.51
N GLY A 169 9.69 -24.96 -20.21
CA GLY A 169 9.46 -23.94 -21.19
C GLY A 169 10.38 -24.09 -22.39
N LEU A 170 11.66 -24.30 -22.14
CA LEU A 170 12.62 -24.43 -23.23
C LEU A 170 12.28 -25.65 -24.09
N ALA A 171 11.86 -26.74 -23.45
CA ALA A 171 11.44 -27.94 -24.16
C ALA A 171 10.26 -27.61 -25.09
N ILE A 172 9.31 -26.85 -24.56
CA ILE A 172 8.14 -26.45 -25.34
C ILE A 172 8.56 -25.62 -26.57
N PHE A 173 9.45 -24.64 -26.36
CA PHE A 173 9.91 -23.80 -27.45
C PHE A 173 10.62 -24.61 -28.52
N GLN A 174 11.45 -25.55 -28.10
CA GLN A 174 12.16 -26.37 -29.07
C GLN A 174 11.20 -27.23 -29.88
N TYR A 175 10.24 -27.84 -29.21
CA TYR A 175 9.21 -28.60 -29.90
C TYR A 175 8.50 -27.75 -30.96
N LEU A 176 8.12 -26.52 -30.62
CA LEU A 176 7.38 -25.68 -31.55
C LEU A 176 8.22 -25.24 -32.72
N GLU A 177 9.50 -25.02 -32.49
CA GLU A 177 10.38 -24.51 -33.54
C GLU A 177 10.84 -25.59 -34.50
N GLN A 178 10.96 -26.81 -33.99
CA GLN A 178 11.33 -27.92 -34.85
C GLN A 178 10.09 -28.39 -35.62
N ARG A 179 8.93 -28.23 -35.01
CA ARG A 179 7.67 -28.57 -35.65
C ARG A 179 7.42 -27.69 -36.88
N ASP A 180 7.77 -26.42 -36.76
CA ASP A 180 7.48 -25.46 -37.80
C ASP A 180 8.53 -24.36 -37.73
N ALA A 181 9.37 -24.28 -38.76
CA ALA A 181 10.42 -23.27 -38.79
C ALA A 181 9.89 -21.83 -38.91
N GLU A 182 8.65 -21.68 -39.37
CA GLU A 182 8.05 -20.35 -39.58
C GLU A 182 7.20 -19.89 -38.39
N THR A 183 7.16 -20.69 -37.33
CA THR A 183 6.39 -20.36 -36.13
C THR A 183 6.79 -19.01 -35.52
N MSE A 184 5.82 -18.19 -35.15
CA MSE A 184 6.11 -17.02 -34.35
C MSE A 184 5.47 -17.21 -32.98
O MSE A 184 4.25 -17.24 -32.85
CB MSE A 184 5.62 -15.72 -35.01
CG MSE A 184 6.41 -15.29 -36.27
SE MSE A 184 8.35 -15.66 -36.26
CE MSE A 184 8.96 -14.34 -34.96
N ILE A 185 6.32 -17.34 -31.97
CA ILE A 185 5.85 -17.63 -30.62
C ILE A 185 5.66 -16.36 -29.78
N THR A 186 4.46 -16.19 -29.24
CA THR A 186 4.25 -15.20 -28.18
C THR A 186 4.23 -15.97 -26.88
N VAL A 187 5.01 -15.51 -25.91
CA VAL A 187 5.01 -16.10 -24.58
C VAL A 187 4.15 -15.26 -23.64
N ALA A 188 3.46 -15.91 -22.72
CA ALA A 188 2.59 -15.21 -21.81
C ALA A 188 2.48 -15.98 -20.49
N GLY A 189 2.01 -15.28 -19.46
CA GLY A 189 1.80 -15.92 -18.18
C GLY A 189 1.31 -14.90 -17.19
N ASP A 190 0.91 -15.36 -16.02
CA ASP A 190 0.52 -14.44 -14.97
C ASP A 190 1.33 -14.73 -13.73
N SER A 191 1.68 -13.68 -13.00
CA SER A 191 2.30 -13.83 -11.69
C SER A 191 3.64 -14.60 -11.75
N ALA A 192 3.76 -15.65 -10.94
CA ALA A 192 5.00 -16.42 -10.89
C ALA A 192 5.18 -17.21 -12.17
N GLY A 193 4.08 -17.54 -12.84
CA GLY A 193 4.13 -18.20 -14.13
C GLY A 193 4.77 -17.33 -15.20
N ALA A 194 4.46 -16.03 -15.20
CA ALA A 194 5.10 -15.09 -16.11
C ALA A 194 6.60 -15.06 -15.85
N ASN A 195 6.98 -15.08 -14.59
CA ASN A 195 8.39 -15.13 -14.20
C ASN A 195 9.12 -16.31 -14.85
N VAL A 196 8.56 -17.50 -14.73
CA VAL A 196 9.17 -18.71 -15.26
C VAL A 196 9.34 -18.68 -16.79
N ILE A 197 8.30 -18.26 -17.51
CA ILE A 197 8.37 -18.23 -18.96
C ILE A 197 9.29 -17.11 -19.49
N MSE A 198 9.43 -16.04 -18.73
CA MSE A 198 10.37 -14.97 -19.06
C MSE A 198 11.80 -15.49 -19.01
O MSE A 198 12.63 -15.17 -19.85
CB MSE A 198 10.24 -13.82 -18.08
CG MSE A 198 8.98 -13.00 -18.25
SE MSE A 198 8.53 -11.95 -16.63
CE MSE A 198 9.76 -10.51 -16.92
N ALA A 199 12.06 -16.30 -18.00
CA ALA A 199 13.39 -16.90 -17.84
C ALA A 199 13.64 -17.91 -18.95
N ALA A 200 12.63 -18.70 -19.28
CA ALA A 200 12.76 -19.65 -20.38
C ALA A 200 13.01 -18.96 -21.71
N THR A 201 12.34 -17.83 -21.93
CA THR A 201 12.52 -17.04 -23.14
C THR A 201 13.96 -16.53 -23.27
N ASN A 202 14.48 -16.01 -22.16
CA ASN A 202 15.84 -15.49 -22.10
C ASN A 202 16.81 -16.59 -22.51
N LEU A 203 16.65 -17.75 -21.89
CA LEU A 203 17.46 -18.91 -22.20
C LEU A 203 17.36 -19.38 -23.67
N ASN A 204 16.14 -19.44 -24.20
CA ASN A 204 15.92 -19.76 -25.61
C ASN A 204 16.73 -18.84 -26.51
N GLN A 205 16.77 -17.55 -26.16
CA GLN A 205 17.49 -16.55 -26.94
C GLN A 205 19.01 -16.71 -26.83
N GLN A 206 19.50 -17.10 -25.66
CA GLN A 206 20.94 -17.25 -25.47
C GLN A 206 21.48 -18.46 -26.19
N LEU A 207 20.57 -19.33 -26.62
CA LEU A 207 20.93 -20.46 -27.45
C LEU A 207 20.73 -20.11 -28.92
N GLY A 208 20.22 -18.92 -29.20
CA GLY A 208 20.24 -18.40 -30.55
C GLY A 208 18.95 -18.50 -31.32
N SER A 209 17.88 -18.92 -30.65
CA SER A 209 16.55 -18.93 -31.25
C SER A 209 15.97 -17.51 -31.27
N ASN A 210 15.32 -17.14 -32.36
N ASN A 210 15.33 -17.14 -32.37
CA ASN A 210 14.70 -15.83 -32.47
CA ASN A 210 14.71 -15.83 -32.51
C ASN A 210 13.20 -15.92 -32.76
C ASN A 210 13.20 -15.92 -32.74
N ARG A 211 12.64 -17.11 -32.59
CA ARG A 211 11.22 -17.34 -32.90
C ARG A 211 10.20 -16.72 -31.93
N ILE A 212 10.63 -16.36 -30.72
CA ILE A 212 9.73 -15.71 -29.78
C ILE A 212 9.74 -14.22 -30.04
N ASN A 213 8.62 -13.67 -30.49
CA ASN A 213 8.64 -12.28 -30.95
C ASN A 213 7.86 -11.31 -30.08
N GLN A 214 7.34 -11.79 -28.97
CA GLN A 214 6.47 -10.98 -28.13
C GLN A 214 6.27 -11.61 -26.76
N GLN A 215 6.19 -10.77 -25.72
CA GLN A 215 5.82 -11.18 -24.37
C GLN A 215 4.53 -10.48 -23.95
N LEU A 216 3.62 -11.24 -23.38
CA LEU A 216 2.38 -10.70 -22.83
C LEU A 216 2.33 -11.10 -21.36
N LEU A 217 2.60 -10.15 -20.46
CA LEU A 217 2.83 -10.50 -19.06
C LEU A 217 1.74 -9.94 -18.17
N LEU A 218 1.04 -10.81 -17.47
CA LEU A 218 -0.01 -10.36 -16.55
C LEU A 218 0.56 -10.31 -15.14
N TYR A 219 0.64 -9.11 -14.58
CA TYR A 219 1.18 -8.87 -13.25
C TYR A 219 2.34 -9.80 -12.88
N PRO A 220 3.45 -9.71 -13.62
CA PRO A 220 4.59 -10.61 -13.42
C PRO A 220 5.33 -10.37 -12.11
N VAL A 221 5.88 -11.44 -11.55
CA VAL A 221 6.84 -11.33 -10.48
C VAL A 221 8.22 -11.25 -11.13
N THR A 222 8.81 -10.06 -11.12
CA THR A 222 10.04 -9.84 -11.86
C THR A 222 11.25 -9.86 -10.93
N ALA A 223 10.98 -9.78 -9.64
CA ALA A 223 12.04 -9.78 -8.64
C ALA A 223 11.53 -10.46 -7.37
N PRO A 224 11.48 -11.80 -7.38
CA PRO A 224 11.02 -12.55 -6.20
C PRO A 224 11.87 -12.23 -4.97
N ASN A 225 11.20 -12.03 -3.83
CA ASN A 225 11.89 -11.82 -2.57
C ASN A 225 12.82 -10.61 -2.61
N ALA A 226 12.38 -9.56 -3.29
CA ALA A 226 13.08 -8.27 -3.25
C ALA A 226 12.98 -7.72 -1.83
N ASP A 227 13.77 -6.71 -1.54
CA ASP A 227 13.81 -6.09 -0.21
C ASP A 227 12.45 -5.53 0.17
N HIS A 228 11.86 -6.08 1.23
CA HIS A 228 10.50 -5.72 1.67
C HIS A 228 10.49 -4.41 2.45
N ALA A 229 11.67 -3.87 2.71
CA ALA A 229 11.78 -2.53 3.26
C ALA A 229 12.35 -1.60 2.19
N GLY A 230 12.30 -2.05 0.94
CA GLY A 230 12.82 -1.28 -0.17
C GLY A 230 11.72 -0.64 -1.00
N PRO A 231 12.10 0.09 -2.06
CA PRO A 231 11.17 0.90 -2.85
C PRO A 231 10.17 0.06 -3.63
N LEU A 232 10.50 -1.21 -3.89
CA LEU A 232 9.60 -2.11 -4.59
C LEU A 232 8.47 -2.60 -3.69
N TRP A 233 8.64 -2.46 -2.37
CA TRP A 233 7.66 -2.94 -1.41
C TRP A 233 7.18 -1.87 -0.46
N ASP A 234 7.15 -0.63 -0.92
CA ASP A 234 6.78 0.50 -0.09
C ASP A 234 5.30 0.88 -0.28
N LEU A 235 4.50 0.76 0.77
CA LEU A 235 3.06 1.07 0.72
C LEU A 235 2.76 2.53 0.41
N ALA A 236 3.76 3.40 0.49
CA ALA A 236 3.57 4.80 0.20
C ALA A 236 3.34 5.01 -1.29
N ALA A 237 3.72 4.01 -2.08
CA ALA A 237 3.50 4.03 -3.52
C ALA A 237 2.05 3.71 -3.89
N PHE A 238 1.20 3.45 -2.90
CA PHE A 238 -0.18 3.04 -3.14
C PHE A 238 -1.21 3.88 -2.41
N PRO A 239 -1.32 5.19 -2.74
CA PRO A 239 -2.31 6.03 -2.06
C PRO A 239 -3.71 5.44 -2.24
N ILE A 240 -4.52 5.46 -1.18
CA ILE A 240 -5.88 4.94 -1.27
C ILE A 240 -6.79 5.67 -0.29
N ILE A 241 -8.09 5.70 -0.56
CA ILE A 241 -9.02 6.36 0.35
C ILE A 241 -9.01 5.73 1.74
N ASP A 242 -9.36 6.53 2.74
CA ASP A 242 -9.22 6.13 4.14
C ASP A 242 -9.93 4.83 4.47
N SER A 243 -11.17 4.70 4.02
CA SER A 243 -12.00 3.55 4.36
C SER A 243 -11.43 2.23 3.85
N GLN A 244 -10.44 2.29 2.98
CA GLN A 244 -9.87 1.08 2.36
C GLN A 244 -8.39 0.89 2.65
N ARG A 245 -7.83 1.73 3.51
CA ARG A 245 -6.40 1.73 3.79
C ARG A 245 -5.96 0.56 4.70
N ALA A 246 -6.81 0.16 5.65
CA ALA A 246 -6.51 -0.99 6.48
C ALA A 246 -6.55 -2.27 5.65
N ILE A 247 -7.59 -2.39 4.82
CA ILE A 247 -7.69 -3.52 3.91
C ILE A 247 -6.48 -3.61 2.99
N LEU A 248 -6.10 -2.51 2.37
CA LEU A 248 -4.92 -2.50 1.49
C LEU A 248 -3.64 -2.90 2.22
N THR A 249 -3.45 -2.38 3.43
CA THR A 249 -2.26 -2.65 4.22
C THR A 249 -2.19 -4.13 4.56
N ASN A 250 -3.31 -4.70 4.97
CA ASN A 250 -3.35 -6.12 5.34
C ASN A 250 -3.15 -7.01 4.12
N TYR A 251 -3.69 -6.59 2.98
CA TYR A 251 -3.57 -7.33 1.73
C TYR A 251 -2.13 -7.36 1.24
N HIS A 252 -1.50 -6.20 1.24
CA HIS A 252 -0.12 -6.04 0.81
C HIS A 252 0.81 -6.83 1.74
N ASP A 253 0.47 -6.85 3.02
CA ASP A 253 1.29 -7.55 4.00
C ASP A 253 1.22 -9.06 3.80
N LEU A 254 0.05 -9.55 3.39
CA LEU A 254 -0.10 -10.96 3.08
C LEU A 254 0.80 -11.34 1.91
N PHE A 255 0.86 -10.47 0.90
CA PHE A 255 1.70 -10.77 -0.26
C PHE A 255 3.18 -10.67 0.03
N ARG A 256 3.53 -9.80 0.97
CA ARG A 256 4.87 -9.70 1.47
C ARG A 256 5.24 -11.04 2.12
N GLN A 257 4.33 -11.59 2.90
CA GLN A 257 4.58 -12.88 3.53
C GLN A 257 4.69 -13.98 2.47
N LEU A 258 3.79 -13.94 1.49
CA LEU A 258 3.79 -14.93 0.45
C LEU A 258 5.07 -14.87 -0.38
N ASP A 259 5.56 -13.65 -0.63
CA ASP A 259 6.74 -13.47 -1.45
C ASP A 259 7.94 -14.21 -0.88
N SER A 260 8.11 -14.17 0.43
CA SER A 260 9.21 -14.89 1.08
C SER A 260 9.00 -16.40 1.06
N ILE A 261 7.80 -16.83 1.41
CA ILE A 261 7.49 -18.26 1.46
C ILE A 261 7.62 -18.93 0.09
N MSE A 262 7.07 -18.31 -0.94
CA MSE A 262 7.05 -18.91 -2.27
C MSE A 262 8.44 -18.95 -2.89
O MSE A 262 8.75 -19.88 -3.61
CB MSE A 262 6.07 -18.17 -3.20
CG MSE A 262 6.61 -16.91 -3.85
SE MSE A 262 5.23 -15.84 -4.78
CE MSE A 262 6.42 -14.50 -5.54
N THR A 263 9.27 -17.97 -2.59
CA THR A 263 10.61 -17.94 -3.15
C THR A 263 11.48 -19.02 -2.49
N ASP A 264 11.23 -19.28 -1.22
CA ASP A 264 11.93 -20.33 -0.51
C ASP A 264 11.62 -21.70 -1.13
N TYR A 265 10.38 -21.88 -1.58
CA TYR A 265 9.98 -23.13 -2.24
C TYR A 265 10.60 -23.24 -3.63
N TYR A 266 10.57 -22.14 -4.37
CA TYR A 266 11.01 -22.12 -5.76
C TYR A 266 12.53 -22.28 -5.91
N VAL A 267 13.28 -21.64 -5.04
CA VAL A 267 14.74 -21.61 -5.18
C VAL A 267 15.42 -22.63 -4.26
N PRO A 268 16.11 -23.62 -4.85
CA PRO A 268 16.83 -24.60 -4.02
C PRO A 268 18.05 -23.95 -3.38
N GLU A 269 18.68 -24.65 -2.45
CA GLU A 269 19.76 -24.07 -1.67
C GLU A 269 20.99 -23.66 -2.48
N ASN A 270 21.26 -24.40 -3.56
CA ASN A 270 22.45 -24.11 -4.36
C ASN A 270 22.27 -22.88 -5.24
N PHE A 271 21.03 -22.37 -5.32
CA PHE A 271 20.73 -21.25 -6.19
C PHE A 271 20.36 -19.99 -5.43
N ASP A 272 20.14 -18.89 -6.14
CA ASP A 272 19.84 -17.61 -5.50
C ASP A 272 18.76 -16.81 -6.19
N SER A 273 17.82 -16.29 -5.42
CA SER A 273 16.68 -15.56 -5.97
C SER A 273 17.00 -14.25 -6.68
N HIS A 274 18.20 -13.72 -6.45
N HIS A 274 18.20 -13.72 -6.46
CA HIS A 274 18.58 -12.43 -7.02
CA HIS A 274 18.52 -12.43 -7.05
C HIS A 274 19.21 -12.57 -8.41
C HIS A 274 19.24 -12.58 -8.39
N SER A 275 19.46 -13.82 -8.80
CA SER A 275 20.08 -14.11 -10.10
C SER A 275 19.17 -13.73 -11.28
N PRO A 276 19.77 -13.51 -12.47
CA PRO A 276 19.02 -13.08 -13.67
C PRO A 276 17.92 -14.03 -14.10
N LEU A 277 18.10 -15.33 -13.91
CA LEU A 277 17.09 -16.27 -14.35
C LEU A 277 15.99 -16.48 -13.33
N ILE A 278 16.20 -16.00 -12.11
CA ILE A 278 15.17 -16.05 -11.07
C ILE A 278 14.50 -14.68 -10.96
N SER A 279 15.27 -13.61 -11.14
CA SER A 279 14.72 -12.25 -11.16
C SER A 279 15.03 -11.59 -12.49
N PRO A 280 14.10 -11.69 -13.44
CA PRO A 280 14.31 -11.05 -14.75
C PRO A 280 14.60 -9.56 -14.62
N LEU A 281 14.12 -8.93 -13.56
CA LEU A 281 14.45 -7.52 -13.29
C LEU A 281 15.96 -7.31 -13.21
N HIS A 282 16.70 -8.35 -12.80
CA HIS A 282 18.13 -8.21 -12.58
C HIS A 282 18.97 -8.80 -13.69
N GLN A 283 18.39 -8.98 -14.87
CA GLN A 283 19.18 -9.34 -16.04
C GLN A 283 20.19 -8.23 -16.30
N GLU A 284 21.37 -8.61 -16.79
CA GLU A 284 22.43 -7.64 -17.03
C GLU A 284 22.15 -6.87 -18.33
N ASN A 285 21.35 -7.48 -19.20
CA ASN A 285 21.09 -6.91 -20.51
C ASN A 285 19.69 -7.22 -21.05
N PHE A 286 19.02 -6.18 -21.53
CA PHE A 286 17.64 -6.30 -22.01
C PHE A 286 17.49 -6.07 -23.51
N THR A 287 18.60 -6.07 -24.25
CA THR A 287 18.54 -5.77 -25.68
C THR A 287 17.86 -6.85 -26.53
N MSE A 288 17.90 -8.09 -26.06
N MSE A 288 17.94 -8.11 -26.08
CA MSE A 288 17.31 -9.18 -26.84
CA MSE A 288 17.33 -9.21 -26.82
C MSE A 288 15.85 -9.43 -26.47
C MSE A 288 15.86 -9.42 -26.48
O MSE A 288 15.14 -10.14 -27.20
O MSE A 288 15.15 -10.09 -27.23
CB MSE A 288 18.15 -10.44 -26.71
CB MSE A 288 18.12 -10.51 -26.61
CG MSE A 288 19.47 -10.35 -27.49
CG MSE A 288 19.32 -10.70 -27.53
SE MSE A 288 19.17 -9.89 -29.37
SE MSE A 288 19.79 -12.59 -27.87
CE MSE A 288 19.64 -8.01 -29.35
CE MSE A 288 20.24 -13.14 -26.05
N THR A 289 15.41 -8.85 -25.38
CA THR A 289 14.04 -9.03 -24.91
C THR A 289 13.03 -8.60 -25.96
N PRO A 290 12.01 -9.44 -26.21
CA PRO A 290 10.97 -9.17 -27.20
C PRO A 290 10.09 -8.01 -26.78
N PRO A 291 9.44 -7.34 -27.75
CA PRO A 291 8.39 -6.35 -27.47
C PRO A 291 7.41 -6.91 -26.45
N THR A 292 7.03 -6.11 -25.46
CA THR A 292 6.35 -6.63 -24.30
C THR A 292 5.15 -5.76 -23.94
N THR A 293 4.04 -6.41 -23.61
CA THR A 293 2.92 -5.74 -22.96
C THR A 293 2.72 -6.29 -21.56
N ILE A 294 2.75 -5.40 -20.56
CA ILE A 294 2.47 -5.77 -19.18
C ILE A 294 1.11 -5.22 -18.79
N MSE A 295 0.33 -6.02 -18.07
CA MSE A 295 -0.98 -5.61 -17.61
C MSE A 295 -1.05 -5.87 -16.11
O MSE A 295 -0.75 -6.96 -15.66
CB MSE A 295 -2.08 -6.41 -18.33
CG MSE A 295 -2.27 -6.00 -19.79
SE MSE A 295 -2.86 -7.46 -20.96
CE MSE A 295 -1.09 -8.25 -21.26
N VAL A 296 -1.42 -4.86 -15.34
CA VAL A 296 -1.32 -4.98 -13.88
C VAL A 296 -2.31 -4.03 -13.18
N GLY A 297 -2.79 -4.44 -12.00
CA GLY A 297 -3.70 -3.63 -11.20
C GLY A 297 -3.00 -2.53 -10.40
N GLU A 298 -3.70 -1.42 -10.19
CA GLU A 298 -3.18 -0.29 -9.41
C GLU A 298 -2.74 -0.74 -8.02
N PHE A 299 -3.45 -1.71 -7.45
CA PHE A 299 -3.17 -2.13 -6.08
C PHE A 299 -2.52 -3.50 -5.97
N ASP A 300 -1.87 -3.91 -7.05
CA ASP A 300 -1.08 -5.13 -7.07
C ASP A 300 0.26 -4.85 -6.41
N PRO A 301 0.59 -5.62 -5.36
CA PRO A 301 1.86 -5.47 -4.65
C PRO A 301 3.09 -5.67 -5.54
N PHE A 302 2.91 -6.31 -6.69
CA PHE A 302 4.00 -6.56 -7.62
C PHE A 302 4.07 -5.50 -8.71
N ARG A 303 3.15 -4.53 -8.66
CA ARG A 303 3.15 -3.45 -9.65
C ARG A 303 4.45 -2.65 -9.72
N PRO A 304 5.02 -2.25 -8.57
CA PRO A 304 6.28 -1.49 -8.71
C PRO A 304 7.42 -2.26 -9.40
N GLN A 305 7.56 -3.54 -9.11
CA GLN A 305 8.62 -4.29 -9.76
C GLN A 305 8.31 -4.58 -11.24
N ALA A 306 7.03 -4.67 -11.59
CA ALA A 306 6.66 -4.80 -13.00
C ALA A 306 6.95 -3.50 -13.74
N TRP A 307 6.70 -2.36 -13.10
CA TRP A 307 7.01 -1.08 -13.73
C TRP A 307 8.52 -0.89 -13.87
N ALA A 308 9.27 -1.31 -12.87
CA ALA A 308 10.71 -1.18 -12.93
C ALA A 308 11.25 -2.01 -14.08
N TYR A 309 10.64 -3.17 -14.30
CA TYR A 309 11.04 -4.04 -15.40
C TYR A 309 10.75 -3.38 -16.74
N ALA A 310 9.57 -2.78 -16.85
CA ALA A 310 9.16 -2.10 -18.06
C ALA A 310 10.12 -1.00 -18.41
N GLN A 311 10.59 -0.28 -17.40
CA GLN A 311 11.51 0.81 -17.64
C GLN A 311 12.87 0.32 -18.13
N ARG A 312 13.29 -0.85 -17.69
CA ARG A 312 14.55 -1.42 -18.14
C ARG A 312 14.47 -1.83 -19.62
N LEU A 313 13.35 -2.40 -20.02
CA LEU A 313 13.13 -2.76 -21.42
C LEU A 313 13.19 -1.53 -22.28
N ALA A 314 12.38 -0.53 -21.92
CA ALA A 314 12.31 0.70 -22.69
C ALA A 314 13.68 1.34 -22.86
N ALA A 315 14.48 1.31 -21.79
CA ALA A 315 15.82 1.89 -21.85
C ALA A 315 16.74 1.09 -22.76
N ALA A 316 16.40 -0.17 -23.00
CA ALA A 316 17.14 -1.03 -23.93
C ALA A 316 16.53 -0.92 -25.32
N ASP A 317 15.63 0.05 -25.48
CA ASP A 317 14.96 0.32 -26.75
C ASP A 317 14.05 -0.79 -27.28
N THR A 318 13.54 -1.61 -26.37
CA THR A 318 12.51 -2.59 -26.69
C THR A 318 11.16 -1.93 -26.50
N ALA A 319 10.26 -2.09 -27.47
CA ALA A 319 8.92 -1.53 -27.33
C ALA A 319 8.17 -2.16 -26.16
N THR A 320 7.67 -1.30 -25.28
CA THR A 320 6.99 -1.77 -24.07
C THR A 320 5.70 -1.01 -23.84
N THR A 321 4.62 -1.73 -23.57
CA THR A 321 3.36 -1.10 -23.18
C THR A 321 3.02 -1.58 -21.78
N PHE A 322 2.68 -0.63 -20.91
CA PHE A 322 2.35 -0.93 -19.54
C PHE A 322 0.93 -0.46 -19.31
N ILE A 323 0.00 -1.40 -19.19
CA ILE A 323 -1.41 -1.07 -19.00
C ILE A 323 -1.75 -1.23 -17.54
N GLN A 324 -2.15 -0.15 -16.90
CA GLN A 324 -2.48 -0.20 -15.49
C GLN A 324 -3.98 -0.16 -15.28
N TYR A 325 -4.55 -1.22 -14.69
CA TYR A 325 -5.98 -1.23 -14.39
C TYR A 325 -6.22 -0.66 -13.00
N GLN A 326 -6.82 0.53 -12.96
CA GLN A 326 -7.10 1.19 -11.69
C GLN A 326 -8.08 0.39 -10.86
N GLY A 327 -7.80 0.27 -9.56
CA GLY A 327 -8.71 -0.34 -8.63
C GLY A 327 -8.61 -1.85 -8.53
N LEU A 328 -7.68 -2.43 -9.29
CA LEU A 328 -7.53 -3.88 -9.36
C LEU A 328 -6.38 -4.38 -8.50
N ASN A 329 -6.51 -5.61 -8.02
CA ASN A 329 -5.46 -6.25 -7.24
C ASN A 329 -4.78 -7.37 -8.03
N HIS A 330 -4.09 -8.25 -7.32
CA HIS A 330 -3.38 -9.36 -7.96
C HIS A 330 -4.36 -10.43 -8.43
N ALA A 331 -4.00 -11.13 -9.51
CA ALA A 331 -4.67 -12.38 -9.91
C ALA A 331 -6.09 -12.25 -10.47
N PHE A 332 -6.40 -11.11 -11.08
CA PHE A 332 -7.77 -10.87 -11.57
C PHE A 332 -8.08 -11.43 -12.95
N ALA A 333 -7.07 -11.54 -13.81
CA ALA A 333 -7.30 -11.74 -15.25
C ALA A 333 -8.11 -12.97 -15.65
N PRO A 334 -7.89 -14.13 -14.98
CA PRO A 334 -8.71 -15.26 -15.43
C PRO A 334 -10.18 -15.10 -15.11
N LEU A 335 -10.52 -14.17 -14.21
CA LEU A 335 -11.88 -14.05 -13.70
C LEU A 335 -12.78 -13.24 -14.64
N VAL A 336 -12.97 -13.77 -15.85
CA VAL A 336 -13.68 -13.06 -16.91
C VAL A 336 -15.19 -12.95 -16.67
N ASP A 337 -15.73 -13.76 -15.76
CA ASP A 337 -17.14 -13.63 -15.38
C ASP A 337 -17.34 -12.73 -14.17
N GLN A 338 -16.25 -12.11 -13.70
CA GLN A 338 -16.31 -11.20 -12.56
C GLN A 338 -15.99 -9.75 -12.94
N TYR A 339 -14.99 -9.54 -13.80
CA TYR A 339 -14.49 -8.20 -14.08
C TYR A 339 -14.48 -7.86 -15.56
N TRP A 340 -14.92 -6.66 -15.93
CA TRP A 340 -14.75 -6.22 -17.32
C TRP A 340 -13.28 -6.12 -17.68
N GLN A 341 -12.45 -5.82 -16.68
CA GLN A 341 -11.02 -5.67 -16.91
C GLN A 341 -10.40 -6.98 -17.37
N SER A 342 -10.95 -8.10 -16.90
CA SER A 342 -10.48 -9.42 -17.32
C SER A 342 -10.85 -9.67 -18.77
N GLN A 343 -12.03 -9.22 -19.16
CA GLN A 343 -12.44 -9.33 -20.55
C GLN A 343 -11.58 -8.44 -21.41
N ASP A 344 -11.14 -7.32 -20.87
CA ASP A 344 -10.28 -6.40 -21.61
C ASP A 344 -8.89 -6.99 -21.80
N VAL A 345 -8.41 -7.70 -20.78
CA VAL A 345 -7.12 -8.38 -20.87
C VAL A 345 -7.16 -9.38 -22.01
N ALA A 346 -8.25 -10.12 -22.13
CA ALA A 346 -8.40 -11.07 -23.23
C ALA A 346 -8.38 -10.37 -24.59
N GLN A 347 -9.09 -9.24 -24.69
CA GLN A 347 -9.10 -8.41 -25.89
C GLN A 347 -7.73 -7.91 -26.28
N VAL A 348 -7.00 -7.38 -25.31
CA VAL A 348 -5.67 -6.84 -25.54
C VAL A 348 -4.72 -7.95 -26.03
N MSE A 349 -4.79 -9.13 -25.39
CA MSE A 349 -3.97 -10.26 -25.81
C MSE A 349 -4.30 -10.75 -27.22
O MSE A 349 -3.41 -11.02 -28.01
CB MSE A 349 -4.09 -11.43 -24.81
CG MSE A 349 -3.55 -11.12 -23.41
SE MSE A 349 -3.85 -12.60 -22.15
CE MSE A 349 -2.60 -13.91 -22.93
N ALA A 350 -5.59 -10.86 -27.54
CA ALA A 350 -5.98 -11.31 -28.87
C ALA A 350 -5.53 -10.33 -29.94
N ALA A 351 -5.63 -9.03 -29.66
CA ALA A 351 -5.20 -8.02 -30.61
C ALA A 351 -3.69 -8.07 -30.84
N ALA A 352 -2.95 -8.52 -29.84
CA ALA A 352 -1.50 -8.58 -29.94
C ALA A 352 -1.04 -9.76 -30.77
N LEU A 353 -1.92 -10.73 -30.97
CA LEU A 353 -1.55 -11.96 -31.66
C LEU A 353 -1.83 -11.90 -33.15
N ILE A 354 -2.82 -11.11 -33.55
CA ILE A 354 -3.21 -11.06 -34.94
C ILE A 354 -2.30 -10.16 -35.77
N TYR B 14 10.64 17.69 -6.27
CA TYR B 14 10.36 17.56 -4.85
C TYR B 14 11.12 18.59 -4.02
N PHE B 15 12.38 18.83 -4.40
CA PHE B 15 13.30 19.69 -3.64
C PHE B 15 13.53 19.17 -2.22
N GLN B 16 14.00 20.06 -1.34
CA GLN B 16 14.31 19.71 0.06
C GLN B 16 15.43 18.68 0.19
N GLY B 17 16.66 19.17 0.38
CA GLY B 17 17.80 18.33 0.60
C GLY B 17 17.77 17.64 1.96
N MSE B 18 17.08 16.50 2.01
CA MSE B 18 17.16 15.63 3.17
C MSE B 18 16.90 14.20 2.71
O MSE B 18 16.09 13.98 1.79
CB MSE B 18 16.18 16.04 4.27
CG MSE B 18 14.76 15.53 4.11
SE MSE B 18 13.84 15.40 5.84
CE MSE B 18 15.12 14.26 6.77
N PRO B 19 17.62 13.24 3.30
CA PRO B 19 17.45 11.82 2.95
C PRO B 19 16.00 11.37 3.13
N THR B 20 15.50 10.60 2.17
CA THR B 20 14.16 10.04 2.24
C THR B 20 14.02 9.23 3.53
N ILE B 21 12.95 9.47 4.26
CA ILE B 21 12.70 8.72 5.50
C ILE B 21 11.87 7.48 5.18
N ASN B 22 12.35 6.34 5.67
CA ASN B 22 11.68 5.08 5.43
C ASN B 22 10.69 4.82 6.54
N SER B 23 9.43 5.16 6.30
CA SER B 23 8.41 4.95 7.31
C SER B 23 7.87 3.53 7.26
N ILE B 24 7.28 3.09 8.35
CA ILE B 24 6.78 1.75 8.46
C ILE B 24 5.27 1.74 8.65
N GLN B 25 4.57 1.13 7.70
CA GLN B 25 3.11 1.08 7.73
C GLN B 25 2.59 -0.32 8.05
N THR B 26 1.82 -0.43 9.12
CA THR B 26 1.22 -1.69 9.53
C THR B 26 -0.23 -1.45 9.97
N THR B 27 -0.95 -2.51 10.33
CA THR B 27 -2.20 -2.31 11.05
C THR B 27 -2.08 -2.90 12.45
N VAL B 28 -2.62 -2.19 13.43
CA VAL B 28 -2.67 -2.69 14.78
C VAL B 28 -4.08 -2.47 15.28
N ASN B 29 -4.77 -3.57 15.57
CA ASN B 29 -6.16 -3.50 16.04
C ASN B 29 -7.05 -2.71 15.09
N GLY B 30 -6.80 -2.85 13.79
CA GLY B 30 -7.62 -2.18 12.78
C GLY B 30 -7.20 -0.75 12.48
N VAL B 31 -6.27 -0.21 13.27
CA VAL B 31 -5.73 1.12 13.03
C VAL B 31 -4.56 1.02 12.06
N VAL B 32 -4.55 1.85 11.02
CA VAL B 32 -3.38 1.94 10.15
C VAL B 32 -2.33 2.78 10.87
N LYS B 33 -1.22 2.15 11.22
CA LYS B 33 -0.18 2.82 11.99
C LYS B 33 1.02 3.10 11.09
N ILE B 34 1.44 4.35 11.05
CA ILE B 34 2.61 4.73 10.26
C ILE B 34 3.66 5.32 11.19
N VAL B 35 4.78 4.62 11.32
CA VAL B 35 5.86 5.08 12.18
C VAL B 35 6.93 5.75 11.35
N LYS B 36 7.29 6.98 11.72
CA LYS B 36 8.30 7.71 10.97
C LYS B 36 9.49 8.03 11.86
N PRO B 37 10.61 7.32 11.65
CA PRO B 37 11.81 7.60 12.44
C PRO B 37 12.34 9.00 12.15
N PHE B 38 13.11 9.60 13.06
CA PHE B 38 13.57 10.96 12.82
C PHE B 38 14.75 11.02 11.84
N ASN B 39 15.47 9.91 11.74
CA ASN B 39 16.40 9.70 10.65
C ASN B 39 16.46 8.21 10.37
N ASN B 40 17.17 7.80 9.34
CA ASN B 40 17.15 6.39 8.97
C ASN B 40 18.07 5.50 9.80
N ASP B 41 18.79 6.11 10.73
CA ASP B 41 19.75 5.39 11.56
C ASP B 41 19.17 4.98 12.91
N ILE B 42 18.23 5.77 13.42
CA ILE B 42 17.63 5.49 14.72
C ILE B 42 16.14 5.20 14.56
N ALA B 43 15.71 4.05 15.07
CA ALA B 43 14.34 3.59 14.86
C ALA B 43 13.40 4.04 15.98
N GLY B 44 13.95 4.39 17.12
CA GLY B 44 13.14 4.80 18.25
C GLY B 44 13.89 4.93 19.56
N GLU B 45 13.15 5.24 20.61
CA GLU B 45 13.64 5.22 21.98
C GLU B 45 14.68 6.28 22.33
N GLN B 46 14.70 7.37 21.57
CA GLN B 46 15.46 8.54 21.98
C GLN B 46 14.93 9.77 21.27
N PHE B 47 15.17 10.94 21.84
CA PHE B 47 14.69 12.19 21.25
C PHE B 47 15.41 12.49 19.95
N ASP B 48 14.69 13.07 19.01
CA ASP B 48 15.33 13.74 17.89
C ASP B 48 16.21 14.81 18.50
N PRO B 49 17.50 14.87 18.10
CA PRO B 49 18.48 15.83 18.58
C PRO B 49 18.00 17.28 18.47
N HIS B 50 17.17 17.58 17.48
CA HIS B 50 16.59 18.91 17.36
C HIS B 50 15.65 19.22 18.52
N VAL B 51 14.91 18.20 18.98
CA VAL B 51 14.03 18.35 20.11
C VAL B 51 14.83 18.37 21.40
N LEU B 52 15.83 17.51 21.49
CA LEU B 52 16.63 17.37 22.70
C LEU B 52 17.24 18.68 23.17
N GLN B 53 17.80 19.45 22.24
CA GLN B 53 18.46 20.70 22.60
C GLN B 53 17.49 21.75 23.13
N THR B 54 16.19 21.56 22.93
CA THR B 54 15.19 22.46 23.50
C THR B 54 14.82 22.08 24.93
N LEU B 55 15.27 20.90 25.37
CA LEU B 55 14.80 20.35 26.64
C LEU B 55 15.86 20.35 27.72
N THR B 56 16.94 21.11 27.51
CA THR B 56 18.03 21.18 28.48
C THR B 56 17.52 21.44 29.92
N ALA B 57 16.54 22.32 30.06
CA ALA B 57 16.00 22.70 31.37
C ALA B 57 15.34 21.55 32.14
N PHE B 58 14.96 20.49 31.44
CA PHE B 58 14.24 19.39 32.05
C PHE B 58 15.18 18.37 32.70
N LYS B 59 16.46 18.73 32.78
CA LYS B 59 17.41 17.97 33.57
C LYS B 59 17.07 18.06 35.06
N GLN B 60 16.23 19.03 35.42
CA GLN B 60 15.74 19.23 36.78
C GLN B 60 14.22 19.31 36.71
N PRO B 61 13.53 19.07 37.84
CA PRO B 61 12.07 19.19 37.75
C PRO B 61 11.65 20.60 37.32
N ALA B 62 10.59 20.70 36.51
CA ALA B 62 10.15 22.00 36.03
C ALA B 62 9.27 22.68 37.07
N ILE B 63 9.22 24.00 37.02
CA ILE B 63 8.36 24.76 37.93
C ILE B 63 7.25 25.45 37.13
N LEU B 64 6.04 24.94 37.25
CA LEU B 64 4.91 25.54 36.56
C LEU B 64 4.36 26.67 37.41
N GLU B 65 4.34 27.87 36.83
CA GLU B 65 3.71 29.01 37.50
C GLU B 65 2.22 28.92 37.26
N ASN B 66 1.48 28.65 38.33
CA ASN B 66 0.05 28.44 38.23
C ASN B 66 -0.77 29.72 38.49
N ASP B 67 -0.78 30.59 37.50
CA ASP B 67 -1.68 31.74 37.49
C ASP B 67 -1.96 32.09 36.04
N LEU B 68 -3.16 32.58 35.76
CA LEU B 68 -3.63 32.69 34.38
C LEU B 68 -2.70 33.49 33.49
N ALA B 69 -2.23 34.62 33.98
CA ALA B 69 -1.40 35.50 33.18
C ALA B 69 -0.11 34.83 32.72
N ALA B 70 0.58 34.18 33.64
CA ALA B 70 1.82 33.48 33.30
C ALA B 70 1.56 32.28 32.41
N LEU B 71 0.44 31.61 32.63
CA LEU B 71 0.11 30.45 31.82
C LEU B 71 -0.23 30.88 30.40
N ARG B 72 -0.97 31.98 30.26
CA ARG B 72 -1.34 32.48 28.95
C ARG B 72 -0.12 32.99 28.21
N SER B 73 0.79 33.60 28.97
CA SER B 73 2.08 34.00 28.44
C SER B 73 2.83 32.81 27.84
N GLY B 74 2.79 31.67 28.53
CA GLY B 74 3.54 30.51 28.10
C GLY B 74 2.94 29.77 26.92
N SER B 75 1.71 30.13 26.57
CA SER B 75 1.00 29.43 25.49
C SER B 75 1.12 30.19 24.16
N LEU B 76 1.92 31.26 24.17
CA LEU B 76 2.18 32.06 22.99
C LEU B 76 3.47 31.64 22.30
N THR B 77 3.37 31.21 21.05
CA THR B 77 4.53 30.85 20.27
C THR B 77 5.20 32.10 19.71
N PRO B 78 6.54 32.17 19.82
CA PRO B 78 7.28 33.25 19.15
C PRO B 78 7.18 33.10 17.64
N ALA B 79 7.51 34.16 16.90
CA ALA B 79 7.34 34.16 15.45
C ALA B 79 8.06 32.99 14.78
N ILE B 80 7.40 32.45 13.77
CA ILE B 80 7.90 31.33 13.00
C ILE B 80 8.17 31.91 11.62
N ALA B 81 9.33 31.60 11.04
CA ALA B 81 9.64 32.10 9.70
C ALA B 81 8.55 31.71 8.69
N ASP B 82 8.18 32.65 7.82
CA ASP B 82 7.09 32.46 6.85
C ASP B 82 7.62 32.60 5.42
N PRO B 83 7.72 31.47 4.69
CA PRO B 83 8.27 31.49 3.34
C PRO B 83 7.19 31.80 2.29
N VAL B 84 5.92 31.71 2.67
CA VAL B 84 4.82 31.92 1.74
C VAL B 84 4.50 33.40 1.50
N GLY B 85 4.52 34.19 2.56
CA GLY B 85 4.25 35.61 2.43
C GLY B 85 2.85 35.86 1.94
N ASP B 86 2.70 36.76 0.98
CA ASP B 86 1.39 37.21 0.50
C ASP B 86 0.71 36.25 -0.48
N ALA B 87 1.40 35.17 -0.83
CA ALA B 87 0.86 34.23 -1.80
C ALA B 87 -0.34 33.43 -1.26
N VAL B 88 -0.54 33.45 0.05
CA VAL B 88 -1.80 33.01 0.64
C VAL B 88 -2.37 34.20 1.39
N THR B 89 -3.62 34.54 1.12
CA THR B 89 -4.26 35.69 1.77
C THR B 89 -4.78 35.32 3.16
N VAL B 90 -4.44 36.13 4.15
CA VAL B 90 -4.87 35.91 5.53
C VAL B 90 -5.67 37.11 6.03
N GLN B 91 -6.92 36.89 6.43
CA GLN B 91 -7.83 37.97 6.84
C GLN B 91 -8.67 37.60 8.05
N SER B 92 -8.97 38.57 8.91
CA SER B 92 -9.85 38.35 10.05
C SER B 92 -11.29 38.67 9.68
N ARG B 93 -12.20 37.73 9.95
CA ARG B 93 -13.62 37.92 9.69
C ARG B 93 -14.38 37.46 10.92
N ASN B 94 -15.55 38.05 11.16
CA ASN B 94 -16.47 37.48 12.15
C ASN B 94 -17.57 36.76 11.41
N ILE B 95 -18.05 35.67 11.99
CA ILE B 95 -19.26 35.04 11.48
C ILE B 95 -20.21 34.93 12.66
N THR B 96 -21.52 34.98 12.40
CA THR B 96 -22.52 34.87 13.46
C THR B 96 -23.51 33.77 13.13
N ALA B 97 -23.73 32.88 14.10
CA ALA B 97 -24.70 31.81 13.96
C ALA B 97 -25.03 31.36 15.36
N LEU B 98 -26.29 30.96 15.59
CA LEU B 98 -26.74 30.54 16.92
C LEU B 98 -26.58 31.66 17.98
N ASN B 99 -26.69 32.91 17.55
CA ASN B 99 -26.45 34.07 18.41
C ASN B 99 -25.07 34.08 19.06
N ARG B 100 -24.09 33.51 18.35
CA ARG B 100 -22.71 33.53 18.79
C ARG B 100 -21.90 34.18 17.70
N THR B 101 -21.13 35.21 18.02
CA THR B 101 -20.23 35.79 17.03
C THR B 101 -18.83 35.26 17.28
N VAL B 102 -18.24 34.67 16.25
CA VAL B 102 -16.96 34.01 16.36
C VAL B 102 -15.97 34.66 15.40
N SER B 103 -14.80 35.07 15.92
CA SER B 103 -13.75 35.61 15.07
C SER B 103 -12.92 34.50 14.45
N VAL B 104 -12.61 34.66 13.17
CA VAL B 104 -11.90 33.64 12.41
C VAL B 104 -10.76 34.30 11.65
N GLU B 105 -9.61 33.66 11.64
CA GLU B 105 -8.53 34.06 10.76
C GLU B 105 -8.72 33.23 9.49
N TRP B 106 -9.03 33.89 8.39
CA TRP B 106 -9.41 33.19 7.18
C TRP B 106 -8.23 33.13 6.22
N LEU B 107 -7.86 31.93 5.79
CA LEU B 107 -6.76 31.76 4.85
C LEU B 107 -7.32 31.38 3.48
N THR B 108 -6.92 32.12 2.47
CA THR B 108 -7.41 31.90 1.11
C THR B 108 -6.26 31.81 0.10
N PRO B 109 -6.01 30.61 -0.45
CA PRO B 109 -4.95 30.49 -1.45
C PRO B 109 -5.47 30.99 -2.79
N GLN B 110 -4.62 31.08 -3.79
CA GLN B 110 -5.12 31.37 -5.13
C GLN B 110 -5.74 30.08 -5.70
N ASN B 111 -6.72 30.24 -6.58
CA ASN B 111 -7.41 29.09 -7.19
C ASN B 111 -7.99 28.10 -6.18
N VAL B 112 -8.81 28.62 -5.27
CA VAL B 112 -9.49 27.83 -4.26
C VAL B 112 -10.36 26.74 -4.88
N ILE B 113 -10.20 25.50 -4.39
CA ILE B 113 -11.07 24.41 -4.82
C ILE B 113 -12.46 24.53 -4.20
N ASN B 114 -13.47 24.02 -4.91
CA ASN B 114 -14.84 24.15 -4.46
C ASN B 114 -15.20 23.17 -3.36
N HIS B 115 -16.07 23.62 -2.47
CA HIS B 115 -16.77 22.79 -1.47
C HIS B 115 -15.93 22.35 -0.27
N THR B 116 -14.73 21.85 -0.53
CA THR B 116 -13.84 21.44 0.54
C THR B 116 -13.36 22.63 1.37
N VAL B 117 -13.50 22.51 2.69
CA VAL B 117 -13.06 23.57 3.60
C VAL B 117 -12.47 22.98 4.88
N LEU B 118 -11.41 23.60 5.38
CA LEU B 118 -10.79 23.17 6.62
C LEU B 118 -11.08 24.14 7.77
N VAL B 119 -11.58 23.61 8.88
CA VAL B 119 -11.74 24.38 10.12
C VAL B 119 -10.68 23.93 11.12
N TYR B 120 -9.89 24.86 11.64
CA TYR B 120 -8.79 24.51 12.54
C TYR B 120 -8.90 25.21 13.89
N PHE B 121 -8.75 24.46 14.98
CA PHE B 121 -8.70 25.04 16.34
C PHE B 121 -7.34 24.91 16.96
N HIS B 122 -6.71 26.04 17.26
CA HIS B 122 -5.40 26.07 17.88
C HIS B 122 -5.37 25.42 19.27
N GLY B 123 -4.19 24.97 19.68
CA GLY B 123 -3.97 24.48 21.03
C GLY B 123 -3.73 25.60 22.03
N GLY B 124 -3.29 25.25 23.23
CA GLY B 124 -3.08 26.24 24.27
C GLY B 124 -3.85 25.92 25.53
N ALA B 125 -4.11 24.63 25.74
CA ALA B 125 -4.59 24.11 27.01
C ALA B 125 -5.94 24.66 27.52
N PHE B 126 -6.85 24.95 26.59
CA PHE B 126 -8.22 25.38 26.89
C PHE B 126 -8.35 26.84 27.33
N TYR B 127 -7.29 27.36 27.97
CA TYR B 127 -7.32 28.72 28.51
C TYR B 127 -6.53 29.71 27.66
N GLY B 128 -5.66 29.20 26.78
CA GLY B 128 -4.73 30.08 26.09
C GLY B 128 -4.47 29.72 24.65
N GLY B 129 -3.35 30.20 24.10
CA GLY B 129 -3.05 30.02 22.69
C GLY B 129 -3.75 31.08 21.88
N VAL B 130 -3.30 31.31 20.65
CA VAL B 130 -3.98 32.22 19.73
C VAL B 130 -3.95 31.57 18.35
N PRO B 131 -4.90 31.94 17.46
CA PRO B 131 -4.87 31.38 16.11
C PRO B 131 -3.53 31.64 15.43
N GLY B 132 -2.91 32.76 15.77
CA GLY B 132 -1.62 33.13 15.22
C GLY B 132 -0.51 32.15 15.53
N ASN B 133 -0.72 31.30 16.54
CA ASN B 133 0.28 30.29 16.89
C ASN B 133 0.56 29.34 15.72
N ASN B 134 -0.41 29.14 14.85
CA ASN B 134 -0.24 28.16 13.78
C ASN B 134 -0.56 28.69 12.38
N THR B 135 -0.47 30.00 12.21
CA THR B 135 -0.78 30.61 10.92
C THR B 135 0.14 30.11 9.80
N VAL B 136 1.44 30.05 10.05
CA VAL B 136 2.36 29.65 9.01
C VAL B 136 2.12 28.20 8.60
N LEU B 137 1.92 27.30 9.56
CA LEU B 137 1.59 25.91 9.25
C LEU B 137 0.42 25.85 8.30
N LEU B 138 -0.62 26.60 8.61
CA LEU B 138 -1.82 26.59 7.79
C LEU B 138 -1.64 27.27 6.43
N LYS B 139 -0.72 28.21 6.33
CA LYS B 139 -0.42 28.81 5.03
C LYS B 139 0.24 27.78 4.13
N LEU B 140 1.05 26.91 4.73
CA LEU B 140 1.63 25.80 3.98
C LEU B 140 0.56 24.84 3.50
N VAL B 141 -0.40 24.53 4.37
CA VAL B 141 -1.48 23.62 4.01
C VAL B 141 -2.36 24.19 2.90
N ALA B 142 -2.72 25.48 3.01
CA ALA B 142 -3.54 26.15 1.99
C ALA B 142 -2.80 26.24 0.66
N ALA B 143 -1.50 26.54 0.75
CA ALA B 143 -0.64 26.62 -0.43
C ALA B 143 -0.67 25.31 -1.19
N LYS B 144 -0.46 24.21 -0.50
CA LYS B 144 -0.35 22.89 -1.13
C LYS B 144 -1.70 22.29 -1.54
N SER B 145 -2.75 22.58 -0.78
CA SER B 145 -4.05 21.97 -1.03
C SER B 145 -5.02 22.81 -1.87
N HIS B 146 -4.80 24.12 -1.92
CA HIS B 146 -5.74 25.07 -2.54
C HIS B 146 -7.08 25.07 -1.87
N CYS B 147 -7.09 24.72 -0.59
N CYS B 147 -7.08 24.78 -0.58
CA CYS B 147 -8.31 24.73 0.21
CA CYS B 147 -8.29 24.70 0.21
C CYS B 147 -8.33 25.99 1.06
C CYS B 147 -8.34 25.92 1.12
N GLU B 148 -9.51 26.56 1.24
CA GLU B 148 -9.66 27.67 2.16
C GLU B 148 -9.72 27.12 3.59
N ILE B 149 -9.19 27.91 4.53
CA ILE B 149 -9.05 27.46 5.91
C ILE B 149 -9.59 28.50 6.89
N LEU B 150 -10.36 28.02 7.85
CA LEU B 150 -10.82 28.84 8.95
C LEU B 150 -9.97 28.51 10.15
N ASN B 151 -9.13 29.46 10.56
CA ASN B 151 -8.29 29.30 11.74
C ASN B 151 -9.00 30.01 12.89
N VAL B 152 -9.76 29.25 13.67
CA VAL B 152 -10.78 29.86 14.52
C VAL B 152 -10.31 30.38 15.89
N ASP B 153 -10.73 31.61 16.20
CA ASP B 153 -10.51 32.21 17.50
C ASP B 153 -11.66 31.84 18.45
N TYR B 154 -11.63 30.59 18.92
CA TYR B 154 -12.70 30.09 19.75
C TYR B 154 -12.62 30.54 21.22
N SER B 155 -13.74 30.46 21.93
CA SER B 155 -13.84 30.89 23.32
C SER B 155 -12.87 30.15 24.24
N LEU B 156 -12.20 30.92 25.10
CA LEU B 156 -11.20 30.38 25.99
C LEU B 156 -11.67 30.38 27.44
N ALA B 157 -11.28 29.34 28.17
CA ALA B 157 -11.60 29.23 29.58
C ALA B 157 -10.63 30.11 30.37
N PRO B 158 -10.97 30.47 31.61
CA PRO B 158 -12.18 30.17 32.39
C PRO B 158 -13.28 31.19 32.21
N GLU B 159 -13.03 32.27 31.48
CA GLU B 159 -14.05 33.30 31.28
C GLU B 159 -15.19 32.75 30.41
N ALA B 160 -14.83 31.95 29.42
CA ALA B 160 -15.80 31.19 28.63
C ALA B 160 -15.42 29.71 28.60
N PRO B 161 -15.71 28.99 29.70
CA PRO B 161 -15.28 27.59 29.81
C PRO B 161 -16.23 26.68 29.04
N ALA B 162 -16.01 25.37 29.13
CA ALA B 162 -16.90 24.44 28.43
C ALA B 162 -18.36 24.72 28.77
N PRO B 163 -19.25 24.67 27.77
CA PRO B 163 -18.99 24.31 26.37
C PRO B 163 -18.91 25.50 25.41
N ALA B 164 -18.44 26.66 25.86
CA ALA B 164 -18.40 27.84 25.01
C ALA B 164 -17.65 27.60 23.70
N GLY B 165 -16.44 27.03 23.80
CA GLY B 165 -15.64 26.74 22.62
C GLY B 165 -16.31 25.73 21.71
N ILE B 166 -16.96 24.74 22.31
CA ILE B 166 -17.70 23.75 21.53
C ILE B 166 -18.84 24.40 20.75
N LEU B 167 -19.57 25.29 21.39
CA LEU B 167 -20.66 25.97 20.71
C LEU B 167 -20.15 26.89 19.59
N ASP B 168 -18.97 27.49 19.78
CA ASP B 168 -18.36 28.27 18.74
C ASP B 168 -18.11 27.39 17.50
N GLY B 169 -17.62 26.17 17.74
CA GLY B 169 -17.40 25.23 16.66
C GLY B 169 -18.67 24.94 15.90
N LEU B 170 -19.72 24.60 16.65
CA LEU B 170 -21.04 24.33 16.07
C LEU B 170 -21.58 25.49 15.26
N ALA B 171 -21.36 26.71 15.75
CA ALA B 171 -21.79 27.90 15.05
C ALA B 171 -21.05 28.03 13.71
N ILE B 172 -19.75 27.73 13.71
CA ILE B 172 -18.95 27.75 12.49
C ILE B 172 -19.47 26.74 11.48
N PHE B 173 -19.78 25.53 11.94
CA PHE B 173 -20.26 24.48 11.05
C PHE B 173 -21.57 24.90 10.42
N GLN B 174 -22.47 25.44 11.22
CA GLN B 174 -23.75 25.86 10.69
C GLN B 174 -23.58 26.96 9.65
N TYR B 175 -22.71 27.91 9.93
CA TYR B 175 -22.43 28.97 8.97
C TYR B 175 -22.00 28.38 7.63
N LEU B 176 -21.03 27.46 7.68
CA LEU B 176 -20.46 26.89 6.47
C LEU B 176 -21.47 26.06 5.68
N GLU B 177 -22.35 25.35 6.38
CA GLU B 177 -23.32 24.50 5.72
C GLU B 177 -24.48 25.26 5.13
N GLN B 178 -24.80 26.41 5.73
CA GLN B 178 -25.87 27.25 5.22
C GLN B 178 -25.33 28.13 4.12
N ARG B 179 -24.03 28.41 4.17
CA ARG B 179 -23.38 29.15 3.12
C ARG B 179 -23.35 28.33 1.82
N ASP B 180 -23.06 27.05 1.95
CA ASP B 180 -22.91 26.17 0.80
C ASP B 180 -23.39 24.77 1.19
N ALA B 181 -24.51 24.34 0.61
CA ALA B 181 -25.11 23.06 0.96
C ALA B 181 -24.26 21.85 0.54
N GLU B 182 -23.25 22.08 -0.29
CA GLU B 182 -22.37 21.01 -0.70
C GLU B 182 -20.95 21.11 -0.15
N THR B 183 -20.75 21.91 0.90
CA THR B 183 -19.42 22.00 1.50
C THR B 183 -19.06 20.69 2.17
N MSE B 184 -17.81 20.27 1.97
CA MSE B 184 -17.30 19.14 2.71
C MSE B 184 -16.30 19.69 3.71
O MSE B 184 -15.28 20.22 3.31
CB MSE B 184 -16.64 18.11 1.79
CG MSE B 184 -17.59 17.38 0.81
SE MSE B 184 -19.33 16.91 1.55
CE MSE B 184 -18.78 15.66 2.93
N ILE B 185 -16.61 19.56 4.99
CA ILE B 185 -15.77 20.12 6.02
C ILE B 185 -14.80 19.11 6.60
N THR B 186 -13.52 19.46 6.62
CA THR B 186 -12.55 18.72 7.42
C THR B 186 -12.35 19.51 8.71
N VAL B 187 -12.41 18.83 9.85
CA VAL B 187 -12.11 19.48 11.10
C VAL B 187 -10.69 19.10 11.53
N ALA B 188 -10.01 20.03 12.17
CA ALA B 188 -8.65 19.80 12.61
C ALA B 188 -8.33 20.69 13.79
N GLY B 189 -7.26 20.34 14.50
CA GLY B 189 -6.78 21.15 15.59
C GLY B 189 -5.59 20.46 16.21
N ASP B 190 -4.95 21.12 17.15
CA ASP B 190 -3.89 20.47 17.88
C ASP B 190 -4.17 20.54 19.36
N SER B 191 -3.74 19.51 20.07
CA SER B 191 -3.74 19.50 21.52
C SER B 191 -5.16 19.71 22.07
N ALA B 192 -5.33 20.68 22.97
CA ALA B 192 -6.64 20.98 23.52
C ALA B 192 -7.61 21.56 22.48
N GLY B 193 -7.08 22.19 21.43
CA GLY B 193 -7.94 22.67 20.36
C GLY B 193 -8.60 21.52 19.59
N ALA B 194 -7.86 20.43 19.39
CA ALA B 194 -8.39 19.26 18.72
C ALA B 194 -9.53 18.70 19.54
N ASN B 195 -9.36 18.68 20.86
CA ASN B 195 -10.38 18.24 21.79
C ASN B 195 -11.72 18.99 21.62
N VAL B 196 -11.65 20.32 21.63
CA VAL B 196 -12.84 21.14 21.52
C VAL B 196 -13.53 20.91 20.18
N ILE B 197 -12.76 20.85 19.11
CA ILE B 197 -13.38 20.67 17.80
C ILE B 197 -13.90 19.25 17.59
N MSE B 198 -13.36 18.29 18.32
CA MSE B 198 -13.86 16.92 18.26
C MSE B 198 -15.22 16.80 18.89
O MSE B 198 -16.11 16.12 18.37
CB MSE B 198 -12.90 15.97 18.98
CG MSE B 198 -11.65 15.63 18.20
SE MSE B 198 -10.22 15.03 19.42
CE MSE B 198 -10.83 13.25 19.71
N ALA B 199 -15.38 17.46 20.02
CA ALA B 199 -16.69 17.52 20.68
C ALA B 199 -17.70 18.30 19.84
N ALA B 200 -17.29 19.39 19.20
CA ALA B 200 -18.21 20.15 18.37
C ALA B 200 -18.68 19.30 17.20
N THR B 201 -17.77 18.52 16.65
CA THR B 201 -18.08 17.61 15.56
C THR B 201 -19.12 16.57 15.96
N ASN B 202 -18.91 15.97 17.11
CA ASN B 202 -19.83 14.99 17.68
C ASN B 202 -21.23 15.60 17.78
N LEU B 203 -21.28 16.80 18.32
CA LEU B 203 -22.53 17.52 18.48
C LEU B 203 -23.21 17.85 17.14
N ASN B 204 -22.42 18.20 16.14
CA ASN B 204 -22.93 18.50 14.81
C ASN B 204 -23.61 17.27 14.22
N GLN B 205 -23.00 16.12 14.44
CA GLN B 205 -23.52 14.85 13.93
C GLN B 205 -24.77 14.40 14.68
N GLN B 206 -24.85 14.72 15.97
CA GLN B 206 -26.01 14.33 16.77
C GLN B 206 -27.25 15.14 16.42
N LEU B 207 -27.03 16.26 15.73
CA LEU B 207 -28.13 17.09 15.21
C LEU B 207 -28.47 16.75 13.76
N GLY B 208 -27.64 15.92 13.13
CA GLY B 208 -28.04 15.33 11.85
C GLY B 208 -27.26 15.81 10.66
N SER B 209 -26.26 16.65 10.90
CA SER B 209 -25.42 17.11 9.79
C SER B 209 -24.39 16.05 9.43
N ASN B 210 -24.18 15.81 8.14
N ASN B 210 -24.21 15.86 8.13
CA ASN B 210 -23.13 14.88 7.74
CA ASN B 210 -23.28 14.87 7.55
C ASN B 210 -22.09 15.51 6.83
C ASN B 210 -22.08 15.51 6.85
N ARG B 211 -21.95 16.83 6.94
CA ARG B 211 -21.01 17.57 6.10
C ARG B 211 -19.57 17.50 6.55
N ILE B 212 -19.34 17.09 7.79
CA ILE B 212 -17.98 16.88 8.25
C ILE B 212 -17.54 15.49 7.84
N ASN B 213 -16.56 15.41 6.95
CA ASN B 213 -16.20 14.13 6.38
C ASN B 213 -14.80 13.64 6.74
N GLN B 214 -14.16 14.30 7.68
CA GLN B 214 -12.79 13.98 8.03
C GLN B 214 -12.31 14.74 9.24
N GLN B 215 -11.52 14.07 10.08
CA GLN B 215 -10.81 14.71 11.18
C GLN B 215 -9.30 14.59 10.99
N LEU B 216 -8.59 15.70 11.17
CA LEU B 216 -7.13 15.66 11.17
C LEU B 216 -6.67 16.14 12.54
N LEU B 217 -6.20 15.23 13.37
CA LEU B 217 -5.93 15.58 14.76
C LEU B 217 -4.44 15.57 15.10
N LEU B 218 -3.94 16.71 15.55
CA LEU B 218 -2.54 16.82 15.94
C LEU B 218 -2.44 16.68 17.45
N TYR B 219 -1.74 15.63 17.89
CA TYR B 219 -1.57 15.30 19.31
C TYR B 219 -2.74 15.73 20.22
N PRO B 220 -3.94 15.18 19.98
CA PRO B 220 -5.13 15.65 20.66
C PRO B 220 -5.20 15.21 22.12
N VAL B 221 -5.79 16.04 22.96
CA VAL B 221 -6.09 15.63 24.32
C VAL B 221 -7.46 14.95 24.24
N THR B 222 -7.50 13.62 24.35
CA THR B 222 -8.77 12.92 24.17
C THR B 222 -9.46 12.65 25.49
N ALA B 223 -8.70 12.76 26.59
CA ALA B 223 -9.21 12.49 27.94
C ALA B 223 -8.56 13.42 28.96
N PRO B 224 -9.02 14.70 29.02
CA PRO B 224 -8.45 15.66 29.98
C PRO B 224 -8.57 15.15 31.41
N ASN B 225 -7.48 15.24 32.16
CA ASN B 225 -7.49 14.86 33.57
C ASN B 225 -7.84 13.39 33.77
N ALA B 226 -7.35 12.53 32.88
CA ALA B 226 -7.51 11.09 33.04
C ALA B 226 -6.74 10.68 34.26
N ASP B 227 -6.95 9.46 34.74
CA ASP B 227 -6.30 8.98 35.94
C ASP B 227 -4.79 9.02 35.76
N HIS B 228 -4.11 9.78 36.62
CA HIS B 228 -2.68 10.01 36.48
C HIS B 228 -1.84 8.87 37.06
N ALA B 229 -2.50 7.98 37.78
CA ALA B 229 -1.85 6.76 38.29
C ALA B 229 -2.25 5.57 37.43
N GLY B 230 -2.93 5.86 36.33
CA GLY B 230 -3.40 4.82 35.44
C GLY B 230 -2.55 4.67 34.19
N PRO B 231 -2.98 3.80 33.29
CA PRO B 231 -2.16 3.40 32.15
C PRO B 231 -1.98 4.49 31.09
N LEU B 232 -2.85 5.50 31.05
CA LEU B 232 -2.67 6.58 30.07
C LEU B 232 -1.56 7.52 30.50
N TRP B 233 -1.16 7.45 31.76
CA TRP B 233 -0.14 8.33 32.30
C TRP B 233 1.08 7.61 32.86
N ASP B 234 1.26 6.36 32.44
CA ASP B 234 2.37 5.55 32.89
C ASP B 234 3.62 5.83 32.06
N LEU B 235 4.70 6.22 32.72
CA LEU B 235 5.98 6.49 32.04
C LEU B 235 6.55 5.26 31.35
N ALA B 236 6.16 4.08 31.83
CA ALA B 236 6.64 2.82 31.25
C ALA B 236 6.21 2.67 29.79
N ALA B 237 5.26 3.50 29.37
CA ALA B 237 4.83 3.50 27.99
C ALA B 237 5.87 4.16 27.08
N PHE B 238 6.90 4.77 27.67
CA PHE B 238 7.85 5.55 26.88
C PHE B 238 9.30 5.11 27.08
N PRO B 239 9.65 3.92 26.58
CA PRO B 239 11.04 3.47 26.70
C PRO B 239 11.99 4.46 26.02
N ILE B 240 13.12 4.74 26.64
CA ILE B 240 14.06 5.72 26.15
C ILE B 240 15.46 5.36 26.67
N ILE B 241 16.51 5.73 25.94
CA ILE B 241 17.87 5.45 26.41
C ILE B 241 18.16 6.14 27.75
N ASP B 242 19.03 5.52 28.55
CA ASP B 242 19.27 5.97 29.93
C ASP B 242 19.65 7.43 30.08
N SER B 243 20.44 7.93 29.16
CA SER B 243 20.95 9.30 29.25
C SER B 243 19.85 10.35 29.04
N GLN B 244 18.67 9.90 28.62
CA GLN B 244 17.58 10.83 28.39
C GLN B 244 16.37 10.58 29.29
N ARG B 245 16.49 9.66 30.24
CA ARG B 245 15.38 9.29 31.09
C ARG B 245 14.94 10.39 32.07
N ALA B 246 15.90 11.10 32.65
CA ALA B 246 15.57 12.19 33.57
C ALA B 246 14.82 13.32 32.86
N ILE B 247 15.34 13.75 31.71
CA ILE B 247 14.69 14.76 30.91
C ILE B 247 13.25 14.35 30.57
N LEU B 248 13.07 13.10 30.18
CA LEU B 248 11.72 12.62 29.84
C LEU B 248 10.81 12.62 31.05
N THR B 249 11.32 12.14 32.17
CA THR B 249 10.54 12.05 33.39
C THR B 249 10.03 13.42 33.80
N ASN B 250 10.92 14.41 33.80
CA ASN B 250 10.55 15.76 34.20
C ASN B 250 9.65 16.45 33.18
N TYR B 251 9.88 16.15 31.91
CA TYR B 251 9.04 16.67 30.85
C TYR B 251 7.63 16.11 30.99
N HIS B 252 7.55 14.79 31.11
CA HIS B 252 6.27 14.10 31.26
C HIS B 252 5.54 14.59 32.51
N ASP B 253 6.27 14.79 33.60
CA ASP B 253 5.66 15.23 34.85
C ASP B 253 5.09 16.64 34.78
N LEU B 254 5.71 17.52 34.01
CA LEU B 254 5.21 18.87 33.85
C LEU B 254 3.82 18.83 33.22
N PHE B 255 3.67 17.95 32.25
CA PHE B 255 2.41 17.85 31.53
C PHE B 255 1.32 17.18 32.36
N ARG B 256 1.73 16.29 33.26
CA ARG B 256 0.79 15.70 34.18
C ARG B 256 0.21 16.77 35.11
N GLN B 257 1.05 17.69 35.56
CA GLN B 257 0.61 18.78 36.42
C GLN B 257 -0.31 19.70 35.65
N LEU B 258 0.10 20.06 34.44
CA LEU B 258 -0.66 20.96 33.59
C LEU B 258 -2.03 20.37 33.22
N ASP B 259 -2.09 19.05 33.06
CA ASP B 259 -3.34 18.36 32.74
C ASP B 259 -4.41 18.68 33.77
N SER B 260 -4.07 18.55 35.05
CA SER B 260 -4.99 18.86 36.13
C SER B 260 -5.42 20.33 36.11
N ILE B 261 -4.44 21.20 35.92
CA ILE B 261 -4.67 22.64 35.97
C ILE B 261 -5.55 23.11 34.82
N MSE B 262 -5.25 22.66 33.61
CA MSE B 262 -5.98 23.12 32.43
C MSE B 262 -7.41 22.62 32.41
O MSE B 262 -8.31 23.31 31.95
CB MSE B 262 -5.23 22.72 31.16
CG MSE B 262 -5.33 21.25 30.83
SE MSE B 262 -4.23 20.77 29.30
CE MSE B 262 -5.00 19.01 29.00
N THR B 263 -7.62 21.42 32.93
CA THR B 263 -8.95 20.82 32.95
C THR B 263 -9.82 21.57 33.96
N ASP B 264 -9.21 21.99 35.05
CA ASP B 264 -9.87 22.78 36.07
C ASP B 264 -10.37 24.12 35.53
N TYR B 265 -9.56 24.78 34.71
CA TYR B 265 -10.00 26.03 34.09
C TYR B 265 -11.11 25.75 33.07
N TYR B 266 -10.97 24.64 32.33
CA TYR B 266 -11.89 24.31 31.25
C TYR B 266 -13.28 23.89 31.72
N VAL B 267 -13.33 23.10 32.78
CA VAL B 267 -14.58 22.49 33.19
C VAL B 267 -15.18 23.21 34.36
N PRO B 268 -16.38 23.77 34.17
CA PRO B 268 -17.04 24.43 35.30
C PRO B 268 -17.52 23.39 36.30
N GLU B 269 -17.89 23.85 37.49
CA GLU B 269 -18.29 22.95 38.56
C GLU B 269 -19.49 22.06 38.25
N ASN B 270 -20.42 22.54 37.43
CA ASN B 270 -21.64 21.77 37.16
C ASN B 270 -21.42 20.66 36.13
N PHE B 271 -20.25 20.64 35.51
CA PHE B 271 -19.95 19.66 34.47
C PHE B 271 -18.81 18.76 34.93
N ASP B 272 -18.45 17.77 34.14
CA ASP B 272 -17.45 16.81 34.58
C ASP B 272 -16.52 16.40 33.46
N SER B 273 -15.23 16.36 33.75
CA SER B 273 -14.22 16.10 32.72
C SER B 273 -14.31 14.71 32.08
N HIS B 274 -14.91 13.76 32.79
N HIS B 274 -14.90 13.76 32.78
CA HIS B 274 -14.98 12.38 32.34
CA HIS B 274 -14.92 12.40 32.26
C HIS B 274 -16.11 12.17 31.32
C HIS B 274 -16.11 12.17 31.33
N SER B 275 -16.91 13.21 31.11
CA SER B 275 -18.06 13.13 30.22
C SER B 275 -17.64 13.07 28.75
N PRO B 276 -18.52 12.51 27.89
CA PRO B 276 -18.21 12.31 26.46
C PRO B 276 -17.85 13.58 25.71
N LEU B 277 -18.42 14.72 26.10
CA LEU B 277 -18.16 15.96 25.38
C LEU B 277 -16.92 16.70 25.88
N ILE B 278 -16.41 16.31 27.05
CA ILE B 278 -15.13 16.82 27.53
C ILE B 278 -14.03 15.83 27.21
N SER B 279 -14.35 14.53 27.29
CA SER B 279 -13.41 13.47 26.95
C SER B 279 -13.95 12.65 25.78
N PRO B 280 -13.55 12.99 24.54
CA PRO B 280 -14.00 12.21 23.38
C PRO B 280 -13.64 10.74 23.49
N LEU B 281 -12.58 10.40 24.23
CA LEU B 281 -12.24 9.02 24.50
C LEU B 281 -13.42 8.27 25.14
N HIS B 282 -14.27 9.00 25.84
CA HIS B 282 -15.41 8.36 26.52
C HIS B 282 -16.75 8.50 25.80
N GLN B 283 -16.73 8.79 24.50
CA GLN B 283 -17.97 8.75 23.72
C GLN B 283 -18.49 7.33 23.76
N GLU B 284 -19.80 7.19 23.91
CA GLU B 284 -20.41 5.88 24.03
C GLU B 284 -20.38 5.16 22.69
N ASN B 285 -20.32 5.95 21.62
CA ASN B 285 -20.52 5.45 20.27
C ASN B 285 -19.67 6.21 19.27
N PHE B 286 -18.85 5.48 18.49
CA PHE B 286 -17.94 6.09 17.54
C PHE B 286 -18.25 5.71 16.10
N THR B 287 -19.43 5.16 15.83
CA THR B 287 -19.73 4.73 14.47
C THR B 287 -19.94 5.90 13.52
N MSE B 288 -20.43 7.02 14.05
CA MSE B 288 -20.70 8.20 13.23
C MSE B 288 -19.47 9.09 13.01
O MSE B 288 -19.48 9.98 12.17
CB MSE B 288 -21.85 9.00 13.84
CG MSE B 288 -23.16 8.25 13.80
SE MSE B 288 -23.39 7.40 12.05
CE MSE B 288 -23.60 9.00 10.96
N THR B 289 -18.41 8.84 13.77
CA THR B 289 -17.16 9.57 13.70
C THR B 289 -16.54 9.46 12.29
N PRO B 290 -16.11 10.60 11.71
CA PRO B 290 -15.56 10.62 10.35
C PRO B 290 -14.21 9.92 10.27
N PRO B 291 -13.77 9.56 9.05
CA PRO B 291 -12.40 9.08 8.80
C PRO B 291 -11.41 10.02 9.46
N THR B 292 -10.44 9.47 10.19
CA THR B 292 -9.61 10.28 11.07
C THR B 292 -8.13 9.96 10.90
N THR B 293 -7.32 11.00 10.83
CA THR B 293 -5.87 10.86 10.89
C THR B 293 -5.34 11.59 12.12
N ILE B 294 -4.58 10.86 12.93
CA ILE B 294 -3.95 11.40 14.13
C ILE B 294 -2.45 11.43 13.92
N MSE B 295 -1.81 12.54 14.29
CA MSE B 295 -0.36 12.72 14.18
C MSE B 295 0.20 13.08 15.55
O MSE B 295 -0.23 14.06 16.15
CB MSE B 295 -0.04 13.81 13.16
CG MSE B 295 -0.32 13.38 11.73
SE MSE B 295 -0.88 14.84 10.54
CE MSE B 295 -2.70 15.02 11.19
N VAL B 296 1.16 12.30 16.03
CA VAL B 296 1.61 12.50 17.40
C VAL B 296 3.05 12.00 17.60
N GLY B 297 3.82 12.69 18.46
CA GLY B 297 5.20 12.33 18.69
C GLY B 297 5.35 11.14 19.63
N GLU B 298 6.42 10.38 19.43
CA GLU B 298 6.77 9.23 20.27
C GLU B 298 6.75 9.57 21.76
N PHE B 299 7.26 10.74 22.11
CA PHE B 299 7.40 11.13 23.51
C PHE B 299 6.39 12.19 23.95
N ASP B 300 5.23 12.22 23.31
CA ASP B 300 4.16 13.10 23.73
C ASP B 300 3.40 12.41 24.84
N PRO B 301 3.25 13.06 26.00
CA PRO B 301 2.53 12.46 27.14
C PRO B 301 1.06 12.15 26.84
N PHE B 302 0.52 12.75 25.78
CA PHE B 302 -0.85 12.48 25.39
C PHE B 302 -0.91 11.38 24.33
N ARG B 303 0.24 10.83 23.96
CA ARG B 303 0.24 9.75 22.98
C ARG B 303 -0.63 8.55 23.37
N PRO B 304 -0.52 8.05 24.62
CA PRO B 304 -1.34 6.88 24.97
C PRO B 304 -2.87 7.12 24.90
N GLN B 305 -3.35 8.29 25.27
CA GLN B 305 -4.79 8.54 25.18
C GLN B 305 -5.23 8.80 23.75
N ALA B 306 -4.30 9.28 22.91
CA ALA B 306 -4.57 9.41 21.50
C ALA B 306 -4.68 8.04 20.84
N TRP B 307 -3.81 7.11 21.25
CA TRP B 307 -3.84 5.76 20.75
C TRP B 307 -5.10 4.99 21.18
N ALA B 308 -5.47 5.14 22.45
CA ALA B 308 -6.69 4.51 22.94
C ALA B 308 -7.92 4.99 22.15
N TYR B 309 -7.96 6.26 21.82
CA TYR B 309 -9.03 6.82 21.02
C TYR B 309 -9.03 6.21 19.62
N ALA B 310 -7.84 6.15 19.00
CA ALA B 310 -7.70 5.57 17.67
C ALA B 310 -8.22 4.13 17.64
N GLN B 311 -7.92 3.37 18.68
CA GLN B 311 -8.39 1.99 18.75
C GLN B 311 -9.90 1.88 18.84
N ARG B 312 -10.51 2.82 19.53
CA ARG B 312 -11.96 2.79 19.68
C ARG B 312 -12.65 3.14 18.38
N LEU B 313 -12.07 4.05 17.61
CA LEU B 313 -12.57 4.37 16.28
C LEU B 313 -12.53 3.15 15.37
N ALA B 314 -11.39 2.48 15.33
CA ALA B 314 -11.20 1.34 14.45
C ALA B 314 -12.17 0.23 14.83
N ALA B 315 -12.39 0.04 16.13
CA ALA B 315 -13.28 -1.00 16.61
C ALA B 315 -14.74 -0.67 16.25
N ALA B 316 -15.02 0.61 16.00
CA ALA B 316 -16.34 1.04 15.57
C ALA B 316 -16.40 1.06 14.04
N ASP B 317 -15.38 0.46 13.44
CA ASP B 317 -15.24 0.39 11.98
C ASP B 317 -15.11 1.77 11.33
N THR B 318 -14.53 2.72 12.07
CA THR B 318 -14.19 4.03 11.51
C THR B 318 -12.76 4.00 11.00
N ALA B 319 -12.53 4.46 9.79
CA ALA B 319 -11.19 4.45 9.22
C ALA B 319 -10.27 5.33 10.06
N THR B 320 -9.16 4.75 10.52
CA THR B 320 -8.26 5.48 11.39
C THR B 320 -6.82 5.27 10.96
N THR B 321 -6.09 6.37 10.80
CA THR B 321 -4.66 6.32 10.55
C THR B 321 -3.96 7.05 11.68
N PHE B 322 -2.91 6.45 12.22
CA PHE B 322 -2.19 6.97 13.37
C PHE B 322 -0.74 7.12 12.93
N ILE B 323 -0.29 8.36 12.79
CA ILE B 323 1.07 8.64 12.36
C ILE B 323 1.93 9.01 13.56
N GLN B 324 2.93 8.19 13.84
CA GLN B 324 3.78 8.43 14.99
C GLN B 324 5.18 8.91 14.59
N TYR B 325 5.50 10.15 14.96
CA TYR B 325 6.81 10.70 14.66
C TYR B 325 7.77 10.37 15.80
N GLN B 326 8.73 9.51 15.49
CA GLN B 326 9.71 9.08 16.49
C GLN B 326 10.54 10.27 16.95
N GLY B 327 10.88 10.29 18.24
CA GLY B 327 11.77 11.29 18.78
C GLY B 327 11.14 12.64 19.11
N LEU B 328 9.86 12.79 18.81
CA LEU B 328 9.18 14.08 18.98
C LEU B 328 8.36 14.16 20.26
N ASN B 329 8.16 15.37 20.74
CA ASN B 329 7.34 15.63 21.91
C ASN B 329 6.03 16.35 21.56
N HIS B 330 5.41 17.00 22.54
CA HIS B 330 4.16 17.73 22.32
C HIS B 330 4.36 19.07 21.60
N ALA B 331 3.33 19.50 20.89
CA ALA B 331 3.22 20.87 20.40
C ALA B 331 4.22 21.27 19.32
N PHE B 332 4.70 20.30 18.56
CA PHE B 332 5.73 20.58 17.57
C PHE B 332 5.21 21.08 16.22
N ALA B 333 3.96 20.75 15.88
CA ALA B 333 3.51 20.92 14.49
C ALA B 333 3.57 22.33 13.89
N PRO B 334 3.22 23.39 14.66
CA PRO B 334 3.31 24.72 14.06
C PRO B 334 4.74 25.18 13.76
N LEU B 335 5.74 24.55 14.38
CA LEU B 335 7.13 24.99 14.30
C LEU B 335 7.81 24.53 13.03
N VAL B 336 7.27 24.97 11.89
CA VAL B 336 7.72 24.50 10.60
C VAL B 336 9.15 24.90 10.26
N ASP B 337 9.69 25.89 10.97
CA ASP B 337 11.08 26.26 10.73
C ASP B 337 12.05 25.51 11.64
N GLN B 338 11.53 24.63 12.48
CA GLN B 338 12.36 23.92 13.47
C GLN B 338 12.53 22.44 13.16
N TYR B 339 11.51 21.81 12.61
CA TYR B 339 11.49 20.37 12.42
C TYR B 339 10.98 19.99 11.03
N TRP B 340 11.65 19.03 10.38
CA TRP B 340 11.12 18.50 9.12
C TRP B 340 9.77 17.85 9.34
N GLN B 341 9.56 17.29 10.53
CA GLN B 341 8.32 16.60 10.85
C GLN B 341 7.13 17.56 10.85
N SER B 342 7.38 18.81 11.24
CA SER B 342 6.34 19.82 11.21
C SER B 342 5.90 20.12 9.78
N GLN B 343 6.85 20.11 8.84
CA GLN B 343 6.51 20.30 7.43
C GLN B 343 5.83 19.08 6.83
N ASP B 344 6.17 17.90 7.35
CA ASP B 344 5.55 16.67 6.90
C ASP B 344 4.10 16.65 7.34
N VAL B 345 3.81 17.19 8.52
CA VAL B 345 2.44 17.34 9.00
C VAL B 345 1.61 18.20 8.03
N ALA B 346 2.18 19.28 7.54
CA ALA B 346 1.48 20.14 6.59
C ALA B 346 1.21 19.37 5.32
N GLN B 347 2.19 18.56 4.92
CA GLN B 347 2.06 17.75 3.71
C GLN B 347 1.00 16.67 3.87
N VAL B 348 1.01 15.97 5.01
CA VAL B 348 -0.02 14.98 5.31
C VAL B 348 -1.39 15.64 5.29
N MSE B 349 -1.51 16.80 5.92
CA MSE B 349 -2.77 17.53 5.92
C MSE B 349 -3.23 17.95 4.52
O MSE B 349 -4.39 17.78 4.19
CB MSE B 349 -2.70 18.73 6.85
CG MSE B 349 -2.58 18.32 8.29
SE MSE B 349 -2.38 19.85 9.48
CE MSE B 349 -4.15 20.62 9.30
N ALA B 350 -2.32 18.49 3.71
CA ALA B 350 -2.71 18.94 2.38
C ALA B 350 -3.15 17.78 1.51
N ALA B 351 -2.44 16.65 1.61
CA ALA B 351 -2.75 15.46 0.83
C ALA B 351 -4.13 14.92 1.18
N ALA B 352 -4.51 15.06 2.44
CA ALA B 352 -5.79 14.58 2.94
C ALA B 352 -6.96 15.44 2.47
N LEU B 353 -6.69 16.70 2.11
CA LEU B 353 -7.74 17.63 1.68
C LEU B 353 -8.06 17.57 0.19
N ILE B 354 -7.07 17.30 -0.64
CA ILE B 354 -7.26 17.35 -2.09
C ILE B 354 -8.03 16.14 -2.64
N GLN C 16 -7.70 -15.80 -4.09
CA GLN C 16 -8.94 -16.56 -4.10
C GLN C 16 -10.14 -15.62 -4.29
N GLY C 17 -10.16 -14.91 -5.42
CA GLY C 17 -11.15 -13.88 -5.72
C GLY C 17 -12.62 -14.25 -5.57
N MSE C 18 -12.98 -14.76 -4.39
CA MSE C 18 -14.37 -15.09 -4.07
C MSE C 18 -15.07 -13.87 -3.47
O MSE C 18 -14.66 -13.39 -2.42
CB MSE C 18 -14.40 -16.24 -3.05
CG MSE C 18 -14.95 -17.57 -3.56
SE MSE C 18 -16.89 -17.60 -3.79
CE MSE C 18 -17.44 -17.23 -1.94
N PRO C 19 -16.13 -13.37 -4.14
CA PRO C 19 -16.94 -12.34 -3.48
C PRO C 19 -17.55 -12.92 -2.21
N THR C 20 -17.39 -12.21 -1.10
CA THR C 20 -17.91 -12.67 0.18
C THR C 20 -19.38 -12.95 0.06
N ILE C 21 -19.79 -14.14 0.45
CA ILE C 21 -21.20 -14.46 0.44
C ILE C 21 -21.79 -14.18 1.82
N ASN C 22 -22.94 -13.54 1.83
CA ASN C 22 -23.56 -13.17 3.08
C ASN C 22 -24.56 -14.23 3.48
N SER C 23 -24.14 -15.10 4.39
CA SER C 23 -24.99 -16.20 4.82
C SER C 23 -26.03 -15.71 5.82
N ILE C 24 -27.06 -16.53 6.02
CA ILE C 24 -28.13 -16.15 6.91
C ILE C 24 -28.30 -17.25 7.94
N GLN C 25 -27.97 -16.93 9.19
CA GLN C 25 -28.03 -17.89 10.27
C GLN C 25 -29.24 -17.64 11.16
N THR C 26 -30.04 -18.67 11.37
CA THR C 26 -31.15 -18.64 12.32
C THR C 26 -31.12 -19.91 13.14
N THR C 27 -31.91 -19.94 14.22
CA THR C 27 -32.05 -21.15 15.00
C THR C 27 -33.50 -21.65 14.91
N VAL C 28 -33.67 -22.88 14.42
CA VAL C 28 -35.00 -23.46 14.28
C VAL C 28 -35.16 -24.76 15.07
N ASN C 29 -35.91 -24.70 16.16
CA ASN C 29 -36.10 -25.86 17.02
C ASN C 29 -34.77 -26.42 17.49
N GLY C 30 -33.87 -25.53 17.88
CA GLY C 30 -32.58 -25.93 18.39
C GLY C 30 -31.56 -26.24 17.32
N VAL C 31 -31.99 -26.25 16.06
CA VAL C 31 -31.06 -26.46 14.94
C VAL C 31 -30.46 -25.14 14.46
N VAL C 32 -29.14 -25.07 14.41
CA VAL C 32 -28.47 -23.88 13.87
C VAL C 32 -28.51 -23.99 12.36
N LYS C 33 -29.35 -23.19 11.72
CA LYS C 33 -29.51 -23.28 10.27
C LYS C 33 -28.72 -22.17 9.58
N ILE C 34 -27.87 -22.56 8.64
CA ILE C 34 -27.07 -21.57 7.93
C ILE C 34 -27.34 -21.65 6.44
N VAL C 35 -28.03 -20.63 5.91
CA VAL C 35 -28.37 -20.59 4.50
C VAL C 35 -27.36 -19.75 3.74
N LYS C 36 -26.73 -20.35 2.73
CA LYS C 36 -25.72 -19.68 1.93
C LYS C 36 -26.17 -19.53 0.49
N PRO C 37 -26.56 -18.30 0.09
CA PRO C 37 -26.99 -18.05 -1.30
C PRO C 37 -25.84 -18.28 -2.30
N PHE C 38 -26.16 -18.64 -3.54
CA PHE C 38 -25.09 -18.97 -4.48
C PHE C 38 -24.38 -17.72 -4.98
N ASN C 39 -25.05 -16.59 -4.85
CA ASN C 39 -24.42 -15.27 -4.90
C ASN C 39 -25.25 -14.26 -4.10
N ASN C 40 -24.83 -13.00 -4.10
CA ASN C 40 -25.48 -12.00 -3.26
C ASN C 40 -26.73 -11.32 -3.86
N ASP C 41 -27.00 -11.59 -5.13
CA ASP C 41 -28.18 -11.05 -5.80
C ASP C 41 -29.42 -11.94 -5.62
N ILE C 42 -29.20 -13.25 -5.50
CA ILE C 42 -30.29 -14.22 -5.49
C ILE C 42 -30.32 -15.02 -4.19
N ALA C 43 -31.44 -14.92 -3.48
CA ALA C 43 -31.59 -15.49 -2.14
C ALA C 43 -32.04 -16.95 -2.15
N GLY C 44 -32.65 -17.38 -3.26
CA GLY C 44 -33.13 -18.75 -3.38
C GLY C 44 -34.06 -18.94 -4.56
N GLU C 45 -34.59 -20.15 -4.68
CA GLU C 45 -35.64 -20.48 -5.64
C GLU C 45 -35.19 -20.48 -7.11
N GLN C 46 -33.92 -20.78 -7.32
CA GLN C 46 -33.42 -21.07 -8.66
C GLN C 46 -32.04 -21.71 -8.56
N PHE C 47 -31.68 -22.44 -9.60
CA PHE C 47 -30.42 -23.14 -9.60
C PHE C 47 -29.28 -22.17 -9.73
N ASP C 48 -28.16 -22.50 -9.08
CA ASP C 48 -26.91 -21.85 -9.38
C ASP C 48 -26.66 -22.18 -10.84
N PRO C 49 -26.35 -21.15 -11.67
CA PRO C 49 -26.10 -21.29 -13.10
C PRO C 49 -25.02 -22.32 -13.45
N HIS C 50 -24.06 -22.52 -12.54
CA HIS C 50 -23.02 -23.52 -12.75
C HIS C 50 -23.64 -24.92 -12.70
N VAL C 51 -24.63 -25.09 -11.85
CA VAL C 51 -25.34 -26.36 -11.71
C VAL C 51 -26.31 -26.54 -12.86
N LEU C 52 -26.95 -25.43 -13.23
CA LEU C 52 -27.99 -25.44 -14.24
C LEU C 52 -27.46 -25.89 -15.58
N GLN C 53 -26.25 -25.45 -15.93
CA GLN C 53 -25.68 -25.84 -17.21
C GLN C 53 -25.33 -27.33 -17.29
N THR C 54 -25.35 -28.04 -16.16
CA THR C 54 -25.17 -29.49 -16.18
C THR C 54 -26.49 -30.26 -16.27
N LEU C 55 -27.61 -29.55 -16.21
CA LEU C 55 -28.91 -30.21 -16.11
C LEU C 55 -29.75 -30.04 -17.36
N THR C 56 -29.12 -29.66 -18.46
CA THR C 56 -29.82 -29.43 -19.72
C THR C 56 -30.65 -30.63 -20.16
N ALA C 57 -30.11 -31.83 -19.98
CA ALA C 57 -30.81 -33.05 -20.36
C ALA C 57 -32.16 -33.21 -19.67
N PHE C 58 -32.30 -32.62 -18.48
CA PHE C 58 -33.52 -32.79 -17.68
C PHE C 58 -34.67 -31.90 -18.13
N LYS C 59 -34.53 -31.27 -19.29
CA LYS C 59 -35.67 -30.63 -19.94
C LYS C 59 -36.68 -31.67 -20.40
N GLN C 60 -36.23 -32.92 -20.49
CA GLN C 60 -37.09 -34.05 -20.81
C GLN C 60 -36.94 -35.03 -19.66
N PRO C 61 -37.92 -35.94 -19.48
CA PRO C 61 -37.72 -36.95 -18.45
C PRO C 61 -36.42 -37.73 -18.69
N ALA C 62 -35.76 -38.17 -17.61
CA ALA C 62 -34.52 -38.91 -17.71
C ALA C 62 -34.80 -40.39 -17.93
N ILE C 63 -33.82 -41.10 -18.49
CA ILE C 63 -33.93 -42.54 -18.68
C ILE C 63 -32.85 -43.23 -17.86
N LEU C 64 -33.27 -43.86 -16.78
CA LEU C 64 -32.37 -44.61 -15.90
C LEU C 64 -32.20 -46.02 -16.45
N GLU C 65 -30.97 -46.38 -16.77
CA GLU C 65 -30.69 -47.76 -17.19
C GLU C 65 -30.55 -48.62 -15.95
N ASN C 66 -31.58 -49.40 -15.68
CA ASN C 66 -31.65 -50.20 -14.47
C ASN C 66 -30.95 -51.55 -14.63
N ASP C 67 -29.62 -51.53 -14.66
CA ASP C 67 -28.82 -52.74 -14.56
C ASP C 67 -27.52 -52.38 -13.86
N LEU C 68 -26.96 -53.34 -13.14
CA LEU C 68 -25.89 -53.04 -12.20
C LEU C 68 -24.69 -52.38 -12.86
N ALA C 69 -24.28 -52.91 -14.00
CA ALA C 69 -23.09 -52.44 -14.69
C ALA C 69 -23.26 -51.00 -15.12
N ALA C 70 -24.42 -50.67 -15.66
CA ALA C 70 -24.72 -49.31 -16.06
C ALA C 70 -24.79 -48.38 -14.86
N LEU C 71 -25.44 -48.83 -13.81
CA LEU C 71 -25.60 -48.01 -12.61
C LEU C 71 -24.24 -47.74 -11.98
N ARG C 72 -23.38 -48.77 -11.95
CA ARG C 72 -22.06 -48.60 -11.36
C ARG C 72 -21.19 -47.66 -12.16
N SER C 73 -21.27 -47.76 -13.48
CA SER C 73 -20.54 -46.88 -14.36
C SER C 73 -20.99 -45.43 -14.19
N GLY C 74 -22.27 -45.24 -13.86
CA GLY C 74 -22.79 -43.90 -13.64
C GLY C 74 -22.47 -43.31 -12.28
N SER C 75 -21.90 -44.12 -11.40
CA SER C 75 -21.57 -43.67 -10.04
C SER C 75 -20.09 -43.37 -9.90
N LEU C 76 -19.37 -43.35 -11.02
CA LEU C 76 -17.96 -42.99 -11.06
C LEU C 76 -17.79 -41.54 -11.47
N THR C 77 -17.01 -40.79 -10.71
CA THR C 77 -16.75 -39.40 -11.02
C THR C 77 -15.56 -39.33 -11.95
N PRO C 78 -15.68 -38.55 -13.02
CA PRO C 78 -14.51 -38.30 -13.87
C PRO C 78 -13.46 -37.49 -13.09
N ALA C 79 -12.25 -37.38 -13.64
CA ALA C 79 -11.15 -36.80 -12.88
C ALA C 79 -11.38 -35.34 -12.48
N ILE C 80 -11.00 -35.05 -11.26
CA ILE C 80 -11.18 -33.74 -10.67
C ILE C 80 -9.79 -33.14 -10.51
N ALA C 81 -9.60 -31.89 -10.93
CA ALA C 81 -8.28 -31.25 -10.81
C ALA C 81 -7.78 -31.24 -9.36
N ASP C 82 -6.51 -31.59 -9.18
CA ASP C 82 -5.90 -31.76 -7.86
C ASP C 82 -4.75 -30.78 -7.70
N PRO C 83 -4.95 -29.72 -6.88
CA PRO C 83 -3.94 -28.67 -6.72
C PRO C 83 -2.93 -28.99 -5.62
N VAL C 84 -3.23 -30.00 -4.80
CA VAL C 84 -2.39 -30.40 -3.65
C VAL C 84 -1.24 -31.32 -4.05
N GLY C 85 -1.53 -32.29 -4.91
CA GLY C 85 -0.49 -33.18 -5.41
C GLY C 85 0.11 -34.02 -4.30
N ASP C 86 1.44 -34.14 -4.31
CA ASP C 86 2.13 -34.98 -3.35
C ASP C 86 2.26 -34.39 -1.96
N ALA C 87 1.76 -33.17 -1.75
CA ALA C 87 1.88 -32.53 -0.44
C ALA C 87 1.01 -33.21 0.63
N VAL C 88 -0.01 -33.96 0.20
CA VAL C 88 -0.69 -34.89 1.09
C VAL C 88 -0.44 -36.30 0.57
N THR C 89 0.01 -37.17 1.45
CA THR C 89 0.31 -38.55 1.09
C THR C 89 -0.96 -39.41 1.06
N VAL C 90 -1.11 -40.18 -0.01
CA VAL C 90 -2.28 -41.02 -0.19
C VAL C 90 -1.83 -42.46 -0.48
N GLN C 91 -2.24 -43.41 0.35
CA GLN C 91 -1.84 -44.79 0.16
C GLN C 91 -2.95 -45.75 0.55
N SER C 92 -2.97 -46.91 -0.08
CA SER C 92 -3.94 -47.92 0.24
C SER C 92 -3.39 -48.88 1.28
N ARG C 93 -4.14 -49.08 2.37
CA ARG C 93 -3.80 -50.07 3.38
C ARG C 93 -5.04 -50.90 3.69
N ASN C 94 -4.82 -52.16 4.08
CA ASN C 94 -5.88 -52.99 4.62
C ASN C 94 -5.80 -52.98 6.13
N ILE C 95 -6.95 -52.95 6.78
CA ILE C 95 -7.00 -53.18 8.21
C ILE C 95 -7.91 -54.38 8.44
N THR C 96 -7.63 -55.16 9.48
CA THR C 96 -8.48 -56.29 9.84
C THR C 96 -8.92 -56.18 11.28
N ALA C 97 -10.23 -56.26 11.51
CA ALA C 97 -10.79 -56.34 12.85
C ALA C 97 -12.10 -57.08 12.69
N LEU C 98 -12.52 -57.81 13.72
CA LEU C 98 -13.75 -58.58 13.67
C LEU C 98 -13.78 -59.58 12.52
N ASN C 99 -12.60 -60.07 12.13
CA ASN C 99 -12.45 -61.00 11.00
C ASN C 99 -12.89 -60.40 9.67
N ARG C 100 -12.91 -59.08 9.58
CA ARG C 100 -13.26 -58.37 8.35
C ARG C 100 -12.01 -57.65 7.86
N THR C 101 -11.66 -57.83 6.60
CA THR C 101 -10.56 -57.06 6.05
C THR C 101 -11.11 -55.94 5.19
N VAL C 102 -10.71 -54.72 5.53
CA VAL C 102 -11.26 -53.53 4.90
C VAL C 102 -10.13 -52.74 4.26
N SER C 103 -10.25 -52.49 2.96
CA SER C 103 -9.29 -51.63 2.29
C SER C 103 -9.62 -50.19 2.57
N VAL C 104 -8.57 -49.40 2.80
CA VAL C 104 -8.72 -48.00 3.14
C VAL C 104 -7.77 -47.21 2.26
N GLU C 105 -8.24 -46.10 1.73
CA GLU C 105 -7.34 -45.14 1.12
C GLU C 105 -6.96 -44.13 2.20
N TRP C 106 -5.71 -44.18 2.63
CA TRP C 106 -5.26 -43.41 3.78
C TRP C 106 -4.64 -42.09 3.34
N LEU C 107 -5.14 -40.98 3.89
CA LEU C 107 -4.56 -39.67 3.58
C LEU C 107 -3.81 -39.15 4.80
N THR C 108 -2.55 -38.80 4.60
CA THR C 108 -1.70 -38.32 5.69
C THR C 108 -1.05 -36.99 5.32
N PRO C 109 -1.40 -35.90 6.03
CA PRO C 109 -0.79 -34.61 5.73
C PRO C 109 0.58 -34.52 6.38
N GLN C 110 1.38 -33.51 6.05
CA GLN C 110 2.59 -33.26 6.80
C GLN C 110 2.20 -32.66 8.15
N ASN C 111 2.91 -33.04 9.20
CA ASN C 111 2.63 -32.57 10.57
C ASN C 111 1.23 -32.90 11.12
N VAL C 112 0.90 -34.19 11.11
CA VAL C 112 -0.40 -34.65 11.59
C VAL C 112 -0.61 -34.32 13.06
N ILE C 113 -1.84 -33.92 13.41
CA ILE C 113 -2.19 -33.66 14.81
C ILE C 113 -2.54 -34.96 15.56
N ASN C 114 -2.33 -34.94 16.87
CA ASN C 114 -2.56 -36.13 17.68
C ASN C 114 -4.04 -36.43 17.89
N HIS C 115 -4.34 -37.72 17.91
CA HIS C 115 -5.62 -38.24 18.39
C HIS C 115 -6.85 -38.02 17.47
N THR C 116 -7.02 -36.83 16.91
CA THR C 116 -8.11 -36.61 15.95
C THR C 116 -7.93 -37.40 14.65
N VAL C 117 -8.98 -38.09 14.22
CA VAL C 117 -8.93 -38.83 12.96
C VAL C 117 -10.29 -38.71 12.26
N LEU C 118 -10.28 -38.64 10.94
CA LEU C 118 -11.53 -38.59 10.17
C LEU C 118 -11.75 -39.87 9.39
N VAL C 119 -12.92 -40.47 9.57
CA VAL C 119 -13.32 -41.62 8.76
C VAL C 119 -14.42 -41.21 7.79
N TYR C 120 -14.19 -41.47 6.51
CA TYR C 120 -15.11 -41.02 5.47
C TYR C 120 -15.59 -42.17 4.57
N PHE C 121 -16.89 -42.21 4.32
CA PHE C 121 -17.53 -43.19 3.42
C PHE C 121 -18.11 -42.49 2.20
N HIS C 122 -17.58 -42.83 1.02
CA HIS C 122 -18.03 -42.28 -0.27
C HIS C 122 -19.50 -42.58 -0.56
N GLY C 123 -20.11 -41.75 -1.40
CA GLY C 123 -21.46 -41.98 -1.86
C GLY C 123 -21.48 -42.97 -3.00
N GLY C 124 -22.64 -43.19 -3.60
CA GLY C 124 -22.73 -44.12 -4.70
C GLY C 124 -23.89 -45.09 -4.61
N ALA C 125 -24.93 -44.68 -3.88
CA ALA C 125 -26.20 -45.37 -3.84
C ALA C 125 -26.12 -46.83 -3.35
N PHE C 126 -25.23 -47.07 -2.39
CA PHE C 126 -25.10 -48.36 -1.70
C PHE C 126 -24.44 -49.46 -2.56
N TYR C 127 -24.66 -49.41 -3.87
CA TYR C 127 -24.13 -50.42 -4.78
C TYR C 127 -22.83 -50.01 -5.50
N GLY C 128 -22.48 -48.74 -5.43
CA GLY C 128 -21.41 -48.21 -6.26
C GLY C 128 -20.59 -47.11 -5.63
N GLY C 129 -19.87 -46.36 -6.47
CA GLY C 129 -18.94 -45.34 -5.99
C GLY C 129 -17.61 -45.99 -5.66
N VAL C 130 -16.55 -45.19 -5.60
CA VAL C 130 -15.24 -45.68 -5.15
C VAL C 130 -14.64 -44.59 -4.31
N PRO C 131 -13.74 -44.94 -3.36
CA PRO C 131 -13.13 -43.89 -2.54
C PRO C 131 -12.53 -42.78 -3.40
N GLY C 132 -12.00 -43.15 -4.56
CA GLY C 132 -11.38 -42.20 -5.47
C GLY C 132 -12.29 -41.08 -5.95
N ASN C 133 -13.60 -41.26 -5.78
CA ASN C 133 -14.57 -40.25 -6.16
C ASN C 133 -14.37 -38.96 -5.38
N ASN C 134 -13.88 -39.06 -4.16
CA ASN C 134 -13.74 -37.88 -3.32
C ASN C 134 -12.34 -37.69 -2.74
N THR C 135 -11.34 -38.24 -3.42
CA THR C 135 -9.96 -38.11 -2.96
C THR C 135 -9.47 -36.65 -2.88
N VAL C 136 -9.74 -35.86 -3.91
CA VAL C 136 -9.27 -34.48 -3.93
C VAL C 136 -9.91 -33.65 -2.83
N LEU C 137 -11.24 -33.76 -2.68
CA LEU C 137 -11.93 -33.10 -1.58
C LEU C 137 -11.25 -33.44 -0.24
N LEU C 138 -10.91 -34.69 -0.03
CA LEU C 138 -10.30 -35.07 1.24
C LEU C 138 -8.85 -34.59 1.38
N LYS C 139 -8.14 -34.42 0.27
CA LYS C 139 -6.78 -33.86 0.32
C LYS C 139 -6.85 -32.42 0.78
N LEU C 140 -7.89 -31.74 0.32
CA LEU C 140 -8.18 -30.38 0.74
C LEU C 140 -8.43 -30.34 2.24
N VAL C 141 -9.22 -31.28 2.73
CA VAL C 141 -9.54 -31.33 4.16
C VAL C 141 -8.30 -31.66 5.01
N ALA C 142 -7.52 -32.65 4.59
CA ALA C 142 -6.29 -33.00 5.30
C ALA C 142 -5.30 -31.85 5.31
N ALA C 143 -5.17 -31.16 4.18
CA ALA C 143 -4.24 -30.05 4.04
C ALA C 143 -4.55 -28.96 5.04
N LYS C 144 -5.83 -28.65 5.17
CA LYS C 144 -6.27 -27.53 5.99
C LYS C 144 -6.37 -27.87 7.46
N SER C 145 -6.57 -29.13 7.78
CA SER C 145 -6.76 -29.56 9.17
C SER C 145 -5.56 -30.23 9.80
N HIS C 146 -4.64 -30.73 8.97
CA HIS C 146 -3.53 -31.59 9.43
C HIS C 146 -4.01 -32.87 10.12
N CYS C 147 -5.22 -33.29 9.78
N CYS C 147 -5.19 -33.31 9.74
CA CYS C 147 -5.79 -34.52 10.32
CA CYS C 147 -5.81 -34.50 10.33
C CYS C 147 -5.59 -35.66 9.35
C CYS C 147 -5.64 -35.67 9.36
N GLU C 148 -5.31 -36.85 9.88
CA GLU C 148 -5.23 -38.04 9.04
C GLU C 148 -6.65 -38.49 8.71
N ILE C 149 -6.81 -39.04 7.52
CA ILE C 149 -8.13 -39.38 7.01
C ILE C 149 -8.16 -40.81 6.47
N LEU C 150 -9.18 -41.55 6.86
CA LEU C 150 -9.41 -42.88 6.31
C LEU C 150 -10.56 -42.80 5.31
N ASN C 151 -10.24 -42.97 4.03
CA ASN C 151 -11.22 -42.93 2.97
C ASN C 151 -11.56 -44.37 2.63
N VAL C 152 -12.62 -44.87 3.25
CA VAL C 152 -12.85 -46.32 3.34
C VAL C 152 -13.51 -46.94 2.12
N ASP C 153 -12.92 -48.03 1.63
CA ASP C 153 -13.50 -48.82 0.56
C ASP C 153 -14.45 -49.85 1.18
N TYR C 154 -15.65 -49.41 1.57
CA TYR C 154 -16.56 -50.29 2.30
C TYR C 154 -17.33 -51.23 1.37
N SER C 155 -17.91 -52.28 1.95
CA SER C 155 -18.61 -53.29 1.19
C SER C 155 -19.80 -52.71 0.40
N LEU C 156 -19.92 -53.12 -0.86
CA LEU C 156 -20.98 -52.61 -1.73
C LEU C 156 -22.05 -53.67 -2.03
N ALA C 157 -23.31 -53.23 -2.02
CA ALA C 157 -24.43 -54.08 -2.39
C ALA C 157 -24.41 -54.26 -3.91
N PRO C 158 -25.06 -55.32 -4.43
CA PRO C 158 -25.82 -56.38 -3.75
C PRO C 158 -24.93 -57.57 -3.39
N GLU C 159 -23.66 -57.54 -3.77
CA GLU C 159 -22.77 -58.66 -3.43
C GLU C 159 -22.56 -58.71 -1.95
N ALA C 160 -22.47 -57.53 -1.35
CA ALA C 160 -22.33 -57.37 0.09
C ALA C 160 -23.35 -56.34 0.58
N PRO C 161 -24.63 -56.75 0.68
CA PRO C 161 -25.66 -55.77 1.02
C PRO C 161 -25.66 -55.56 2.53
N ALA C 162 -26.60 -54.78 3.05
CA ALA C 162 -26.67 -54.54 4.48
C ALA C 162 -26.69 -55.85 5.26
N PRO C 163 -25.94 -55.90 6.37
CA PRO C 163 -25.18 -54.80 6.97
C PRO C 163 -23.67 -54.89 6.75
N ALA C 164 -23.21 -55.39 5.61
CA ALA C 164 -21.77 -55.59 5.39
C ALA C 164 -20.98 -54.28 5.51
N GLY C 165 -21.44 -53.22 4.85
CA GLY C 165 -20.81 -51.92 4.94
C GLY C 165 -20.80 -51.38 6.36
N ILE C 166 -21.93 -51.53 7.04
CA ILE C 166 -22.03 -51.16 8.44
C ILE C 166 -20.96 -51.87 9.29
N LEU C 167 -20.77 -53.17 9.05
CA LEU C 167 -19.79 -53.90 9.82
C LEU C 167 -18.38 -53.53 9.44
N ASP C 168 -18.17 -53.11 8.20
CA ASP C 168 -16.85 -52.60 7.79
C ASP C 168 -16.55 -51.33 8.58
N GLY C 169 -17.57 -50.50 8.81
CA GLY C 169 -17.41 -49.29 9.60
C GLY C 169 -17.03 -49.60 11.03
N LEU C 170 -17.74 -50.54 11.64
CA LEU C 170 -17.46 -50.94 13.01
C LEU C 170 -16.05 -51.51 13.16
N ALA C 171 -15.59 -52.27 12.17
CA ALA C 171 -14.25 -52.82 12.21
C ALA C 171 -13.19 -51.72 12.18
N ILE C 172 -13.45 -50.68 11.39
CA ILE C 172 -12.57 -49.53 11.27
C ILE C 172 -12.46 -48.81 12.62
N PHE C 173 -13.59 -48.61 13.27
CA PHE C 173 -13.62 -47.89 14.53
C PHE C 173 -12.87 -48.69 15.57
N GLN C 174 -13.07 -50.00 15.58
CA GLN C 174 -12.36 -50.85 16.54
C GLN C 174 -10.86 -50.82 16.29
N TYR C 175 -10.46 -50.86 15.03
CA TYR C 175 -9.05 -50.77 14.71
C TYR C 175 -8.47 -49.47 15.26
N LEU C 176 -9.15 -48.36 15.01
CA LEU C 176 -8.65 -47.05 15.43
C LEU C 176 -8.61 -46.89 16.95
N GLU C 177 -9.58 -47.46 17.64
CA GLU C 177 -9.67 -47.29 19.09
C GLU C 177 -8.72 -48.21 19.84
N GLN C 178 -8.38 -49.34 19.27
CA GLN C 178 -7.41 -50.24 19.89
C GLN C 178 -6.01 -49.81 19.52
N ARG C 179 -5.89 -49.02 18.46
CA ARG C 179 -4.60 -48.46 18.07
C ARG C 179 -4.18 -47.35 19.03
N ASP C 180 -5.14 -46.51 19.39
CA ASP C 180 -4.87 -45.34 20.19
C ASP C 180 -6.10 -45.10 21.05
N ALA C 181 -5.95 -45.30 22.35
CA ALA C 181 -7.08 -45.24 23.26
C ALA C 181 -7.59 -43.81 23.49
N GLU C 182 -6.83 -42.82 23.03
CA GLU C 182 -7.25 -41.44 23.17
C GLU C 182 -7.64 -40.82 21.83
N THR C 183 -7.88 -41.65 20.83
CA THR C 183 -8.25 -41.14 19.50
C THR C 183 -9.63 -40.54 19.59
N MSE C 184 -9.83 -39.42 18.92
CA MSE C 184 -11.16 -38.83 18.81
C MSE C 184 -11.60 -38.92 17.37
O MSE C 184 -11.01 -38.29 16.50
CB MSE C 184 -11.17 -37.38 19.28
CG MSE C 184 -11.04 -37.19 20.80
SE MSE C 184 -11.93 -38.56 21.89
CE MSE C 184 -13.77 -38.03 21.61
N ILE C 185 -12.65 -39.70 17.12
CA ILE C 185 -13.07 -39.97 15.75
C ILE C 185 -14.21 -39.08 15.27
N THR C 186 -13.99 -38.41 14.14
CA THR C 186 -15.09 -37.79 13.41
C THR C 186 -15.46 -38.71 12.25
N VAL C 187 -16.76 -38.98 12.13
CA VAL C 187 -17.26 -39.79 11.04
C VAL C 187 -17.91 -38.87 10.02
N ALA C 188 -17.76 -39.21 8.75
CA ALA C 188 -18.28 -38.39 7.69
C ALA C 188 -18.57 -39.24 6.47
N GLY C 189 -19.29 -38.66 5.52
CA GLY C 189 -19.63 -39.33 4.29
C GLY C 189 -20.61 -38.51 3.49
N ASP C 190 -20.89 -38.93 2.26
CA ASP C 190 -21.87 -38.24 1.47
C ASP C 190 -22.91 -39.24 1.00
N SER C 191 -24.14 -38.74 0.90
CA SER C 191 -25.22 -39.51 0.28
C SER C 191 -25.43 -40.86 0.99
N ALA C 192 -25.39 -41.95 0.24
CA ALA C 192 -25.56 -43.28 0.82
C ALA C 192 -24.40 -43.70 1.75
N GLY C 193 -23.21 -43.14 1.51
CA GLY C 193 -22.07 -43.42 2.36
C GLY C 193 -22.28 -42.89 3.76
N ALA C 194 -22.84 -41.67 3.84
CA ALA C 194 -23.21 -41.06 5.10
C ALA C 194 -24.17 -41.98 5.83
N ASN C 195 -25.14 -42.52 5.10
CA ASN C 195 -26.11 -43.44 5.69
C ASN C 195 -25.44 -44.63 6.40
N VAL C 196 -24.49 -45.27 5.70
CA VAL C 196 -23.83 -46.46 6.21
C VAL C 196 -22.99 -46.16 7.44
N ILE C 197 -22.25 -45.06 7.41
CA ILE C 197 -21.37 -44.70 8.52
C ILE C 197 -22.17 -44.18 9.74
N MSE C 198 -23.36 -43.61 9.49
CA MSE C 198 -24.23 -43.20 10.58
C MSE C 198 -24.75 -44.41 11.34
O MSE C 198 -24.85 -44.38 12.56
CB MSE C 198 -25.43 -42.41 10.06
CG MSE C 198 -25.10 -41.02 9.55
SE MSE C 198 -26.46 -40.38 8.28
CE MSE C 198 -27.79 -39.81 9.55
N ALA C 199 -25.08 -45.46 10.62
CA ALA C 199 -25.56 -46.68 11.23
C ALA C 199 -24.44 -47.40 11.99
N ALA C 200 -23.23 -47.38 11.42
CA ALA C 200 -22.06 -47.97 12.08
C ALA C 200 -21.73 -47.22 13.37
N THR C 201 -21.89 -45.91 13.32
CA THR C 201 -21.70 -45.06 14.49
C THR C 201 -22.68 -45.42 15.61
N ASN C 202 -23.94 -45.61 15.23
CA ASN C 202 -24.99 -45.94 16.16
C ASN C 202 -24.63 -47.27 16.83
N LEU C 203 -24.19 -48.21 16.01
CA LEU C 203 -23.77 -49.52 16.49
C LEU C 203 -22.56 -49.46 17.44
N ASN C 204 -21.55 -48.69 17.07
CA ASN C 204 -20.35 -48.49 17.89
C ASN C 204 -20.74 -47.97 19.28
N GLN C 205 -21.69 -47.04 19.31
CA GLN C 205 -22.16 -46.48 20.56
C GLN C 205 -22.97 -47.48 21.39
N GLN C 206 -23.72 -48.35 20.72
CA GLN C 206 -24.51 -49.35 21.45
C GLN C 206 -23.65 -50.45 22.08
N LEU C 207 -22.41 -50.54 21.62
CA LEU C 207 -21.44 -51.43 22.24
C LEU C 207 -20.60 -50.72 23.30
N GLY C 208 -20.81 -49.42 23.46
CA GLY C 208 -20.25 -48.70 24.59
C GLY C 208 -19.01 -47.88 24.32
N SER C 209 -18.63 -47.74 23.06
CA SER C 209 -17.55 -46.84 22.71
C SER C 209 -18.05 -45.40 22.64
N ASN C 210 -17.26 -44.45 23.14
N ASN C 210 -17.26 -44.46 23.17
CA ASN C 210 -17.61 -43.05 23.07
CA ASN C 210 -17.59 -43.03 23.13
C ASN C 210 -16.55 -42.23 22.36
C ASN C 210 -16.58 -42.22 22.33
N ARG C 211 -15.75 -42.89 21.54
CA ARG C 211 -14.64 -42.24 20.84
C ARG C 211 -15.05 -41.43 19.63
N ILE C 212 -16.25 -41.69 19.11
CA ILE C 212 -16.75 -40.88 17.99
C ILE C 212 -17.43 -39.64 18.55
N ASN C 213 -16.84 -38.48 18.30
CA ASN C 213 -17.36 -37.26 18.91
C ASN C 213 -18.00 -36.26 17.96
N GLN C 214 -18.17 -36.64 16.71
CA GLN C 214 -18.72 -35.71 15.74
C GLN C 214 -19.15 -36.41 14.47
N GLN C 215 -20.21 -35.90 13.85
CA GLN C 215 -20.58 -36.36 12.51
C GLN C 215 -20.57 -35.18 11.54
N LEU C 216 -20.04 -35.43 10.34
CA LEU C 216 -20.04 -34.45 9.27
C LEU C 216 -20.74 -35.09 8.08
N LEU C 217 -21.98 -34.67 7.83
CA LEU C 217 -22.85 -35.36 6.87
C LEU C 217 -23.13 -34.53 5.64
N LEU C 218 -22.70 -35.03 4.49
CA LEU C 218 -22.91 -34.35 3.22
C LEU C 218 -24.13 -34.97 2.56
N TYR C 219 -25.18 -34.19 2.43
CA TYR C 219 -26.45 -34.62 1.86
C TYR C 219 -26.78 -36.09 2.10
N PRO C 220 -26.89 -36.49 3.38
CA PRO C 220 -27.07 -37.90 3.74
C PRO C 220 -28.44 -38.45 3.34
N VAL C 221 -28.49 -39.73 3.01
CA VAL C 221 -29.76 -40.40 2.85
C VAL C 221 -30.11 -40.93 4.23
N THR C 222 -31.08 -40.31 4.89
CA THR C 222 -31.39 -40.69 6.25
C THR C 222 -32.58 -41.64 6.31
N ALA C 223 -33.28 -41.79 5.19
CA ALA C 223 -34.47 -42.65 5.14
C ALA C 223 -34.62 -43.25 3.75
N PRO C 224 -33.82 -44.29 3.44
CA PRO C 224 -33.91 -44.91 2.11
C PRO C 224 -35.32 -45.39 1.83
N ASN C 225 -35.78 -45.15 0.61
CA ASN C 225 -37.10 -45.57 0.18
C ASN C 225 -38.22 -45.14 1.11
N ALA C 226 -38.15 -43.90 1.60
CA ALA C 226 -39.24 -43.34 2.39
C ALA C 226 -40.47 -43.23 1.50
N ASP C 227 -41.62 -42.98 2.10
CA ASP C 227 -42.85 -42.85 1.32
C ASP C 227 -42.72 -41.76 0.25
N HIS C 228 -42.79 -42.15 -1.02
CA HIS C 228 -42.59 -41.22 -2.13
C HIS C 228 -43.83 -40.35 -2.38
N ALA C 229 -44.94 -40.72 -1.76
CA ALA C 229 -46.16 -39.92 -1.81
C ALA C 229 -46.29 -39.05 -0.57
N GLY C 230 -45.31 -39.18 0.33
CA GLY C 230 -45.34 -38.44 1.58
C GLY C 230 -44.53 -37.17 1.54
N PRO C 231 -44.48 -36.45 2.67
CA PRO C 231 -43.88 -35.12 2.78
C PRO C 231 -42.39 -35.06 2.48
N LEU C 232 -41.65 -36.15 2.69
CA LEU C 232 -40.21 -36.14 2.43
C LEU C 232 -39.91 -36.14 0.93
N TRP C 233 -40.93 -36.42 0.12
CA TRP C 233 -40.76 -36.51 -1.33
C TRP C 233 -41.72 -35.62 -2.11
N ASP C 234 -42.27 -34.63 -1.44
CA ASP C 234 -43.20 -33.69 -2.06
C ASP C 234 -42.43 -32.57 -2.78
N LEU C 235 -42.60 -32.48 -4.10
CA LEU C 235 -41.96 -31.41 -4.90
C LEU C 235 -42.33 -29.99 -4.45
N ALA C 236 -43.45 -29.88 -3.72
CA ALA C 236 -43.91 -28.58 -3.25
C ALA C 236 -42.91 -27.97 -2.27
N ALA C 237 -42.05 -28.80 -1.73
CA ALA C 237 -41.02 -28.35 -0.81
C ALA C 237 -39.89 -27.62 -1.55
N PHE C 238 -39.97 -27.60 -2.89
CA PHE C 238 -38.91 -27.00 -3.68
C PHE C 238 -39.45 -25.92 -4.61
N PRO C 239 -39.81 -24.75 -4.07
CA PRO C 239 -40.26 -23.67 -4.93
C PRO C 239 -39.12 -23.25 -5.85
N ILE C 240 -39.41 -22.99 -7.12
CA ILE C 240 -38.38 -22.58 -8.07
C ILE C 240 -39.03 -21.70 -9.12
N ILE C 241 -38.24 -20.90 -9.82
CA ILE C 241 -38.80 -20.06 -10.89
C ILE C 241 -39.33 -20.91 -12.04
N ASP C 242 -40.38 -20.44 -12.71
CA ASP C 242 -41.09 -21.21 -13.72
C ASP C 242 -40.20 -21.78 -14.79
N SER C 243 -39.17 -21.02 -15.17
CA SER C 243 -38.31 -21.41 -16.27
C SER C 243 -37.49 -22.65 -15.96
N GLN C 244 -37.43 -23.02 -14.67
CA GLN C 244 -36.62 -24.16 -14.25
C GLN C 244 -37.45 -25.26 -13.59
N ARG C 245 -38.77 -25.13 -13.64
CA ARG C 245 -39.63 -26.11 -12.98
C ARG C 245 -39.55 -27.48 -13.63
N ALA C 246 -39.54 -27.52 -14.95
CA ALA C 246 -39.47 -28.77 -15.69
C ALA C 246 -38.19 -29.53 -15.37
N ILE C 247 -37.06 -28.82 -15.41
CA ILE C 247 -35.78 -29.42 -15.08
C ILE C 247 -35.77 -30.01 -13.66
N LEU C 248 -36.30 -29.25 -12.69
CA LEU C 248 -36.34 -29.73 -11.32
C LEU C 248 -37.25 -30.94 -11.18
N THR C 249 -38.39 -30.90 -11.84
CA THR C 249 -39.36 -31.99 -11.78
C THR C 249 -38.75 -33.28 -12.30
N ASN C 250 -38.03 -33.20 -13.41
CA ASN C 250 -37.43 -34.38 -14.01
C ASN C 250 -36.23 -34.87 -13.21
N TYR C 251 -35.47 -33.93 -12.65
CA TYR C 251 -34.34 -34.28 -11.79
C TYR C 251 -34.83 -34.97 -10.51
N HIS C 252 -35.85 -34.40 -9.88
CA HIS C 252 -36.42 -34.96 -8.67
C HIS C 252 -37.00 -36.34 -8.95
N ASP C 253 -37.69 -36.49 -10.08
CA ASP C 253 -38.28 -37.78 -10.47
C ASP C 253 -37.25 -38.88 -10.65
N LEU C 254 -36.09 -38.52 -11.19
CA LEU C 254 -35.01 -39.47 -11.41
C LEU C 254 -34.53 -40.03 -10.08
N PHE C 255 -34.42 -39.16 -9.09
CA PHE C 255 -33.96 -39.58 -7.78
C PHE C 255 -34.98 -40.40 -7.03
N ARG C 256 -36.26 -40.13 -7.26
CA ARG C 256 -37.31 -40.93 -6.65
C ARG C 256 -37.21 -42.35 -7.17
N GLN C 257 -36.96 -42.49 -8.46
CA GLN C 257 -36.81 -43.80 -9.06
C GLN C 257 -35.56 -44.50 -8.54
N LEU C 258 -34.46 -43.77 -8.49
CA LEU C 258 -33.20 -44.32 -8.00
C LEU C 258 -33.29 -44.72 -6.53
N ASP C 259 -34.07 -43.98 -5.76
CA ASP C 259 -34.27 -44.28 -4.34
C ASP C 259 -34.78 -45.72 -4.17
N SER C 260 -35.77 -46.12 -4.94
CA SER C 260 -36.32 -47.48 -4.84
C SER C 260 -35.33 -48.55 -5.29
N ILE C 261 -34.64 -48.27 -6.39
CA ILE C 261 -33.69 -49.21 -6.96
C ILE C 261 -32.52 -49.45 -6.02
N MSE C 262 -31.91 -48.38 -5.52
CA MSE C 262 -30.75 -48.51 -4.65
C MSE C 262 -31.07 -49.18 -3.32
O MSE C 262 -30.26 -49.94 -2.79
CB MSE C 262 -30.09 -47.16 -4.43
CG MSE C 262 -30.77 -46.31 -3.38
SE MSE C 262 -30.13 -44.48 -3.38
CE MSE C 262 -30.88 -43.95 -1.68
N THR C 263 -32.26 -48.94 -2.80
CA THR C 263 -32.66 -49.50 -1.53
C THR C 263 -32.90 -51.00 -1.69
N ASP C 264 -33.40 -51.36 -2.87
CA ASP C 264 -33.64 -52.74 -3.19
C ASP C 264 -32.36 -53.53 -3.24
N TYR C 265 -31.32 -52.93 -3.81
CA TYR C 265 -30.01 -53.57 -3.87
C TYR C 265 -29.40 -53.68 -2.48
N TYR C 266 -29.53 -52.61 -1.69
CA TYR C 266 -28.90 -52.52 -0.38
C TYR C 266 -29.50 -53.45 0.67
N VAL C 267 -30.82 -53.60 0.61
CA VAL C 267 -31.55 -54.28 1.67
C VAL C 267 -31.96 -55.68 1.22
N PRO C 268 -31.38 -56.72 1.86
CA PRO C 268 -31.76 -58.09 1.56
C PRO C 268 -33.18 -58.39 2.03
N GLU C 269 -33.74 -59.48 1.53
CA GLU C 269 -35.15 -59.77 1.76
C GLU C 269 -35.51 -59.95 3.23
N ASN C 270 -34.58 -60.47 4.02
CA ASN C 270 -34.81 -60.73 5.44
C ASN C 270 -34.77 -59.47 6.31
N PHE C 271 -34.38 -58.33 5.73
CA PHE C 271 -34.32 -57.07 6.49
C PHE C 271 -35.31 -56.06 5.93
N ASP C 272 -35.37 -54.87 6.53
CA ASP C 272 -36.35 -53.85 6.12
C ASP C 272 -35.79 -52.45 6.13
N SER C 273 -36.06 -51.70 5.07
CA SER C 273 -35.50 -50.36 4.92
C SER C 273 -35.97 -49.36 5.97
N HIS C 274 -37.09 -49.66 6.60
N HIS C 274 -37.11 -49.64 6.59
CA HIS C 274 -37.67 -48.73 7.57
CA HIS C 274 -37.65 -48.69 7.55
C HIS C 274 -37.00 -48.84 8.93
C HIS C 274 -37.00 -48.84 8.93
N SER C 275 -36.20 -49.88 9.10
CA SER C 275 -35.53 -50.15 10.37
C SER C 275 -34.49 -49.08 10.71
N PRO C 276 -34.17 -48.93 12.01
CA PRO C 276 -33.26 -47.90 12.54
C PRO C 276 -31.86 -47.96 11.96
N LEU C 277 -31.40 -49.15 11.59
CA LEU C 277 -30.05 -49.28 11.06
C LEU C 277 -29.98 -49.08 9.55
N ILE C 278 -31.12 -49.08 8.89
CA ILE C 278 -31.12 -48.74 7.47
C ILE C 278 -31.58 -47.29 7.30
N SER C 279 -32.52 -46.87 8.15
CA SER C 279 -33.01 -45.49 8.16
C SER C 279 -32.71 -44.78 9.49
N PRO C 280 -31.54 -44.13 9.59
CA PRO C 280 -31.18 -43.41 10.82
C PRO C 280 -32.27 -42.44 11.28
N LEU C 281 -33.07 -41.92 10.35
CA LEU C 281 -34.20 -41.05 10.71
C LEU C 281 -35.17 -41.75 11.64
N HIS C 282 -35.24 -43.07 11.53
CA HIS C 282 -36.18 -43.84 12.34
C HIS C 282 -35.54 -44.47 13.56
N GLN C 283 -34.39 -43.97 13.97
CA GLN C 283 -33.84 -44.38 15.25
C GLN C 283 -34.83 -43.99 16.33
N GLU C 284 -35.00 -44.85 17.33
CA GLU C 284 -35.96 -44.60 18.39
C GLU C 284 -35.41 -43.54 19.34
N ASN C 285 -34.09 -43.38 19.33
CA ASN C 285 -33.44 -42.52 20.29
C ASN C 285 -32.19 -41.84 19.74
N PHE C 286 -32.09 -40.53 19.94
CA PHE C 286 -30.98 -39.74 19.38
C PHE C 286 -30.13 -39.08 20.45
N THR C 287 -30.21 -39.58 21.67
CA THR C 287 -29.57 -38.90 22.79
C THR C 287 -28.07 -39.16 22.83
N MSE C 288 -27.63 -40.25 22.22
CA MSE C 288 -26.21 -40.57 22.19
C MSE C 288 -25.50 -40.08 20.94
O MSE C 288 -24.28 -40.10 20.85
CB MSE C 288 -25.98 -42.06 22.42
CG MSE C 288 -26.36 -42.49 23.83
SE MSE C 288 -25.47 -41.46 25.22
CE MSE C 288 -23.66 -42.14 24.98
N THR C 289 -26.29 -39.63 19.97
CA THR C 289 -25.80 -39.18 18.68
C THR C 289 -24.84 -38.00 18.85
N PRO C 290 -23.65 -38.08 18.22
CA PRO C 290 -22.63 -37.03 18.33
C PRO C 290 -23.09 -35.71 17.74
N PRO C 291 -22.46 -34.60 18.16
CA PRO C 291 -22.65 -33.29 17.54
C PRO C 291 -22.44 -33.37 16.02
N THR C 292 -23.38 -32.81 15.26
CA THR C 292 -23.47 -33.08 13.84
C THR C 292 -23.56 -31.81 13.00
N THR C 293 -22.80 -31.78 11.91
CA THR C 293 -23.00 -30.78 10.86
C THR C 293 -23.51 -31.49 9.62
N ILE C 294 -24.61 -30.99 9.07
CA ILE C 294 -25.14 -31.51 7.82
C ILE C 294 -24.99 -30.42 6.76
N MSE C 295 -24.56 -30.80 5.56
CA MSE C 295 -24.42 -29.86 4.45
C MSE C 295 -25.17 -30.39 3.24
O MSE C 295 -24.93 -31.52 2.81
CB MSE C 295 -22.94 -29.67 4.08
CG MSE C 295 -22.19 -28.82 5.08
SE MSE C 295 -20.33 -29.38 5.24
CE MSE C 295 -20.63 -30.95 6.39
N VAL C 296 -26.09 -29.60 2.70
CA VAL C 296 -27.01 -30.10 1.68
C VAL C 296 -27.46 -28.96 0.78
N GLY C 297 -27.75 -29.24 -0.49
CA GLY C 297 -28.21 -28.24 -1.42
C GLY C 297 -29.70 -27.95 -1.32
N GLU C 298 -30.09 -26.73 -1.67
CA GLU C 298 -31.49 -26.32 -1.73
C GLU C 298 -32.35 -27.26 -2.58
N PHE C 299 -31.81 -27.77 -3.68
CA PHE C 299 -32.60 -28.59 -4.58
C PHE C 299 -32.21 -30.05 -4.58
N ASP C 300 -31.64 -30.49 -3.46
CA ASP C 300 -31.33 -31.89 -3.27
C ASP C 300 -32.61 -32.61 -2.82
N PRO C 301 -33.01 -33.66 -3.53
CA PRO C 301 -34.22 -34.42 -3.19
C PRO C 301 -34.17 -35.03 -1.79
N PHE C 302 -32.99 -35.18 -1.23
CA PHE C 302 -32.84 -35.74 0.11
C PHE C 302 -32.76 -34.66 1.18
N ARG C 303 -32.94 -33.41 0.78
CA ARG C 303 -32.93 -32.32 1.75
C ARG C 303 -34.00 -32.41 2.84
N PRO C 304 -35.26 -32.72 2.48
CA PRO C 304 -36.26 -32.79 3.55
C PRO C 304 -36.01 -33.88 4.60
N GLN C 305 -35.51 -35.04 4.19
CA GLN C 305 -35.22 -36.08 5.17
C GLN C 305 -33.97 -35.78 5.97
N ALA C 306 -33.04 -35.01 5.40
CA ALA C 306 -31.89 -34.55 6.16
C ALA C 306 -32.31 -33.56 7.25
N TRP C 307 -33.21 -32.66 6.91
CA TRP C 307 -33.74 -31.68 7.85
C TRP C 307 -34.53 -32.34 8.97
N ALA C 308 -35.34 -33.34 8.62
CA ALA C 308 -36.12 -34.07 9.61
C ALA C 308 -35.22 -34.75 10.63
N TYR C 309 -34.06 -35.21 10.17
CA TYR C 309 -33.10 -35.87 11.02
C TYR C 309 -32.45 -34.87 11.96
N ALA C 310 -32.04 -33.73 11.40
CA ALA C 310 -31.47 -32.64 12.19
C ALA C 310 -32.39 -32.20 13.33
N GLN C 311 -33.68 -32.11 13.05
CA GLN C 311 -34.66 -31.71 14.04
C GLN C 311 -34.75 -32.70 15.17
N ARG C 312 -34.64 -33.98 14.83
CA ARG C 312 -34.70 -35.05 15.82
C ARG C 312 -33.47 -35.02 16.71
N LEU C 313 -32.32 -34.74 16.11
CA LEU C 313 -31.08 -34.56 16.85
C LEU C 313 -31.21 -33.45 17.88
N ALA C 314 -31.61 -32.27 17.41
CA ALA C 314 -31.67 -31.09 18.25
C ALA C 314 -32.69 -31.29 19.35
N ALA C 315 -33.74 -32.04 19.07
CA ALA C 315 -34.76 -32.30 20.07
C ALA C 315 -34.24 -33.23 21.15
N ALA C 316 -33.16 -33.95 20.86
CA ALA C 316 -32.52 -34.80 21.87
C ALA C 316 -31.41 -34.00 22.54
N ASP C 317 -31.42 -32.70 22.31
CA ASP C 317 -30.45 -31.78 22.89
C ASP C 317 -29.01 -31.99 22.41
N THR C 318 -28.86 -32.48 21.19
CA THR C 318 -27.55 -32.64 20.56
C THR C 318 -27.26 -31.43 19.67
N ALA C 319 -26.05 -30.89 19.79
CA ALA C 319 -25.65 -29.76 18.96
C ALA C 319 -25.78 -30.11 17.48
N THR C 320 -26.58 -29.35 16.75
CA THR C 320 -26.83 -29.66 15.35
C THR C 320 -26.71 -28.42 14.46
N THR C 321 -25.85 -28.48 13.45
CA THR C 321 -25.77 -27.43 12.44
C THR C 321 -26.19 -27.93 11.07
N PHE C 322 -27.05 -27.16 10.41
CA PHE C 322 -27.60 -27.49 9.10
C PHE C 322 -27.19 -26.39 8.13
N ILE C 323 -26.33 -26.72 7.18
CA ILE C 323 -25.88 -25.74 6.20
C ILE C 323 -26.55 -26.01 4.87
N GLN C 324 -27.34 -25.06 4.40
CA GLN C 324 -28.05 -25.17 3.14
C GLN C 324 -27.38 -24.32 2.07
N TYR C 325 -26.90 -24.97 1.02
CA TYR C 325 -26.33 -24.26 -0.12
C TYR C 325 -27.42 -24.01 -1.14
N GLN C 326 -27.85 -22.76 -1.27
CA GLN C 326 -28.89 -22.41 -2.22
C GLN C 326 -28.47 -22.71 -3.65
N GLY C 327 -29.42 -23.21 -4.45
CA GLY C 327 -29.21 -23.41 -5.87
C GLY C 327 -28.48 -24.69 -6.24
N LEU C 328 -28.15 -25.49 -5.23
CA LEU C 328 -27.33 -26.68 -5.45
C LEU C 328 -28.16 -27.94 -5.39
N ASN C 329 -27.70 -28.97 -6.08
CA ASN C 329 -28.39 -30.24 -6.11
C ASN C 329 -27.58 -31.31 -5.38
N HIS C 330 -27.84 -32.58 -5.69
CA HIS C 330 -27.21 -33.70 -4.99
C HIS C 330 -25.77 -33.93 -5.52
N ALA C 331 -24.91 -34.49 -4.67
CA ALA C 331 -23.59 -34.99 -5.08
C ALA C 331 -22.59 -33.94 -5.57
N PHE C 332 -22.65 -32.73 -5.02
CA PHE C 332 -21.80 -31.67 -5.53
C PHE C 332 -20.45 -31.60 -4.84
N ALA C 333 -20.36 -32.11 -3.62
CA ALA C 333 -19.22 -31.85 -2.76
C ALA C 333 -17.83 -32.28 -3.29
N PRO C 334 -17.74 -33.47 -3.93
CA PRO C 334 -16.39 -33.82 -4.40
C PRO C 334 -15.87 -32.92 -5.52
N LEU C 335 -16.77 -32.21 -6.21
CA LEU C 335 -16.43 -31.48 -7.43
C LEU C 335 -15.82 -30.11 -7.13
N VAL C 336 -14.65 -30.13 -6.50
CA VAL C 336 -14.03 -28.89 -6.00
C VAL C 336 -13.51 -27.95 -7.09
N ASP C 337 -13.31 -28.48 -8.30
CA ASP C 337 -12.98 -27.62 -9.44
C ASP C 337 -14.23 -27.08 -10.16
N GLN C 338 -15.43 -27.43 -9.69
CA GLN C 338 -16.67 -26.98 -10.34
C GLN C 338 -17.47 -25.92 -9.58
N TYR C 339 -17.50 -26.02 -8.26
CA TYR C 339 -18.34 -25.14 -7.44
C TYR C 339 -17.57 -24.56 -6.27
N TRP C 340 -17.74 -23.26 -6.01
CA TRP C 340 -17.16 -22.68 -4.81
C TRP C 340 -17.71 -23.38 -3.57
N GLN C 341 -18.96 -23.81 -3.62
CA GLN C 341 -19.58 -24.48 -2.46
C GLN C 341 -18.87 -25.78 -2.06
N SER C 342 -18.29 -26.48 -3.04
CA SER C 342 -17.55 -27.69 -2.77
C SER C 342 -16.30 -27.39 -1.95
N GLN C 343 -15.62 -26.30 -2.28
CA GLN C 343 -14.48 -25.85 -1.49
C GLN C 343 -14.91 -25.34 -0.11
N ASP C 344 -16.08 -24.71 -0.03
CA ASP C 344 -16.62 -24.28 1.25
C ASP C 344 -16.88 -25.48 2.16
N VAL C 345 -17.37 -26.56 1.58
CA VAL C 345 -17.58 -27.79 2.31
C VAL C 345 -16.26 -28.29 2.90
N ALA C 346 -15.20 -28.27 2.10
CA ALA C 346 -13.89 -28.71 2.56
C ALA C 346 -13.41 -27.85 3.72
N GLN C 347 -13.69 -26.56 3.64
CA GLN C 347 -13.30 -25.62 4.68
C GLN C 347 -14.11 -25.83 5.96
N VAL C 348 -15.41 -26.01 5.82
CA VAL C 348 -16.27 -26.28 6.96
C VAL C 348 -15.83 -27.56 7.68
N MSE C 349 -15.49 -28.60 6.91
CA MSE C 349 -15.01 -29.85 7.49
C MSE C 349 -13.66 -29.69 8.17
O MSE C 349 -13.45 -30.23 9.25
CB MSE C 349 -14.89 -30.92 6.40
CG MSE C 349 -16.22 -31.34 5.81
SE MSE C 349 -16.05 -32.67 4.35
CE MSE C 349 -15.42 -34.19 5.41
N ALA C 350 -12.74 -28.97 7.53
CA ALA C 350 -11.43 -28.73 8.12
C ALA C 350 -11.58 -27.96 9.43
N ALA C 351 -12.46 -26.97 9.42
CA ALA C 351 -12.69 -26.16 10.63
C ALA C 351 -13.28 -26.99 11.77
N ALA C 352 -14.06 -28.03 11.44
CA ALA C 352 -14.67 -28.86 12.47
C ALA C 352 -13.69 -29.88 13.05
N LEU C 353 -12.52 -30.03 12.44
CA LEU C 353 -11.54 -31.03 12.86
C LEU C 353 -10.37 -30.48 13.69
N ILE C 354 -10.04 -29.21 13.51
CA ILE C 354 -8.85 -28.64 14.16
C ILE C 354 -9.03 -28.38 15.65
N TYR D 14 35.38 23.76 14.81
CA TYR D 14 34.09 23.39 14.23
C TYR D 14 34.26 22.43 13.05
N PHE D 15 35.38 22.57 12.35
CA PHE D 15 35.63 21.77 11.16
C PHE D 15 36.47 20.54 11.49
N GLN D 16 36.17 19.94 12.64
CA GLN D 16 36.81 18.70 13.02
C GLN D 16 35.99 17.52 12.50
N GLY D 17 36.53 16.31 12.63
CA GLY D 17 36.05 15.20 11.85
C GLY D 17 36.56 15.48 10.45
N MSE D 18 35.70 15.34 9.45
CA MSE D 18 36.02 15.69 8.06
C MSE D 18 37.11 14.86 7.42
O MSE D 18 38.15 14.58 8.01
CB MSE D 18 36.35 17.18 7.91
CG MSE D 18 35.13 18.07 7.93
SE MSE D 18 35.53 19.80 7.16
CE MSE D 18 35.59 19.29 5.29
N PRO D 19 36.88 14.47 6.16
CA PRO D 19 37.80 13.56 5.47
C PRO D 19 39.01 14.28 4.92
N THR D 20 40.09 13.52 4.70
CA THR D 20 41.26 14.03 4.03
C THR D 20 41.13 13.71 2.55
N ILE D 21 40.57 14.65 1.79
CA ILE D 21 40.34 14.43 0.37
C ILE D 21 41.53 14.97 -0.44
N ASN D 22 41.95 14.22 -1.44
CA ASN D 22 43.02 14.69 -2.31
C ASN D 22 42.43 15.44 -3.49
N SER D 23 42.49 16.77 -3.46
CA SER D 23 41.90 17.57 -4.52
C SER D 23 42.86 17.76 -5.69
N ILE D 24 42.30 17.99 -6.87
CA ILE D 24 43.10 18.18 -8.08
C ILE D 24 43.01 19.61 -8.58
N GLN D 25 44.12 20.33 -8.53
CA GLN D 25 44.12 21.71 -8.99
C GLN D 25 44.76 21.86 -10.35
N THR D 26 44.02 22.45 -11.28
CA THR D 26 44.55 22.78 -12.60
C THR D 26 44.22 24.23 -12.93
N THR D 27 44.84 24.73 -14.00
CA THR D 27 44.53 26.07 -14.48
C THR D 27 44.02 25.98 -15.91
N VAL D 28 42.76 26.38 -16.12
CA VAL D 28 42.14 26.31 -17.42
C VAL D 28 41.74 27.69 -17.90
N ASN D 29 42.46 28.22 -18.90
CA ASN D 29 42.20 29.55 -19.44
C ASN D 29 42.25 30.61 -18.35
N GLY D 30 43.20 30.45 -17.43
CA GLY D 30 43.38 31.42 -16.36
C GLY D 30 42.55 31.16 -15.11
N VAL D 31 41.58 30.27 -15.19
CA VAL D 31 40.77 29.93 -14.03
C VAL D 31 41.49 28.87 -13.21
N VAL D 32 41.72 29.15 -11.93
CA VAL D 32 42.26 28.11 -11.07
C VAL D 32 41.13 27.14 -10.77
N LYS D 33 41.24 25.93 -11.30
CA LYS D 33 40.17 24.94 -11.14
C LYS D 33 40.56 23.90 -10.09
N ILE D 34 39.72 23.73 -9.08
CA ILE D 34 39.97 22.77 -8.04
C ILE D 34 38.84 21.76 -7.99
N VAL D 35 39.13 20.52 -8.35
CA VAL D 35 38.13 19.46 -8.31
C VAL D 35 38.28 18.64 -7.03
N LYS D 36 37.20 18.51 -6.27
CA LYS D 36 37.21 17.75 -5.03
C LYS D 36 36.25 16.57 -5.11
N PRO D 37 36.81 15.34 -5.18
CA PRO D 37 36.01 14.11 -5.24
C PRO D 37 35.36 13.90 -3.89
N PHE D 38 34.21 13.23 -3.84
CA PHE D 38 33.52 13.09 -2.56
C PHE D 38 34.22 12.08 -1.63
N ASN D 39 35.00 11.18 -2.21
CA ASN D 39 35.96 10.41 -1.44
C ASN D 39 37.17 10.05 -2.28
N ASN D 40 38.16 9.41 -1.68
CA ASN D 40 39.41 9.14 -2.39
C ASN D 40 39.33 7.94 -3.34
N ASP D 41 38.15 7.34 -3.46
CA ASP D 41 37.97 6.14 -4.29
C ASP D 41 37.26 6.40 -5.61
N ILE D 42 36.41 7.42 -5.63
CA ILE D 42 35.63 7.76 -6.82
C ILE D 42 35.97 9.18 -7.26
N ALA D 43 36.49 9.34 -8.47
CA ALA D 43 36.96 10.65 -8.92
C ALA D 43 35.87 11.49 -9.59
N GLY D 44 34.81 10.85 -10.05
CA GLY D 44 33.71 11.58 -10.66
C GLY D 44 32.61 10.68 -11.23
N GLU D 45 31.65 11.29 -11.92
CA GLU D 45 30.63 10.58 -12.70
C GLU D 45 29.65 9.71 -11.91
N GLN D 46 29.45 10.04 -10.65
CA GLN D 46 28.34 9.50 -9.89
C GLN D 46 28.03 10.39 -8.69
N PHE D 47 26.81 10.29 -8.21
CA PHE D 47 26.37 11.11 -7.09
C PHE D 47 27.07 10.69 -5.81
N ASP D 48 27.27 11.65 -4.91
CA ASP D 48 27.66 11.33 -3.56
C ASP D 48 26.51 10.50 -3.02
N PRO D 49 26.82 9.40 -2.31
CA PRO D 49 25.80 8.54 -1.72
C PRO D 49 24.81 9.33 -0.87
N HIS D 50 25.31 10.27 -0.08
CA HIS D 50 24.45 11.10 0.76
C HIS D 50 23.45 11.87 -0.09
N VAL D 51 23.88 12.34 -1.25
CA VAL D 51 23.01 13.09 -2.15
C VAL D 51 21.96 12.22 -2.79
N LEU D 52 22.38 11.03 -3.21
CA LEU D 52 21.52 10.11 -3.94
C LEU D 52 20.25 9.78 -3.18
N GLN D 53 20.36 9.55 -1.88
CA GLN D 53 19.21 9.19 -1.06
C GLN D 53 18.25 10.35 -0.84
N THR D 54 18.59 11.52 -1.35
CA THR D 54 17.68 12.65 -1.32
C THR D 54 16.96 12.79 -2.65
N LEU D 55 17.37 12.00 -3.63
CA LEU D 55 16.88 12.17 -5.00
C LEU D 55 15.93 11.06 -5.43
N THR D 56 15.29 10.43 -4.44
CA THR D 56 14.43 9.28 -4.70
C THR D 56 13.21 9.64 -5.58
N ALA D 57 12.76 10.88 -5.47
CA ALA D 57 11.61 11.35 -6.26
C ALA D 57 11.93 11.41 -7.76
N PHE D 58 13.21 11.37 -8.10
CA PHE D 58 13.65 11.57 -9.48
C PHE D 58 13.88 10.28 -10.24
N LYS D 59 13.48 9.16 -9.67
CA LYS D 59 13.43 7.90 -10.40
C LYS D 59 12.39 8.04 -11.51
N GLN D 60 11.38 8.87 -11.25
CA GLN D 60 10.35 9.17 -12.21
C GLN D 60 10.44 10.64 -12.60
N PRO D 61 10.08 10.96 -13.85
CA PRO D 61 10.11 12.36 -14.31
C PRO D 61 9.15 13.22 -13.49
N ALA D 62 9.40 14.52 -13.47
CA ALA D 62 8.62 15.44 -12.64
C ALA D 62 7.95 16.51 -13.48
N ILE D 63 6.73 16.88 -13.11
CA ILE D 63 6.09 18.05 -13.70
C ILE D 63 5.98 19.13 -12.65
N LEU D 64 6.60 20.28 -12.90
CA LEU D 64 6.60 21.35 -11.92
C LEU D 64 5.43 22.28 -12.18
N GLU D 65 4.50 22.33 -11.23
CA GLU D 65 3.37 23.23 -11.34
C GLU D 65 3.82 24.66 -11.08
N ASN D 66 3.41 25.58 -11.95
CA ASN D 66 3.70 26.98 -11.73
C ASN D 66 2.69 27.60 -10.76
N ASP D 67 2.89 27.34 -9.47
CA ASP D 67 2.05 27.95 -8.43
C ASP D 67 2.91 28.50 -7.32
N LEU D 68 2.83 29.81 -7.14
CA LEU D 68 3.75 30.56 -6.29
C LEU D 68 3.75 30.13 -4.84
N ALA D 69 2.57 29.98 -4.26
CA ALA D 69 2.46 29.61 -2.85
C ALA D 69 2.98 28.20 -2.63
N ALA D 70 2.66 27.29 -3.55
CA ALA D 70 3.13 25.91 -3.45
C ALA D 70 4.64 25.85 -3.61
N LEU D 71 5.18 26.58 -4.57
CA LEU D 71 6.64 26.67 -4.76
C LEU D 71 7.34 27.22 -3.52
N ARG D 72 6.80 28.29 -2.95
CA ARG D 72 7.38 28.91 -1.78
C ARG D 72 7.31 27.98 -0.60
N SER D 73 6.26 27.19 -0.51
CA SER D 73 6.10 26.32 0.64
C SER D 73 7.13 25.18 0.66
N GLY D 74 7.98 25.11 -0.36
CA GLY D 74 9.07 24.15 -0.38
C GLY D 74 10.45 24.78 -0.25
N SER D 75 10.48 26.03 0.21
CA SER D 75 11.73 26.79 0.21
C SER D 75 12.18 27.18 1.63
N LEU D 76 11.60 26.53 2.64
CA LEU D 76 12.00 26.75 4.03
C LEU D 76 12.77 25.55 4.57
N THR D 77 14.05 25.77 4.82
CA THR D 77 14.89 24.73 5.39
C THR D 77 14.61 24.64 6.89
N PRO D 78 14.24 23.45 7.38
CA PRO D 78 14.11 23.32 8.84
C PRO D 78 15.46 23.49 9.53
N ALA D 79 15.45 23.98 10.76
CA ALA D 79 16.68 24.38 11.48
C ALA D 79 17.82 23.38 11.36
N ILE D 80 18.97 23.88 10.93
CA ILE D 80 20.19 23.09 10.81
C ILE D 80 20.93 23.04 12.17
N ALA D 81 21.49 21.87 12.52
CA ALA D 81 22.22 21.75 13.78
C ALA D 81 23.32 22.81 13.86
N ASP D 82 23.41 23.48 14.99
CA ASP D 82 24.25 24.68 15.11
C ASP D 82 25.36 24.41 16.12
N PRO D 83 26.59 24.20 15.61
CA PRO D 83 27.76 23.95 16.46
C PRO D 83 28.40 25.24 17.01
N VAL D 84 27.97 26.39 16.50
CA VAL D 84 28.54 27.66 16.91
C VAL D 84 27.88 28.23 18.15
N GLY D 85 26.56 28.13 18.22
CA GLY D 85 25.80 28.62 19.37
C GLY D 85 26.10 30.06 19.70
N ASP D 86 26.41 30.31 20.97
CA ASP D 86 26.63 31.66 21.47
C ASP D 86 27.90 32.34 20.96
N ALA D 87 28.77 31.60 20.27
CA ALA D 87 30.02 32.16 19.80
C ALA D 87 29.81 33.22 18.72
N VAL D 88 28.61 33.26 18.13
CA VAL D 88 28.26 34.31 17.18
C VAL D 88 26.88 34.83 17.53
N THR D 89 26.76 36.15 17.67
CA THR D 89 25.46 36.78 17.93
C THR D 89 24.68 37.02 16.63
N VAL D 90 23.42 36.61 16.60
CA VAL D 90 22.59 36.77 15.41
C VAL D 90 21.40 37.65 15.77
N GLN D 91 21.34 38.84 15.17
CA GLN D 91 20.28 39.81 15.45
C GLN D 91 19.82 40.49 14.18
N SER D 92 18.52 40.75 14.08
CA SER D 92 18.00 41.44 12.92
C SER D 92 17.88 42.94 13.17
N ARG D 93 18.17 43.74 12.16
CA ARG D 93 17.94 45.18 12.21
C ARG D 93 17.63 45.71 10.82
N ASN D 94 16.93 46.83 10.77
CA ASN D 94 16.61 47.48 9.51
C ASN D 94 17.69 48.47 9.16
N ILE D 95 18.05 48.55 7.90
CA ILE D 95 18.87 49.66 7.48
C ILE D 95 18.15 50.41 6.36
N THR D 96 18.35 51.72 6.29
CA THR D 96 17.70 52.53 5.29
C THR D 96 18.70 53.36 4.50
N ALA D 97 18.65 53.23 3.18
CA ALA D 97 19.44 54.08 2.28
C ALA D 97 18.67 54.17 0.98
N LEU D 98 18.84 55.28 0.25
CA LEU D 98 18.17 55.45 -1.03
C LEU D 98 16.65 55.33 -0.88
N ASN D 99 16.15 55.72 0.29
CA ASN D 99 14.72 55.60 0.61
C ASN D 99 14.18 54.17 0.56
N ARG D 100 15.06 53.19 0.76
CA ARG D 100 14.67 51.80 0.85
C ARG D 100 15.01 51.31 2.24
N THR D 101 14.08 50.64 2.90
CA THR D 101 14.38 50.02 4.18
C THR D 101 14.54 48.51 3.99
N VAL D 102 15.69 48.00 4.42
CA VAL D 102 16.02 46.61 4.20
C VAL D 102 16.28 45.94 5.53
N SER D 103 15.63 44.80 5.77
N SER D 103 15.61 44.81 5.77
CA SER D 103 15.88 44.04 6.97
CA SER D 103 15.88 44.03 6.98
C SER D 103 17.10 43.15 6.75
C SER D 103 17.09 43.13 6.76
N VAL D 104 18.02 43.12 7.71
CA VAL D 104 19.14 42.21 7.62
C VAL D 104 19.34 41.45 8.92
N GLU D 105 19.66 40.17 8.78
CA GLU D 105 20.05 39.36 9.91
C GLU D 105 21.55 39.58 10.10
N TRP D 106 21.92 40.21 11.21
CA TRP D 106 23.28 40.64 11.41
C TRP D 106 24.04 39.68 12.30
N LEU D 107 25.19 39.21 11.82
CA LEU D 107 26.00 38.26 12.59
C LEU D 107 27.26 38.91 13.13
N THR D 108 27.45 38.84 14.45
CA THR D 108 28.63 39.40 15.07
C THR D 108 29.40 38.31 15.81
N PRO D 109 30.67 38.11 15.44
CA PRO D 109 31.51 37.14 16.13
C PRO D 109 32.26 37.80 17.29
N GLN D 110 32.93 37.00 18.10
CA GLN D 110 33.83 37.54 19.10
C GLN D 110 35.03 38.17 18.41
N ASN D 111 35.66 39.15 19.06
CA ASN D 111 36.86 39.79 18.54
C ASN D 111 36.80 40.13 17.06
N VAL D 112 35.76 40.88 16.69
CA VAL D 112 35.50 41.22 15.30
C VAL D 112 36.64 42.05 14.68
N ILE D 113 37.03 41.70 13.46
CA ILE D 113 38.10 42.43 12.76
C ILE D 113 37.56 43.65 12.02
N ASN D 114 38.39 44.65 11.84
CA ASN D 114 37.93 45.91 11.26
C ASN D 114 37.74 45.83 9.76
N HIS D 115 36.81 46.65 9.28
CA HIS D 115 36.69 46.99 7.86
C HIS D 115 36.12 45.90 6.94
N THR D 116 36.67 44.69 7.02
CA THR D 116 36.13 43.59 6.23
C THR D 116 34.71 43.24 6.67
N VAL D 117 33.83 43.07 5.70
CA VAL D 117 32.44 42.74 6.00
C VAL D 117 31.92 41.89 4.86
N LEU D 118 31.12 40.89 5.20
CA LEU D 118 30.52 40.04 4.20
C LEU D 118 29.04 40.36 4.06
N VAL D 119 28.58 40.52 2.83
CA VAL D 119 27.16 40.67 2.58
C VAL D 119 26.69 39.43 1.84
N TYR D 120 25.64 38.79 2.32
CA TYR D 120 25.18 37.54 1.74
C TYR D 120 23.72 37.59 1.33
N PHE D 121 23.43 37.07 0.14
CA PHE D 121 22.04 36.92 -0.35
C PHE D 121 21.63 35.47 -0.49
N HIS D 122 20.61 35.06 0.27
CA HIS D 122 20.11 33.69 0.21
C HIS D 122 19.54 33.35 -1.17
N GLY D 123 19.56 32.07 -1.52
CA GLY D 123 18.91 31.63 -2.74
C GLY D 123 17.42 31.45 -2.54
N GLY D 124 16.75 30.87 -3.53
CA GLY D 124 15.33 30.65 -3.42
C GLY D 124 14.60 30.99 -4.71
N ALA D 125 15.35 30.93 -5.82
CA ALA D 125 14.80 31.10 -7.16
C ALA D 125 14.13 32.45 -7.41
N PHE D 126 14.65 33.49 -6.77
CA PHE D 126 14.19 34.88 -6.95
C PHE D 126 12.88 35.18 -6.24
N TYR D 127 12.01 34.18 -6.09
CA TYR D 127 10.67 34.39 -5.53
C TYR D 127 10.46 33.86 -4.11
N GLY D 128 11.41 33.11 -3.59
CA GLY D 128 11.20 32.44 -2.32
C GLY D 128 12.45 32.30 -1.47
N GLY D 129 12.39 31.41 -0.48
CA GLY D 129 13.49 31.24 0.44
C GLY D 129 13.43 32.25 1.55
N VAL D 130 14.26 32.07 2.57
CA VAL D 130 14.34 33.01 3.69
C VAL D 130 15.81 33.07 4.10
N PRO D 131 16.22 34.18 4.71
CA PRO D 131 17.65 34.28 5.07
C PRO D 131 18.04 33.20 6.08
N GLY D 132 17.10 32.79 6.91
CA GLY D 132 17.35 31.79 7.92
C GLY D 132 17.81 30.47 7.33
N ASN D 133 17.60 30.28 6.03
CA ASN D 133 18.01 29.06 5.36
C ASN D 133 19.52 28.86 5.39
N ASN D 134 20.28 29.93 5.62
CA ASN D 134 21.73 29.81 5.64
C ASN D 134 22.41 30.50 6.83
N THR D 135 21.67 30.69 7.91
CA THR D 135 22.21 31.32 9.12
C THR D 135 23.39 30.54 9.68
N VAL D 136 23.22 29.24 9.87
CA VAL D 136 24.26 28.43 10.50
C VAL D 136 25.54 28.36 9.64
N LEU D 137 25.39 28.25 8.31
CA LEU D 137 26.55 28.34 7.44
C LEU D 137 27.33 29.62 7.69
N LEU D 138 26.61 30.74 7.76
CA LEU D 138 27.27 32.02 7.97
C LEU D 138 27.81 32.16 9.39
N LYS D 139 27.17 31.53 10.37
CA LYS D 139 27.72 31.54 11.73
C LYS D 139 29.09 30.87 11.76
N LEU D 140 29.24 29.80 10.99
CA LEU D 140 30.52 29.09 10.89
C LEU D 140 31.56 30.00 10.27
N VAL D 141 31.18 30.69 9.21
CA VAL D 141 32.06 31.61 8.52
C VAL D 141 32.48 32.76 9.43
N ALA D 142 31.52 33.33 10.16
CA ALA D 142 31.83 34.45 11.04
C ALA D 142 32.71 34.03 12.21
N ALA D 143 32.42 32.85 12.76
CA ALA D 143 33.15 32.35 13.91
C ALA D 143 34.60 32.08 13.55
N LYS D 144 34.85 31.61 12.34
CA LYS D 144 36.20 31.28 11.91
C LYS D 144 36.96 32.51 11.43
N SER D 145 36.28 33.41 10.71
CA SER D 145 36.94 34.58 10.14
C SER D 145 36.96 35.77 11.08
N HIS D 146 36.08 35.78 12.08
CA HIS D 146 35.88 36.95 12.95
C HIS D 146 35.42 38.19 12.19
N CYS D 147 34.77 37.96 11.05
N CYS D 147 34.75 37.96 11.07
CA CYS D 147 34.19 39.02 10.25
CA CYS D 147 34.23 39.02 10.22
C CYS D 147 32.72 39.16 10.57
C CYS D 147 32.73 39.15 10.45
N GLU D 148 32.22 40.38 10.49
CA GLU D 148 30.78 40.58 10.64
C GLU D 148 30.10 40.29 9.30
N ILE D 149 28.88 39.77 9.36
CA ILE D 149 28.17 39.32 8.17
C ILE D 149 26.74 39.85 8.16
N LEU D 150 26.30 40.33 7.00
CA LEU D 150 24.92 40.74 6.80
C LEU D 150 24.22 39.68 5.95
N ASN D 151 23.29 38.97 6.56
CA ASN D 151 22.47 38.00 5.87
C ASN D 151 21.18 38.72 5.47
N VAL D 152 21.11 39.18 4.24
CA VAL D 152 20.09 40.15 3.86
C VAL D 152 18.72 39.57 3.49
N ASP D 153 17.67 40.17 4.04
CA ASP D 153 16.30 39.81 3.69
C ASP D 153 15.85 40.70 2.54
N TYR D 154 16.37 40.40 1.34
CA TYR D 154 16.16 41.24 0.17
C TYR D 154 14.79 40.99 -0.51
N SER D 155 14.35 41.98 -1.29
CA SER D 155 13.06 41.95 -1.96
C SER D 155 12.89 40.71 -2.84
N LEU D 156 11.73 40.08 -2.75
CA LEU D 156 11.47 38.87 -3.53
C LEU D 156 10.38 39.09 -4.58
N ALA D 157 10.58 38.47 -5.74
CA ALA D 157 9.60 38.45 -6.81
C ALA D 157 8.45 37.51 -6.44
N PRO D 158 7.29 37.65 -7.09
CA PRO D 158 6.92 38.65 -8.10
C PRO D 158 6.36 39.93 -7.50
N GLU D 159 6.20 40.00 -6.18
CA GLU D 159 5.64 41.22 -5.58
C GLU D 159 6.63 42.36 -5.71
N ALA D 160 7.91 42.05 -5.57
CA ALA D 160 8.96 43.04 -5.77
C ALA D 160 10.00 42.46 -6.71
N PRO D 161 9.67 42.40 -8.00
CA PRO D 161 10.54 41.75 -8.98
C PRO D 161 11.73 42.66 -9.32
N ALA D 162 12.57 42.22 -10.26
CA ALA D 162 13.71 43.02 -10.69
C ALA D 162 13.27 44.43 -11.04
N PRO D 163 14.03 45.45 -10.62
CA PRO D 163 15.32 45.36 -9.92
C PRO D 163 15.25 45.61 -8.41
N ALA D 164 14.15 45.25 -7.76
CA ALA D 164 13.97 45.52 -6.34
C ALA D 164 15.08 44.95 -5.44
N GLY D 165 15.36 43.66 -5.59
CA GLY D 165 16.44 43.05 -4.85
C GLY D 165 17.78 43.68 -5.15
N ILE D 166 18.01 44.04 -6.41
CA ILE D 166 19.26 44.65 -6.81
C ILE D 166 19.45 45.98 -6.08
N LEU D 167 18.36 46.74 -5.96
CA LEU D 167 18.41 48.04 -5.32
C LEU D 167 18.54 47.95 -3.80
N ASP D 168 18.02 46.87 -3.22
CA ASP D 168 18.22 46.62 -1.81
C ASP D 168 19.70 46.36 -1.56
N GLY D 169 20.34 45.64 -2.47
CA GLY D 169 21.76 45.40 -2.38
C GLY D 169 22.54 46.69 -2.46
N LEU D 170 22.19 47.55 -3.42
CA LEU D 170 22.87 48.84 -3.57
C LEU D 170 22.70 49.69 -2.32
N ALA D 171 21.50 49.65 -1.74
CA ALA D 171 21.22 50.37 -0.52
C ALA D 171 22.11 49.88 0.62
N ILE D 172 22.29 48.56 0.69
CA ILE D 172 23.15 47.98 1.71
C ILE D 172 24.58 48.48 1.55
N PHE D 173 25.08 48.46 0.32
CA PHE D 173 26.45 48.87 0.04
C PHE D 173 26.64 50.31 0.41
N GLN D 174 25.64 51.14 0.10
CA GLN D 174 25.75 52.55 0.42
C GLN D 174 25.79 52.77 1.92
N TYR D 175 24.96 52.05 2.64
CA TYR D 175 24.97 52.13 4.09
C TYR D 175 26.34 51.77 4.65
N LEU D 176 26.92 50.69 4.15
CA LEU D 176 28.21 50.22 4.67
C LEU D 176 29.34 51.19 4.36
N GLU D 177 29.32 51.76 3.17
CA GLU D 177 30.40 52.63 2.72
C GLU D 177 30.34 54.00 3.38
N GLN D 178 29.14 54.42 3.74
CA GLN D 178 28.97 55.70 4.42
C GLN D 178 29.18 55.53 5.92
N ARG D 179 28.96 54.33 6.41
CA ARG D 179 29.21 54.02 7.81
C ARG D 179 30.71 54.01 8.09
N ASP D 180 31.48 53.52 7.12
CA ASP D 180 32.91 53.33 7.28
C ASP D 180 33.55 53.43 5.89
N ALA D 181 34.32 54.47 5.67
CA ALA D 181 34.93 54.69 4.36
C ALA D 181 36.08 53.72 4.07
N GLU D 182 36.54 52.97 5.07
CA GLU D 182 37.59 52.00 4.84
C GLU D 182 37.08 50.56 4.86
N THR D 183 35.77 50.41 4.75
CA THR D 183 35.16 49.07 4.66
C THR D 183 35.62 48.35 3.41
N MSE D 184 35.93 47.07 3.55
CA MSE D 184 36.18 46.23 2.40
C MSE D 184 35.08 45.20 2.36
O MSE D 184 34.98 44.35 3.25
CB MSE D 184 37.55 45.54 2.46
CG MSE D 184 38.77 46.47 2.35
SE MSE D 184 38.59 48.01 1.13
CE MSE D 184 38.50 47.11 -0.58
N ILE D 185 34.23 45.31 1.35
CA ILE D 185 33.06 44.45 1.25
C ILE D 185 33.32 43.23 0.39
N THR D 186 33.00 42.06 0.93
CA THR D 186 32.93 40.85 0.13
C THR D 186 31.44 40.55 -0.10
N VAL D 187 31.06 40.33 -1.35
CA VAL D 187 29.68 39.95 -1.64
C VAL D 187 29.59 38.44 -1.85
N ALA D 188 28.49 37.85 -1.42
CA ALA D 188 28.33 36.41 -1.50
C ALA D 188 26.85 36.08 -1.62
N GLY D 189 26.58 34.87 -2.10
CA GLY D 189 25.21 34.41 -2.22
C GLY D 189 25.20 33.01 -2.77
N ASP D 190 24.02 32.38 -2.79
CA ASP D 190 23.89 31.08 -3.40
C ASP D 190 22.77 31.17 -4.41
N SER D 191 22.92 30.46 -5.53
CA SER D 191 21.85 30.31 -6.51
C SER D 191 21.38 31.66 -7.07
N ALA D 192 20.07 31.89 -7.02
CA ALA D 192 19.48 33.12 -7.51
C ALA D 192 19.90 34.35 -6.67
N GLY D 193 20.17 34.13 -5.39
CA GLY D 193 20.62 35.21 -4.53
C GLY D 193 21.98 35.71 -4.96
N ALA D 194 22.85 34.80 -5.43
CA ALA D 194 24.14 35.17 -5.98
C ALA D 194 23.95 36.06 -7.21
N ASN D 195 23.02 35.69 -8.07
CA ASN D 195 22.68 36.50 -9.24
C ASN D 195 22.34 37.95 -8.86
N VAL D 196 21.41 38.11 -7.92
CA VAL D 196 20.97 39.43 -7.51
C VAL D 196 22.13 40.29 -6.95
N ILE D 197 22.94 39.72 -6.06
CA ILE D 197 24.03 40.48 -5.50
C ILE D 197 25.17 40.79 -6.48
N MSE D 198 25.35 39.94 -7.49
CA MSE D 198 26.33 40.20 -8.55
C MSE D 198 25.91 41.40 -9.37
O MSE D 198 26.73 42.23 -9.77
CB MSE D 198 26.47 38.99 -9.48
CG MSE D 198 27.19 37.80 -8.89
SE MSE D 198 26.69 36.10 -9.83
CE MSE D 198 27.69 36.38 -11.41
N ALA D 199 24.61 41.49 -9.63
CA ALA D 199 24.08 42.63 -10.36
C ALA D 199 24.17 43.90 -9.51
N ALA D 200 23.88 43.78 -8.22
CA ALA D 200 23.98 44.93 -7.32
C ALA D 200 25.43 45.41 -7.24
N THR D 201 26.36 44.48 -7.25
CA THR D 201 27.79 44.80 -7.25
C THR D 201 28.20 45.57 -8.50
N ASN D 202 27.76 45.09 -9.65
CA ASN D 202 28.03 45.72 -10.94
C ASN D 202 27.55 47.17 -10.93
N LEU D 203 26.33 47.34 -10.47
CA LEU D 203 25.71 48.66 -10.34
C LEU D 203 26.47 49.59 -9.38
N ASN D 204 26.90 49.05 -8.24
CA ASN D 204 27.69 49.80 -7.27
C ASN D 204 28.97 50.35 -7.91
N GLN D 205 29.63 49.51 -8.71
CA GLN D 205 30.85 49.91 -9.41
C GLN D 205 30.61 50.93 -10.53
N GLN D 206 29.48 50.84 -11.21
CA GLN D 206 29.18 51.78 -12.29
C GLN D 206 28.89 53.18 -11.76
N LEU D 207 28.62 53.26 -10.46
CA LEU D 207 28.42 54.53 -9.80
C LEU D 207 29.71 55.02 -9.16
N GLY D 208 30.75 54.20 -9.23
CA GLY D 208 32.07 54.67 -8.85
C GLY D 208 32.60 54.16 -7.53
N SER D 209 31.84 53.32 -6.84
CA SER D 209 32.36 52.72 -5.61
C SER D 209 33.32 51.57 -5.90
N ASN D 210 34.42 51.52 -5.15
N ASN D 210 34.41 51.53 -5.15
CA ASN D 210 35.39 50.45 -5.31
CA ASN D 210 35.43 50.50 -5.29
C ASN D 210 35.59 49.65 -4.02
C ASN D 210 35.58 49.63 -4.03
N ARG D 211 34.63 49.75 -3.11
CA ARG D 211 34.73 49.08 -1.81
C ARG D 211 34.52 47.57 -1.83
N ILE D 212 33.88 47.07 -2.88
CA ILE D 212 33.64 45.64 -3.01
C ILE D 212 34.87 44.97 -3.66
N ASN D 213 35.59 44.18 -2.89
CA ASN D 213 36.86 43.66 -3.38
C ASN D 213 36.88 42.16 -3.63
N GLN D 214 35.73 41.52 -3.48
CA GLN D 214 35.67 40.07 -3.62
C GLN D 214 34.24 39.59 -3.82
N GLN D 215 34.09 38.54 -4.61
CA GLN D 215 32.81 37.83 -4.74
C GLN D 215 33.01 36.38 -4.31
N LEU D 216 32.12 35.88 -3.47
CA LEU D 216 32.12 34.46 -3.12
C LEU D 216 30.78 33.85 -3.53
N LEU D 217 30.80 33.07 -4.61
CA LEU D 217 29.55 32.67 -5.25
C LEU D 217 29.30 31.17 -5.14
N LEU D 218 28.18 30.81 -4.51
CA LEU D 218 27.81 29.42 -4.40
C LEU D 218 26.80 29.08 -5.47
N TYR D 219 27.17 28.16 -6.36
CA TYR D 219 26.35 27.73 -7.50
C TYR D 219 25.43 28.81 -8.05
N PRO D 220 26.02 29.89 -8.58
CA PRO D 220 25.25 31.06 -9.02
C PRO D 220 24.51 30.84 -10.33
N VAL D 221 23.34 31.48 -10.47
CA VAL D 221 22.64 31.52 -11.74
C VAL D 221 23.15 32.73 -12.50
N THR D 222 24.03 32.50 -13.46
CA THR D 222 24.67 33.60 -14.15
C THR D 222 23.90 33.98 -15.41
N ALA D 223 23.01 33.12 -15.85
CA ALA D 223 22.22 33.38 -17.06
C ALA D 223 20.84 32.80 -16.97
N PRO D 224 19.94 33.48 -16.24
CA PRO D 224 18.57 32.96 -16.07
C PRO D 224 17.86 32.76 -17.41
N ASN D 225 17.17 31.63 -17.52
CA ASN D 225 16.42 31.30 -18.71
C ASN D 225 17.27 31.35 -19.97
N ALA D 226 18.49 30.82 -19.86
CA ALA D 226 19.35 30.66 -21.03
C ALA D 226 18.75 29.61 -21.95
N ASP D 227 19.26 29.56 -23.17
CA ASP D 227 18.79 28.60 -24.17
C ASP D 227 18.86 27.16 -23.67
N HIS D 228 17.70 26.59 -23.41
CA HIS D 228 17.59 25.23 -22.87
C HIS D 228 18.01 24.16 -23.88
N ALA D 229 18.06 24.56 -25.15
CA ALA D 229 18.52 23.70 -26.21
C ALA D 229 19.97 24.01 -26.53
N GLY D 230 20.58 24.84 -25.71
CA GLY D 230 21.95 25.26 -25.93
C GLY D 230 22.94 24.48 -25.10
N PRO D 231 24.22 24.82 -25.22
CA PRO D 231 25.33 24.13 -24.54
C PRO D 231 25.32 24.35 -23.04
N LEU D 232 24.65 25.40 -22.57
CA LEU D 232 24.57 25.67 -21.15
C LEU D 232 23.61 24.67 -20.49
N TRP D 233 22.73 24.10 -21.29
CA TRP D 233 21.73 23.16 -20.79
C TRP D 233 21.82 21.77 -21.38
N ASP D 234 22.96 21.46 -21.97
CA ASP D 234 23.18 20.16 -22.60
C ASP D 234 23.50 19.10 -21.55
N LEU D 235 22.63 18.10 -21.43
CA LEU D 235 22.82 17.01 -20.48
C LEU D 235 24.12 16.27 -20.74
N ALA D 236 24.62 16.34 -21.98
CA ALA D 236 25.85 15.67 -22.36
C ALA D 236 27.05 16.16 -21.55
N ALA D 237 26.91 17.31 -20.92
CA ALA D 237 27.97 17.87 -20.07
C ALA D 237 28.07 17.17 -18.72
N PHE D 238 27.17 16.24 -18.46
CA PHE D 238 27.14 15.55 -17.17
C PHE D 238 27.21 14.03 -17.30
N PRO D 239 28.40 13.50 -17.60
CA PRO D 239 28.59 12.04 -17.68
C PRO D 239 28.34 11.39 -16.32
N ILE D 240 27.69 10.22 -16.32
CA ILE D 240 27.35 9.55 -15.08
C ILE D 240 27.14 8.06 -15.30
N ILE D 241 27.31 7.25 -14.26
CA ILE D 241 27.10 5.81 -14.37
C ILE D 241 25.63 5.53 -14.63
N ASP D 242 25.35 4.41 -15.28
CA ASP D 242 24.04 4.19 -15.88
C ASP D 242 22.93 3.92 -14.87
N SER D 243 23.25 3.34 -13.73
CA SER D 243 22.25 3.13 -12.70
C SER D 243 21.67 4.46 -12.21
N GLN D 244 22.42 5.54 -12.39
CA GLN D 244 22.04 6.85 -11.89
C GLN D 244 21.62 7.84 -12.97
N ARG D 245 21.47 7.35 -14.20
CA ARG D 245 21.19 8.22 -15.33
C ARG D 245 19.74 8.71 -15.39
N ALA D 246 18.80 7.86 -14.98
CA ALA D 246 17.39 8.25 -14.97
C ALA D 246 17.13 9.36 -13.96
N ILE D 247 17.74 9.22 -12.79
CA ILE D 247 17.60 10.18 -11.72
C ILE D 247 18.17 11.52 -12.14
N LEU D 248 19.40 11.50 -12.67
CA LEU D 248 20.04 12.73 -13.13
C LEU D 248 19.22 13.45 -14.17
N THR D 249 18.73 12.69 -15.15
CA THR D 249 17.95 13.21 -16.24
C THR D 249 16.71 13.92 -15.74
N ASN D 250 15.96 13.27 -14.86
CA ASN D 250 14.75 13.85 -14.32
C ASN D 250 15.03 15.04 -13.41
N TYR D 251 16.12 14.96 -12.66
CA TYR D 251 16.58 16.07 -11.84
C TYR D 251 16.85 17.32 -12.68
N HIS D 252 17.76 17.17 -13.63
CA HIS D 252 18.18 18.23 -14.53
C HIS D 252 16.97 18.84 -15.21
N ASP D 253 16.07 17.98 -15.64
CA ASP D 253 14.89 18.41 -16.38
C ASP D 253 14.00 19.24 -15.49
N LEU D 254 13.93 18.88 -14.22
CA LEU D 254 13.13 19.63 -13.27
C LEU D 254 13.68 21.04 -13.11
N PHE D 255 15.00 21.17 -13.08
CA PHE D 255 15.59 22.49 -12.92
C PHE D 255 15.45 23.34 -14.17
N ARG D 256 15.38 22.68 -15.31
CA ARG D 256 15.10 23.34 -16.57
C ARG D 256 13.71 23.96 -16.46
N GLN D 257 12.75 23.20 -15.97
CA GLN D 257 11.40 23.72 -15.77
C GLN D 257 11.39 24.85 -14.75
N LEU D 258 12.20 24.72 -13.71
CA LEU D 258 12.25 25.75 -12.68
C LEU D 258 12.82 27.06 -13.23
N ASP D 259 13.91 26.96 -13.99
CA ASP D 259 14.55 28.10 -14.62
C ASP D 259 13.55 28.97 -15.39
N SER D 260 12.69 28.35 -16.19
CA SER D 260 11.68 29.11 -16.91
C SER D 260 10.69 29.77 -15.95
N ILE D 261 10.20 29.01 -14.98
CA ILE D 261 9.18 29.52 -14.06
C ILE D 261 9.71 30.65 -13.18
N MSE D 262 10.90 30.48 -12.63
CA MSE D 262 11.48 31.45 -11.70
C MSE D 262 11.89 32.74 -12.39
O MSE D 262 11.82 33.81 -11.81
CB MSE D 262 12.67 30.84 -10.93
CG MSE D 262 13.98 30.89 -11.70
SE MSE D 262 15.41 29.87 -10.84
CE MSE D 262 16.87 30.40 -12.03
N THR D 263 12.30 32.63 -13.64
CA THR D 263 12.76 33.81 -14.36
C THR D 263 11.54 34.65 -14.74
N ASP D 264 10.42 33.98 -14.98
CA ASP D 264 9.18 34.68 -15.31
C ASP D 264 8.64 35.48 -14.14
N TYR D 265 8.80 34.95 -12.92
CA TYR D 265 8.46 35.69 -11.71
C TYR D 265 9.41 36.86 -11.52
N TYR D 266 10.69 36.61 -11.71
CA TYR D 266 11.72 37.61 -11.45
C TYR D 266 11.65 38.80 -12.40
N VAL D 267 11.46 38.55 -13.68
CA VAL D 267 11.54 39.61 -14.67
C VAL D 267 10.15 40.13 -15.04
N PRO D 268 9.90 41.43 -14.78
CA PRO D 268 8.61 41.98 -15.20
C PRO D 268 8.54 42.09 -16.72
N GLU D 269 7.35 42.35 -17.25
CA GLU D 269 7.16 42.39 -18.69
C GLU D 269 7.99 43.45 -19.40
N ASN D 270 8.29 44.56 -18.73
CA ASN D 270 9.06 45.64 -19.35
C ASN D 270 10.56 45.35 -19.49
N PHE D 271 11.03 44.33 -18.79
CA PHE D 271 12.46 44.01 -18.79
C PHE D 271 12.74 42.68 -19.48
N ASP D 272 14.01 42.30 -19.58
CA ASP D 272 14.37 41.07 -20.30
C ASP D 272 15.48 40.29 -19.62
N SER D 273 15.31 38.97 -19.56
CA SER D 273 16.23 38.09 -18.84
C SER D 273 17.64 38.03 -19.42
N HIS D 274 17.79 38.42 -20.68
N HIS D 274 17.80 38.41 -20.68
CA HIS D 274 19.08 38.30 -21.37
CA HIS D 274 19.11 38.28 -21.32
C HIS D 274 19.96 39.52 -21.12
C HIS D 274 19.96 39.53 -21.17
N SER D 275 19.40 40.53 -20.49
CA SER D 275 20.10 41.78 -20.20
C SER D 275 21.25 41.58 -19.22
N PRO D 276 22.20 42.53 -19.17
CA PRO D 276 23.38 42.37 -18.32
C PRO D 276 23.09 42.33 -16.83
N LEU D 277 22.07 43.06 -16.38
CA LEU D 277 21.80 43.14 -14.95
C LEU D 277 20.92 42.00 -14.49
N ILE D 278 20.35 41.25 -15.45
CA ILE D 278 19.62 40.04 -15.13
C ILE D 278 20.50 38.80 -15.39
N SER D 279 21.33 38.88 -16.42
CA SER D 279 22.27 37.80 -16.75
C SER D 279 23.69 38.31 -16.65
N PRO D 280 24.31 38.16 -15.48
CA PRO D 280 25.69 38.61 -15.34
C PRO D 280 26.64 37.95 -16.35
N LEU D 281 26.30 36.76 -16.84
CA LEU D 281 27.09 36.11 -17.89
C LEU D 281 27.13 36.97 -19.17
N HIS D 282 26.12 37.82 -19.34
CA HIS D 282 25.99 38.62 -20.56
C HIS D 282 26.38 40.08 -20.36
N GLN D 283 27.11 40.37 -19.28
CA GLN D 283 27.70 41.70 -19.12
C GLN D 283 28.66 41.93 -20.27
N GLU D 284 28.69 43.15 -20.79
CA GLU D 284 29.55 43.43 -21.94
C GLU D 284 31.02 43.45 -21.53
N ASN D 285 31.26 43.70 -20.26
CA ASN D 285 32.62 43.91 -19.77
C ASN D 285 32.85 43.44 -18.34
N PHE D 286 33.95 42.73 -18.12
CA PHE D 286 34.26 42.12 -16.83
C PHE D 286 35.54 42.66 -16.22
N THR D 287 35.97 43.85 -16.61
CA THR D 287 37.25 44.39 -16.14
C THR D 287 37.22 45.01 -14.75
N MSE D 288 36.03 45.33 -14.26
N MSE D 288 36.03 45.37 -14.27
CA MSE D 288 35.89 45.86 -12.91
CA MSE D 288 35.87 45.88 -12.90
C MSE D 288 35.38 44.81 -11.94
C MSE D 288 35.40 44.80 -11.93
O MSE D 288 35.40 45.02 -10.73
O MSE D 288 35.45 44.99 -10.73
CB MSE D 288 34.98 47.10 -12.91
CB MSE D 288 34.95 47.10 -12.85
CG MSE D 288 35.57 48.28 -13.67
CG MSE D 288 35.63 48.44 -13.16
SE MSE D 288 37.27 48.87 -12.93
SE MSE D 288 34.61 50.02 -12.56
CE MSE D 288 38.31 48.94 -14.57
CE MSE D 288 34.94 49.93 -10.65
N THR D 289 34.94 43.68 -12.47
CA THR D 289 34.46 42.56 -11.64
C THR D 289 35.52 42.15 -10.63
N PRO D 290 35.11 41.97 -9.37
CA PRO D 290 36.07 41.66 -8.30
C PRO D 290 36.59 40.23 -8.38
N PRO D 291 37.75 39.96 -7.77
CA PRO D 291 38.27 38.61 -7.58
C PRO D 291 37.18 37.71 -7.01
N THR D 292 37.02 36.53 -7.59
CA THR D 292 35.83 35.73 -7.42
C THR D 292 36.13 34.27 -7.17
N THR D 293 35.52 33.70 -6.14
CA THR D 293 35.55 32.25 -5.97
C THR D 293 34.18 31.67 -6.22
N ILE D 294 34.09 30.73 -7.15
CA ILE D 294 32.85 30.03 -7.43
C ILE D 294 32.97 28.61 -6.87
N MSE D 295 31.88 28.12 -6.28
CA MSE D 295 31.84 26.78 -5.71
C MSE D 295 30.55 26.12 -6.14
O MSE D 295 29.46 26.66 -5.96
CB MSE D 295 31.91 26.84 -4.19
CG MSE D 295 33.24 27.35 -3.66
SE MSE D 295 33.08 28.19 -1.90
CE MSE D 295 32.81 30.04 -2.51
N VAL D 296 30.66 24.93 -6.74
CA VAL D 296 29.52 24.32 -7.37
C VAL D 296 29.71 22.81 -7.44
N GLY D 297 28.60 22.08 -7.40
CA GLY D 297 28.64 20.63 -7.51
C GLY D 297 28.75 20.17 -8.96
N GLU D 298 29.28 18.96 -9.12
CA GLU D 298 29.46 18.35 -10.44
C GLU D 298 28.15 18.22 -11.20
N PHE D 299 27.07 17.94 -10.48
CA PHE D 299 25.79 17.65 -11.10
C PHE D 299 24.75 18.76 -10.92
N ASP D 300 25.24 19.97 -10.73
CA ASP D 300 24.43 21.17 -10.68
C ASP D 300 24.13 21.67 -12.10
N PRO D 301 22.83 21.75 -12.46
CA PRO D 301 22.38 22.21 -13.77
C PRO D 301 22.94 23.59 -14.16
N PHE D 302 23.36 24.37 -13.17
CA PHE D 302 23.88 25.71 -13.43
C PHE D 302 25.40 25.75 -13.52
N ARG D 303 26.05 24.60 -13.37
CA ARG D 303 27.50 24.55 -13.47
C ARG D 303 28.09 25.05 -14.80
N PRO D 304 27.51 24.64 -15.95
CA PRO D 304 28.09 25.14 -17.21
C PRO D 304 28.06 26.65 -17.35
N GLN D 305 26.99 27.30 -16.90
CA GLN D 305 26.91 28.74 -17.01
C GLN D 305 27.79 29.43 -15.96
N ALA D 306 28.03 28.75 -14.84
CA ALA D 306 28.94 29.27 -13.83
C ALA D 306 30.39 29.15 -14.32
N TRP D 307 30.68 28.08 -15.04
CA TRP D 307 31.99 27.92 -15.65
C TRP D 307 32.21 28.94 -16.75
N ALA D 308 31.16 29.18 -17.53
CA ALA D 308 31.23 30.16 -18.61
C ALA D 308 31.53 31.54 -18.04
N TYR D 309 30.90 31.86 -16.92
CA TYR D 309 31.12 33.13 -16.24
C TYR D 309 32.56 33.24 -15.77
N ALA D 310 33.05 32.19 -15.14
CA ALA D 310 34.42 32.14 -14.67
C ALA D 310 35.42 32.36 -15.80
N GLN D 311 35.16 31.73 -16.94
CA GLN D 311 36.04 31.87 -18.09
C GLN D 311 36.10 33.33 -18.52
N ARG D 312 34.93 33.99 -18.55
CA ARG D 312 34.84 35.40 -18.91
C ARG D 312 35.65 36.29 -17.95
N LEU D 313 35.64 35.96 -16.67
CA LEU D 313 36.36 36.75 -15.68
C LEU D 313 37.85 36.62 -15.87
N ALA D 314 38.32 35.39 -15.98
CA ALA D 314 39.73 35.11 -16.17
C ALA D 314 40.24 35.77 -17.45
N ALA D 315 39.41 35.77 -18.47
CA ALA D 315 39.76 36.40 -19.74
C ALA D 315 39.94 37.91 -19.59
N ALA D 316 39.25 38.49 -18.61
CA ALA D 316 39.39 39.91 -18.33
C ALA D 316 40.49 40.16 -17.31
N ASP D 317 41.32 39.14 -17.10
CA ASP D 317 42.44 39.18 -16.17
C ASP D 317 42.03 39.48 -14.73
N THR D 318 40.92 38.87 -14.32
CA THR D 318 40.49 38.91 -12.93
C THR D 318 40.75 37.55 -12.31
N ALA D 319 41.36 37.55 -11.12
CA ALA D 319 41.65 36.32 -10.40
C ALA D 319 40.37 35.53 -10.14
N THR D 320 40.33 34.29 -10.63
CA THR D 320 39.13 33.48 -10.53
C THR D 320 39.44 32.06 -10.10
N THR D 321 38.80 31.64 -9.02
CA THR D 321 38.88 30.25 -8.59
C THR D 321 37.53 29.57 -8.78
N PHE D 322 37.56 28.39 -9.37
CA PHE D 322 36.36 27.58 -9.59
C PHE D 322 36.58 26.27 -8.84
N ILE D 323 35.78 26.05 -7.80
CA ILE D 323 35.89 24.82 -7.01
C ILE D 323 34.71 23.91 -7.34
N GLN D 324 35.03 22.71 -7.81
CA GLN D 324 33.99 21.77 -8.19
C GLN D 324 33.91 20.58 -7.22
N TYR D 325 32.78 20.48 -6.51
CA TYR D 325 32.56 19.36 -5.60
C TYR D 325 31.91 18.21 -6.34
N GLN D 326 32.65 17.11 -6.49
CA GLN D 326 32.15 15.99 -7.27
C GLN D 326 30.98 15.32 -6.56
N GLY D 327 30.01 14.86 -7.32
CA GLY D 327 28.91 14.09 -6.78
C GLY D 327 27.79 14.92 -6.17
N LEU D 328 27.98 16.23 -6.16
CA LEU D 328 27.03 17.15 -5.50
C LEU D 328 26.06 17.80 -6.48
N ASN D 329 24.89 18.20 -5.98
CA ASN D 329 23.88 18.84 -6.81
C ASN D 329 23.70 20.32 -6.42
N HIS D 330 22.52 20.86 -6.71
CA HIS D 330 22.24 22.26 -6.40
C HIS D 330 21.83 22.40 -4.94
N ALA D 331 22.12 23.55 -4.35
CA ALA D 331 21.57 23.95 -3.06
C ALA D 331 22.08 23.15 -1.84
N PHE D 332 23.34 22.72 -1.88
CA PHE D 332 23.90 21.89 -0.80
C PHE D 332 24.54 22.67 0.35
N ALA D 333 25.09 23.85 0.06
CA ALA D 333 25.99 24.53 0.98
C ALA D 333 25.45 24.84 2.38
N PRO D 334 24.18 25.23 2.50
CA PRO D 334 23.74 25.54 3.86
C PRO D 334 23.65 24.31 4.76
N LEU D 335 23.58 23.12 4.17
CA LEU D 335 23.31 21.89 4.90
C LEU D 335 24.57 21.32 5.56
N VAL D 336 25.14 22.09 6.47
CA VAL D 336 26.42 21.74 7.06
C VAL D 336 26.35 20.55 8.01
N ASP D 337 25.13 20.14 8.37
CA ASP D 337 24.99 18.93 9.17
C ASP D 337 24.78 17.67 8.32
N GLN D 338 24.87 17.81 6.99
CA GLN D 338 24.65 16.71 6.07
C GLN D 338 25.87 16.32 5.23
N TYR D 339 26.61 17.33 4.77
CA TYR D 339 27.70 17.12 3.83
C TYR D 339 28.99 17.73 4.33
N TRP D 340 30.08 16.98 4.29
CA TRP D 340 31.38 17.56 4.60
C TRP D 340 31.70 18.69 3.62
N GLN D 341 31.20 18.58 2.39
CA GLN D 341 31.42 19.61 1.39
C GLN D 341 30.85 20.95 1.82
N SER D 342 29.73 20.92 2.55
CA SER D 342 29.12 22.15 3.06
C SER D 342 30.05 22.80 4.08
N GLN D 343 30.64 21.97 4.94
CA GLN D 343 31.62 22.45 5.91
C GLN D 343 32.83 23.05 5.22
N ASP D 344 33.24 22.43 4.11
CA ASP D 344 34.37 22.89 3.34
C ASP D 344 34.08 24.25 2.73
N VAL D 345 32.86 24.43 2.25
CA VAL D 345 32.44 25.71 1.74
C VAL D 345 32.67 26.80 2.78
N ALA D 346 32.19 26.59 4.00
CA ALA D 346 32.41 27.54 5.08
C ALA D 346 33.90 27.84 5.32
N GLN D 347 34.74 26.80 5.31
CA GLN D 347 36.19 26.95 5.48
C GLN D 347 36.81 27.85 4.42
N VAL D 348 36.44 27.61 3.17
CA VAL D 348 36.96 28.36 2.03
C VAL D 348 36.56 29.84 2.13
N MSE D 349 35.29 30.07 2.43
CA MSE D 349 34.76 31.43 2.55
C MSE D 349 35.48 32.18 3.67
O MSE D 349 35.89 33.32 3.47
CB MSE D 349 33.25 31.41 2.83
CG MSE D 349 32.41 30.92 1.64
SE MSE D 349 30.47 30.83 2.05
CE MSE D 349 30.17 32.73 2.37
N ALA D 350 35.64 31.54 4.82
CA ALA D 350 36.31 32.19 5.94
C ALA D 350 37.77 32.51 5.61
N ALA D 351 38.41 31.64 4.83
CA ALA D 351 39.80 31.83 4.46
C ALA D 351 39.95 33.01 3.51
N ALA D 352 38.93 33.26 2.71
CA ALA D 352 38.95 34.34 1.73
C ALA D 352 38.71 35.69 2.37
N LEU D 353 38.23 35.68 3.62
CA LEU D 353 37.87 36.91 4.32
C LEU D 353 38.99 37.47 5.19
N ILE D 354 39.89 36.61 5.65
CA ILE D 354 40.97 37.07 6.53
C ILE D 354 42.18 37.52 5.73
C1 GOL E . 4.33 -5.34 -27.41
O1 GOL E . 3.37 -6.34 -27.11
C2 GOL E . 3.65 -3.98 -27.54
O2 GOL E . 2.68 -4.00 -28.57
C3 GOL E . 4.70 -2.92 -27.88
O3 GOL E . 4.75 -1.98 -26.84
C1 MLI F . -12.04 -1.02 -23.48
C2 MLI F . -13.31 -0.74 -22.72
C3 MLI F . -10.90 -0.25 -22.86
O6 MLI F . -13.60 0.44 -22.42
O7 MLI F . -14.08 -1.68 -22.38
O8 MLI F . -10.97 0.08 -21.65
O9 MLI F . -9.90 0.09 -23.54
C1 MLI G . 4.87 1.45 -10.17
C2 MLI G . 5.75 2.24 -9.21
C3 MLI G . 4.04 2.28 -11.14
O6 MLI G . 6.93 2.51 -9.53
O7 MLI G . 5.32 2.60 -8.08
O8 MLI G . 3.22 1.71 -11.90
O9 MLI G . 4.12 3.54 -11.19
C1 GOL H . 2.06 27.07 29.12
O1 GOL H . 0.70 27.45 29.20
C2 GOL H . 2.75 27.08 30.49
O2 GOL H . 3.17 28.41 30.79
C3 GOL H . 4.00 26.20 30.46
O3 GOL H . 3.68 24.86 30.15
C1 GOL I . -15.71 -52.38 -2.70
O1 GOL I . -14.87 -52.97 -3.66
C2 GOL I . -16.19 -53.45 -1.73
O2 GOL I . -15.10 -53.96 -1.00
C3 GOL I . -16.88 -54.56 -2.51
O3 GOL I . -18.17 -54.85 -1.99
C1 GOL J . -22.71 -28.81 15.72
O1 GOL J . -22.96 -27.51 16.19
C2 GOL J . -21.21 -29.10 15.67
O2 GOL J . -20.49 -28.00 15.12
C3 GOL J . -20.98 -30.38 14.86
O3 GOL J . -19.96 -30.22 13.89
C1 GOL K . -14.17 -31.06 17.20
O1 GOL K . -15.17 -31.70 17.98
C2 GOL K . -14.42 -29.55 17.10
O2 GOL K . -15.48 -29.29 16.21
C3 GOL K . -13.12 -28.89 16.64
O3 GOL K . -13.37 -27.75 15.84
#